data_2ON8
# 
_entry.id   2ON8 
# 
_audit_conform.dict_name       mmcif_pdbx.dic 
_audit_conform.dict_version    5.377 
_audit_conform.dict_location   http://mmcif.pdb.org/dictionaries/ascii/mmcif_pdbx.dic 
# 
loop_
_database_2.database_id 
_database_2.database_code 
_database_2.pdbx_database_accession 
_database_2.pdbx_DOI 
PDB   2ON8         pdb_00002on8 10.2210/pdb2on8/pdb 
RCSB  RCSB041345   ?            ?                   
WWPDB D_1000041345 ?            ?                   
# 
loop_
_pdbx_database_related.db_name 
_pdbx_database_related.db_id 
_pdbx_database_related.details 
_pdbx_database_related.content_type 
PDB 1PGA 'TWO CRYSTAL STRUCTURES OF THE B1 IMMUNOGLOBULIN-BINDING DOMAIN OF STREPTOCOCCAL PROTEIN G AND COMPARISON WITH NMR' 
unspecified 
PDB 1PGB 'TWO CRYSTAL STRUCTURES OF THE B1 IMMUNOGLOBULIN-BINDING DOMAIN OF STREPTOCOCCAL PROTEIN G AND COMPARISON WITH NMR' 
unspecified 
PDB 1GB4 'HYPERTHERMOPHILIC VARIANT OF THE B1 DOMAIN FROM STREPTOCOCCAL PROTEIN G, NMR, 47 STRUCTURES'                       
unspecified 
PDB 1FCC 'CRYSTAL STRUCTURE OF THE C2 FRAGMENT OF STREPTOCOCCAL PROTEIN G IN COMPLEX WITH THE FC DOMAIN OF HUMAN IGG'        
unspecified 
PDB 3GB1 'STRUCTURES OF B1 DOMAIN OF STREPTOCOCCAL PROTEIN G'                                                                
unspecified 
PDB 1P7E 'GB3 solution structure obtained by refinement of X-ray structure with dipolar couplings'                           
unspecified 
# 
_pdbx_database_status.entry_id                        2ON8 
_pdbx_database_status.deposit_site                    RCSB 
_pdbx_database_status.process_site                    RCSB 
_pdbx_database_status.recvd_initial_deposition_date   2007-01-23 
_pdbx_database_status.status_code                     REL 
_pdbx_database_status.status_code_sf                  REL 
_pdbx_database_status.status_code_mr                  ? 
_pdbx_database_status.SG_entry                        ? 
_pdbx_database_status.pdb_format_compatible           Y 
_pdbx_database_status.status_code_cs                  ? 
_pdbx_database_status.methods_development_category    ? 
_pdbx_database_status.status_code_nmr_data            ? 
# 
loop_
_audit_author.name 
_audit_author.pdbx_ordinal 
'Max, K.E.A.'   1 
'Heinemann, U.' 2 
# 
_citation.id                        primary 
_citation.title                     
;Optimization of the gbeta1 domain by computational design and by in vitro evolution: structural and energetic basis of stabilization.
;
_citation.journal_abbrev            J.Mol.Biol. 
_citation.journal_volume            373 
_citation.page_first                775 
_citation.page_last                 784 
_citation.year                      2007 
_citation.journal_id_ASTM           JMOBAK 
_citation.country                   UK 
_citation.journal_id_ISSN           0022-2836 
_citation.journal_id_CSD            0070 
_citation.book_publisher            ? 
_citation.pdbx_database_id_PubMed   17868696 
_citation.pdbx_database_id_DOI      10.1016/j.jmb.2007.08.004 
# 
loop_
_citation_author.citation_id 
_citation_author.name 
_citation_author.ordinal 
_citation_author.identifier_ORCID 
primary 'Wunderlich, M.' 1 ? 
primary 'Max, K.E.'      2 ? 
primary 'Roske, Y.'      3 ? 
primary 'Mueller, U.'    4 ? 
primary 'Heinemann, U.'  5 ? 
primary 'Schmid, F.X.'   6 ? 
# 
_cell.length_a           52.104 
_cell.length_b           52.104 
_cell.length_c           22.765 
_cell.angle_alpha        90.000 
_cell.angle_beta         90.000 
_cell.angle_gamma        90.000 
_cell.entry_id           2ON8 
_cell.pdbx_unique_axis   ? 
_cell.Z_PDB              4 
_cell.length_a_esd       ? 
_cell.length_b_esd       ? 
_cell.length_c_esd       ? 
_cell.angle_alpha_esd    ? 
_cell.angle_beta_esd     ? 
_cell.angle_gamma_esd    ? 
# 
_symmetry.space_group_name_H-M             'P 4' 
_symmetry.entry_id                         2ON8 
_symmetry.Int_Tables_number                75 
_symmetry.pdbx_full_space_group_name_H-M   ? 
_symmetry.cell_setting                     ? 
_symmetry.space_group_name_Hall            ? 
# 
loop_
_entity.id 
_entity.type 
_entity.src_method 
_entity.pdbx_description 
_entity.formula_weight 
_entity.pdbx_number_of_molecules 
_entity.pdbx_ec 
_entity.pdbx_mutation 
_entity.pdbx_fragment 
_entity.details 
1 polymer man 'Immunoglobulin G-binding protein G' 6309.003 1  ? 'T1M, T2Q, Y3F, V6I, T16I, T18L, T25E, V29K, V39I' ? ? 
2 water   nat water                                18.015   54 ? ?                                                  ? ? 
# 
_entity_name_com.entity_id   1 
_entity_name_com.name        'IgG-binding protein G' 
# 
_entity_poly.entity_id                      1 
_entity_poly.type                           'polypeptide(L)' 
_entity_poly.nstd_linkage                   no 
_entity_poly.nstd_monomer                   no 
_entity_poly.pdbx_seq_one_letter_code       MQFKLIINGKTLKGEITLEAVDAAEAEKKFKQYANDNGIDGEWTYDDATKTFTVTE 
_entity_poly.pdbx_seq_one_letter_code_can   MQFKLIINGKTLKGEITLEAVDAAEAEKKFKQYANDNGIDGEWTYDDATKTFTVTE 
_entity_poly.pdbx_strand_id                 A 
_entity_poly.pdbx_target_identifier         ? 
# 
loop_
_entity_poly_seq.entity_id 
_entity_poly_seq.num 
_entity_poly_seq.mon_id 
_entity_poly_seq.hetero 
1 1  MET n 
1 2  GLN n 
1 3  PHE n 
1 4  LYS n 
1 5  LEU n 
1 6  ILE n 
1 7  ILE n 
1 8  ASN n 
1 9  GLY n 
1 10 LYS n 
1 11 THR n 
1 12 LEU n 
1 13 LYS n 
1 14 GLY n 
1 15 GLU n 
1 16 ILE n 
1 17 THR n 
1 18 LEU n 
1 19 GLU n 
1 20 ALA n 
1 21 VAL n 
1 22 ASP n 
1 23 ALA n 
1 24 ALA n 
1 25 GLU n 
1 26 ALA n 
1 27 GLU n 
1 28 LYS n 
1 29 LYS n 
1 30 PHE n 
1 31 LYS n 
1 32 GLN n 
1 33 TYR n 
1 34 ALA n 
1 35 ASN n 
1 36 ASP n 
1 37 ASN n 
1 38 GLY n 
1 39 ILE n 
1 40 ASP n 
1 41 GLY n 
1 42 GLU n 
1 43 TRP n 
1 44 THR n 
1 45 TYR n 
1 46 ASP n 
1 47 ASP n 
1 48 ALA n 
1 49 THR n 
1 50 LYS n 
1 51 THR n 
1 52 PHE n 
1 53 THR n 
1 54 VAL n 
1 55 THR n 
1 56 GLU n 
# 
_entity_src_gen.entity_id                          1 
_entity_src_gen.pdbx_src_id                        1 
_entity_src_gen.pdbx_alt_source_flag               sample 
_entity_src_gen.pdbx_seq_type                      ? 
_entity_src_gen.pdbx_beg_seq_num                   ? 
_entity_src_gen.pdbx_end_seq_num                   ? 
_entity_src_gen.gene_src_common_name               ? 
_entity_src_gen.gene_src_genus                     Streptococcus 
_entity_src_gen.pdbx_gene_src_gene                 spg 
_entity_src_gen.gene_src_species                   ? 
_entity_src_gen.gene_src_strain                    G148 
_entity_src_gen.gene_src_tissue                    ? 
_entity_src_gen.gene_src_tissue_fraction           ? 
_entity_src_gen.gene_src_details                   ? 
_entity_src_gen.pdbx_gene_src_fragment             ? 
_entity_src_gen.pdbx_gene_src_scientific_name      'Streptococcus sp.' 
_entity_src_gen.pdbx_gene_src_ncbi_taxonomy_id     1324 
_entity_src_gen.pdbx_gene_src_variant              ? 
_entity_src_gen.pdbx_gene_src_cell_line            ? 
_entity_src_gen.pdbx_gene_src_atcc                 ? 
_entity_src_gen.pdbx_gene_src_organ                ? 
_entity_src_gen.pdbx_gene_src_organelle            ? 
_entity_src_gen.pdbx_gene_src_cell                 ? 
_entity_src_gen.pdbx_gene_src_cellular_location    ? 
_entity_src_gen.host_org_common_name               ? 
_entity_src_gen.pdbx_host_org_scientific_name      'Escherichia coli BL21(DE3)' 
_entity_src_gen.pdbx_host_org_ncbi_taxonomy_id     469008 
_entity_src_gen.host_org_genus                     Escherichia 
_entity_src_gen.pdbx_host_org_gene                 ? 
_entity_src_gen.pdbx_host_org_organ                ? 
_entity_src_gen.host_org_species                   'Escherichia coli' 
_entity_src_gen.pdbx_host_org_tissue               ? 
_entity_src_gen.pdbx_host_org_tissue_fraction      ? 
_entity_src_gen.pdbx_host_org_strain               'BL21(DE3)' 
_entity_src_gen.pdbx_host_org_variant              ? 
_entity_src_gen.pdbx_host_org_cell_line            ? 
_entity_src_gen.pdbx_host_org_atcc                 ? 
_entity_src_gen.pdbx_host_org_culture_collection   ? 
_entity_src_gen.pdbx_host_org_cell                 ? 
_entity_src_gen.pdbx_host_org_organelle            ? 
_entity_src_gen.pdbx_host_org_cellular_location    ? 
_entity_src_gen.pdbx_host_org_vector_type          PLASMID 
_entity_src_gen.pdbx_host_org_vector               ? 
_entity_src_gen.host_org_details                   ? 
_entity_src_gen.expression_system_id               ? 
_entity_src_gen.plasmid_name                       pET11a 
_entity_src_gen.plasmid_details                    ? 
_entity_src_gen.pdbx_description                   ? 
# 
_struct_ref.id                         1 
_struct_ref.db_name                    UNP 
_struct_ref.db_code                    SPG2_STRSG 
_struct_ref.pdbx_db_accession          P19909 
_struct_ref.entity_id                  1 
_struct_ref.pdbx_seq_one_letter_code   TYKLVINGKTLKGETTTEAVDAATAEKVFKQYANDNGVDGEWTYDDATKTFTVTE 
_struct_ref.pdbx_align_begin           373 
_struct_ref.pdbx_db_isoform            ? 
# 
_struct_ref_seq.align_id                      1 
_struct_ref_seq.ref_id                        1 
_struct_ref_seq.pdbx_PDB_id_code              2ON8 
_struct_ref_seq.pdbx_strand_id                A 
_struct_ref_seq.seq_align_beg                 2 
_struct_ref_seq.pdbx_seq_align_beg_ins_code   ? 
_struct_ref_seq.seq_align_end                 56 
_struct_ref_seq.pdbx_seq_align_end_ins_code   ? 
_struct_ref_seq.pdbx_db_accession             P19909 
_struct_ref_seq.db_align_beg                  373 
_struct_ref_seq.pdbx_db_align_beg_ins_code    ? 
_struct_ref_seq.db_align_end                  427 
_struct_ref_seq.pdbx_db_align_end_ins_code    ? 
_struct_ref_seq.pdbx_auth_seq_align_beg       2 
_struct_ref_seq.pdbx_auth_seq_align_end       56 
# 
loop_
_struct_ref_seq_dif.align_id 
_struct_ref_seq_dif.pdbx_pdb_id_code 
_struct_ref_seq_dif.mon_id 
_struct_ref_seq_dif.pdbx_pdb_strand_id 
_struct_ref_seq_dif.seq_num 
_struct_ref_seq_dif.pdbx_pdb_ins_code 
_struct_ref_seq_dif.pdbx_seq_db_name 
_struct_ref_seq_dif.pdbx_seq_db_accession_code 
_struct_ref_seq_dif.db_mon_id 
_struct_ref_seq_dif.pdbx_seq_db_seq_num 
_struct_ref_seq_dif.details 
_struct_ref_seq_dif.pdbx_auth_seq_num 
_struct_ref_seq_dif.pdbx_ordinal 
1 2ON8 MET A 1  ? UNP P19909 ?   ?   'initiating methionine' 1  1 
1 2ON8 GLN A 2  ? UNP P19909 THR 373 'engineered mutation'   2  2 
1 2ON8 PHE A 3  ? UNP P19909 TYR 374 'engineered mutation'   3  3 
1 2ON8 ILE A 6  ? UNP P19909 VAL 377 'engineered mutation'   6  4 
1 2ON8 ILE A 16 ? UNP P19909 THR 387 'engineered mutation'   16 5 
1 2ON8 LEU A 18 ? UNP P19909 THR 389 'engineered mutation'   18 6 
1 2ON8 GLU A 25 ? UNP P19909 THR 396 'engineered mutation'   25 7 
1 2ON8 LYS A 29 ? UNP P19909 VAL 400 'engineered mutation'   29 8 
1 2ON8 ILE A 39 ? UNP P19909 VAL 410 'engineered mutation'   39 9 
# 
loop_
_chem_comp.id 
_chem_comp.type 
_chem_comp.mon_nstd_flag 
_chem_comp.name 
_chem_comp.pdbx_synonyms 
_chem_comp.formula 
_chem_comp.formula_weight 
ALA 'L-peptide linking' y ALANINE         ? 'C3 H7 N O2'     89.093  
ASN 'L-peptide linking' y ASPARAGINE      ? 'C4 H8 N2 O3'    132.118 
ASP 'L-peptide linking' y 'ASPARTIC ACID' ? 'C4 H7 N O4'     133.103 
GLN 'L-peptide linking' y GLUTAMINE       ? 'C5 H10 N2 O3'   146.144 
GLU 'L-peptide linking' y 'GLUTAMIC ACID' ? 'C5 H9 N O4'     147.129 
GLY 'peptide linking'   y GLYCINE         ? 'C2 H5 N O2'     75.067  
HOH non-polymer         . WATER           ? 'H2 O'           18.015  
ILE 'L-peptide linking' y ISOLEUCINE      ? 'C6 H13 N O2'    131.173 
LEU 'L-peptide linking' y LEUCINE         ? 'C6 H13 N O2'    131.173 
LYS 'L-peptide linking' y LYSINE          ? 'C6 H15 N2 O2 1' 147.195 
MET 'L-peptide linking' y METHIONINE      ? 'C5 H11 N O2 S'  149.211 
PHE 'L-peptide linking' y PHENYLALANINE   ? 'C9 H11 N O2'    165.189 
THR 'L-peptide linking' y THREONINE       ? 'C4 H9 N O3'     119.119 
TRP 'L-peptide linking' y TRYPTOPHAN      ? 'C11 H12 N2 O2'  204.225 
TYR 'L-peptide linking' y TYROSINE        ? 'C9 H11 N O3'    181.189 
VAL 'L-peptide linking' y VALINE          ? 'C5 H11 N O2'    117.146 
# 
_exptl.crystals_number   1 
_exptl.entry_id          2ON8 
_exptl.method            'X-RAY DIFFRACTION' 
# 
_exptl_crystal.id                    1 
_exptl_crystal.density_Matthews      2.45 
_exptl_crystal.density_meas          ? 
_exptl_crystal.density_percent_sol   49.77 
_exptl_crystal.description           ? 
_exptl_crystal.F_000                 ? 
_exptl_crystal.preparation           ? 
# 
_exptl_crystal_grow.crystal_id      1 
_exptl_crystal_grow.method          'VAPOR DIFFUSION, SITTING DROP' 
_exptl_crystal_grow.pH              ? 
_exptl_crystal_grow.temp            293.15 
_exptl_crystal_grow.temp_details    ? 
_exptl_crystal_grow.pdbx_details    
;50mM Na acetate, pH 5.0, 17 mg/ml protein mixed with equal volume of 2.3M ammonium suphate, 0.1M sodium acetate, pH 4.0, VAPOR DIFFUSION, SITTING DROP, temperature 293.15K
;
_exptl_crystal_grow.pdbx_pH_range   . 
# 
_diffrn.id                     1 
_diffrn.ambient_temp           110 
_diffrn.ambient_temp_details   ? 
_diffrn.crystal_id             1 
# 
_diffrn_detector.diffrn_id              1 
_diffrn_detector.detector               CCD 
_diffrn_detector.type                   'MAR CCD 165 mm' 
_diffrn_detector.pdbx_collection_date   2006-03-07 
_diffrn_detector.details                mirrors 
# 
_diffrn_radiation.diffrn_id                        1 
_diffrn_radiation.wavelength_id                    1 
_diffrn_radiation.pdbx_diffrn_protocol             'SINGLE WAVELENGTH' 
_diffrn_radiation.monochromator                    'double crystal monochromator (Si-111 crystal)' 
_diffrn_radiation.pdbx_monochromatic_or_laue_m_l   M 
_diffrn_radiation.pdbx_scattering_type             x-ray 
# 
_diffrn_radiation_wavelength.id           1 
_diffrn_radiation_wavelength.wavelength   0.91841 
_diffrn_radiation_wavelength.wt           1.0 
# 
_diffrn_source.diffrn_id                   1 
_diffrn_source.source                      SYNCHROTRON 
_diffrn_source.type                        'BESSY BEAMLINE 14.1' 
_diffrn_source.pdbx_wavelength             ? 
_diffrn_source.pdbx_wavelength_list        0.91841 
_diffrn_source.pdbx_synchrotron_site       BESSY 
_diffrn_source.pdbx_synchrotron_beamline   14.1 
# 
_reflns.entry_id                     2ON8 
_reflns.d_resolution_high            1.340 
_reflns.d_resolution_low             50.000 
_reflns.number_obs                   13293 
_reflns.pdbx_Rmerge_I_obs            0.053 
_reflns.pdbx_netI_over_sigmaI        18.000 
_reflns.pdbx_chi_squared             0.789 
_reflns.pdbx_redundancy              7.100 
_reflns.percent_possible_obs         94.600 
_reflns.observed_criterion_sigma_F   0 
_reflns.observed_criterion_sigma_I   0 
_reflns.number_all                   14227 
_reflns.pdbx_Rsym_value              ? 
_reflns.B_iso_Wilson_estimate        ? 
_reflns.R_free_details               ? 
_reflns.limit_h_max                  ? 
_reflns.limit_h_min                  ? 
_reflns.limit_k_max                  ? 
_reflns.limit_k_min                  ? 
_reflns.limit_l_max                  ? 
_reflns.limit_l_min                  ? 
_reflns.observed_criterion_F_max     ? 
_reflns.observed_criterion_F_min     ? 
_reflns.pdbx_scaling_rejects         ? 
_reflns.pdbx_ordinal                 1 
_reflns.pdbx_diffrn_id               1 
# 
_reflns_shell.d_res_high             1.34 
_reflns_shell.d_res_low              1.39 
_reflns_shell.number_measured_obs    ? 
_reflns_shell.number_measured_all    ? 
_reflns_shell.number_unique_obs      ? 
_reflns_shell.Rmerge_I_obs           0.365 
_reflns_shell.meanI_over_sigI_obs    ? 
_reflns_shell.pdbx_Rsym_value        0.365 
_reflns_shell.pdbx_chi_squared       0.737 
_reflns_shell.pdbx_redundancy        3.10 
_reflns_shell.percent_possible_obs   ? 
_reflns_shell.number_unique_all      770 
_reflns_shell.percent_possible_all   56.40 
_reflns_shell.pdbx_ordinal           1 
_reflns_shell.pdbx_diffrn_id         1 
# 
_refine.entry_id                                 2ON8 
_refine.ls_d_res_high                            1.350 
_refine.ls_d_res_low                             19.000 
_refine.pdbx_ls_sigma_F                          0.00 
_refine.ls_percent_reflns_obs                    92.350 
_refine.ls_number_reflns_obs                     12044 
_refine.pdbx_ls_cross_valid_method               THROUGHOUT 
_refine.pdbx_R_Free_selection_details            RANDOM 
_refine.details                                  
;HYDROGENS HAVE BEEN ADDED IN THE RIDING POSITIONS. THE STRUCTURE FACTORS ARE TWINNED. TWIN TYPE: PARTIAL MEROHEDRAL TWIN 
TWIN FRACTION: 0.235 
TWINNING RELATIONSHIP RELATES REFLECTIONS WITH INDICES h,k,l to h,k,-l. Authors also state that the structure was refined using a combination of isotropic 
(atomic) and TLS refinement. The whole molecule was defined as one TLS 
group. The atomic B-values are reported as anisotropic B-values which were 
calculated by combining the isotropic B-values and TLS parameters using 
TLSANL program from the CCP4 suite.
;
_refine.ls_R_factor_obs                          0.16 
_refine.ls_R_factor_R_work                       0.158 
_refine.ls_R_factor_R_free                       0.195 
_refine.ls_percent_reflns_R_free                 5.000 
_refine.ls_number_reflns_R_free                  635 
_refine.B_iso_mean                               20.640 
_refine.aniso_B[1][1]                            0.270 
_refine.aniso_B[2][2]                            0.270 
_refine.aniso_B[3][3]                            -0.540 
_refine.aniso_B[1][2]                            0.000 
_refine.aniso_B[1][3]                            0.000 
_refine.aniso_B[2][3]                            0.000 
_refine.correlation_coeff_Fo_to_Fc               0.967 
_refine.correlation_coeff_Fo_to_Fc_free          0.958 
_refine.pdbx_overall_ESU_R                       0.058 
_refine.pdbx_overall_ESU_R_Free                  0.056 
_refine.overall_SU_ML                            0.035 
_refine.overall_SU_B                             1.927 
_refine.solvent_model_details                    'BABINET MODEL WITH MASK' 
_refine.pdbx_solvent_vdw_probe_radii             1.200 
_refine.pdbx_solvent_ion_probe_radii             0.800 
_refine.pdbx_solvent_shrinkage_radii             0.800 
_refine.pdbx_stereochemistry_target_values       'MAXIMUM LIKELIHOOD' 
_refine.pdbx_ls_sigma_I                          0.00 
_refine.ls_number_reflns_all                     12697 
_refine.ls_R_factor_all                          0.162 
_refine.ls_redundancy_reflns_obs                 ? 
_refine.pdbx_data_cutoff_high_absF               ? 
_refine.pdbx_data_cutoff_low_absF                ? 
_refine.ls_number_parameters                     ? 
_refine.ls_number_restraints                     ? 
_refine.ls_R_factor_R_free_error                 ? 
_refine.ls_R_factor_R_free_error_details         ? 
_refine.pdbx_method_to_determine_struct          'MOLECULAR REPLACEMENT' 
_refine.pdbx_starting_model                      'PDB ENTRY 1PGA' 
_refine.pdbx_stereochem_target_val_spec_case     ? 
_refine.solvent_model_param_bsol                 ? 
_refine.solvent_model_param_ksol                 ? 
_refine.occupancy_max                            ? 
_refine.occupancy_min                            ? 
_refine.pdbx_isotropic_thermal_model             ANISOTROPIC 
_refine.B_iso_min                                ? 
_refine.B_iso_max                                ? 
_refine.overall_SU_R_Cruickshank_DPI             ? 
_refine.overall_SU_R_free                        ? 
_refine.pdbx_data_cutoff_high_rms_absF           ? 
_refine.ls_wR_factor_R_free                      ? 
_refine.ls_wR_factor_R_work                      ? 
_refine.overall_FOM_free_R_set                   ? 
_refine.overall_FOM_work_R_set                   ? 
_refine.pdbx_refine_id                           'X-RAY DIFFRACTION' 
_refine.pdbx_diffrn_id                           1 
_refine.pdbx_TLS_residual_ADP_flag               ? 
_refine.pdbx_overall_phase_error                 ? 
_refine.pdbx_overall_SU_R_free_Cruickshank_DPI   ? 
_refine.pdbx_overall_SU_R_Blow_DPI               ? 
_refine.pdbx_overall_SU_R_free_Blow_DPI          ? 
# 
_refine_hist.pdbx_refine_id                   'X-RAY DIFFRACTION' 
_refine_hist.cycle_id                         LAST 
_refine_hist.pdbx_number_atoms_protein        444 
_refine_hist.pdbx_number_atoms_nucleic_acid   0 
_refine_hist.pdbx_number_atoms_ligand         0 
_refine_hist.number_atoms_solvent             54 
_refine_hist.number_atoms_total               498 
_refine_hist.d_res_high                       1.350 
_refine_hist.d_res_low                        19.000 
# 
loop_
_refine_ls_restr.type 
_refine_ls_restr.number 
_refine_ls_restr.dev_ideal 
_refine_ls_restr.dev_ideal_target 
_refine_ls_restr.weight 
_refine_ls_restr.pdbx_refine_id 
_refine_ls_restr.pdbx_restraint_function 
r_bond_refined_d         454  0.026  0.022  ? 'X-RAY DIFFRACTION' ? 
r_bond_other_d           395  0.006  0.020  ? 'X-RAY DIFFRACTION' ? 
r_angle_refined_deg      611  2.434  1.951  ? 'X-RAY DIFFRACTION' ? 
r_angle_other_deg        932  2.462  3.000  ? 'X-RAY DIFFRACTION' ? 
r_dihedral_angle_1_deg   55   5.646  5.000  ? 'X-RAY DIFFRACTION' ? 
r_dihedral_angle_2_deg   23   47.024 27.391 ? 'X-RAY DIFFRACTION' ? 
r_dihedral_angle_3_deg   86   11.273 15.000 ? 'X-RAY DIFFRACTION' ? 
r_chiral_restr           68   0.122  0.200  ? 'X-RAY DIFFRACTION' ? 
r_gen_planes_refined     504  0.006  0.020  ? 'X-RAY DIFFRACTION' ? 
r_gen_planes_other       83   0.000  0.020  ? 'X-RAY DIFFRACTION' ? 
r_nbd_refined            66   0.224  0.200  ? 'X-RAY DIFFRACTION' ? 
r_nbd_other              365  0.166  0.200  ? 'X-RAY DIFFRACTION' ? 
r_nbtor_refined          207  0.194  0.200  ? 'X-RAY DIFFRACTION' ? 
r_nbtor_other            300  0.106  0.200  ? 'X-RAY DIFFRACTION' ? 
r_xyhbond_nbd_refined    33   0.170  0.200  ? 'X-RAY DIFFRACTION' ? 
r_symmetry_vdw_refined   5    0.570  0.200  ? 'X-RAY DIFFRACTION' ? 
r_symmetry_vdw_other     15   0.132  0.200  ? 'X-RAY DIFFRACTION' ? 
r_symmetry_hbond_refined 10   0.168  0.200  ? 'X-RAY DIFFRACTION' ? 
r_mcbond_it              363  4.339  2.000  ? 'X-RAY DIFFRACTION' ? 
r_mcbond_other           118  1.999  2.000  ? 'X-RAY DIFFRACTION' ? 
r_mcangle_it             443  4.937  3.000  ? 'X-RAY DIFFRACTION' ? 
r_scbond_it              211  6.546  4.500  ? 'X-RAY DIFFRACTION' ? 
r_scangle_it             168  8.730  6.000  ? 'X-RAY DIFFRACTION' ? 
r_rigid_bond_restr       1037 3.274  3.000  ? 'X-RAY DIFFRACTION' ? 
r_sphericity_free        54   13.886 3.000  ? 'X-RAY DIFFRACTION' ? 
r_sphericity_bonded      843  6.953  3.000  ? 'X-RAY DIFFRACTION' ? 
# 
_refine_ls_shell.d_res_high                       1.350 
_refine_ls_shell.d_res_low                        1.397 
_refine_ls_shell.pdbx_total_number_of_bins_used   15 
_refine_ls_shell.percent_reflns_obs               60.530 
_refine_ls_shell.number_reflns_R_work             758 
_refine_ls_shell.R_factor_all                     ? 
_refine_ls_shell.R_factor_R_work                  0.225 
_refine_ls_shell.R_factor_R_free                  0.189 
_refine_ls_shell.percent_reflns_R_free            ? 
_refine_ls_shell.number_reflns_R_free             35 
_refine_ls_shell.R_factor_R_free_error            ? 
_refine_ls_shell.number_reflns_all                ? 
_refine_ls_shell.number_reflns_obs                793 
_refine_ls_shell.redundancy_reflns_obs            ? 
_refine_ls_shell.pdbx_refine_id                   'X-RAY DIFFRACTION' 
# 
_struct.entry_id                  2ON8 
_struct.title                     'Gbeta1 stabilization by in vitro evolution and computational design' 
_struct.pdbx_model_details        ? 
_struct.pdbx_CASP_flag            ? 
_struct.pdbx_model_type_details   ? 
# 
_struct_keywords.entry_id        2ON8 
_struct_keywords.pdbx_keywords   'PROTEIN BINDING' 
_struct_keywords.text            'beta sheet, alpha helix, improved hydrophobic packing of core residues, PROTEIN BINDING' 
# 
loop_
_struct_asym.id 
_struct_asym.pdbx_blank_PDB_chainid_flag 
_struct_asym.pdbx_modified 
_struct_asym.entity_id 
_struct_asym.details 
A N N 1 ? 
B N N 2 ? 
# 
_struct_biol.id   1 
# 
_struct_conf.conf_type_id            HELX_P 
_struct_conf.id                      HELX_P1 
_struct_conf.pdbx_PDB_helix_id       1 
_struct_conf.beg_label_comp_id       ASP 
_struct_conf.beg_label_asym_id       A 
_struct_conf.beg_label_seq_id        22 
_struct_conf.pdbx_beg_PDB_ins_code   ? 
_struct_conf.end_label_comp_id       ASN 
_struct_conf.end_label_asym_id       A 
_struct_conf.end_label_seq_id        37 
_struct_conf.pdbx_end_PDB_ins_code   ? 
_struct_conf.beg_auth_comp_id        ASP 
_struct_conf.beg_auth_asym_id        A 
_struct_conf.beg_auth_seq_id         22 
_struct_conf.end_auth_comp_id        ASN 
_struct_conf.end_auth_asym_id        A 
_struct_conf.end_auth_seq_id         37 
_struct_conf.pdbx_PDB_helix_class    1 
_struct_conf.details                 ? 
_struct_conf.pdbx_PDB_helix_length   16 
# 
_struct_conf_type.id          HELX_P 
_struct_conf_type.criteria    ? 
_struct_conf_type.reference   ? 
# 
_struct_sheet.id               A 
_struct_sheet.type             ? 
_struct_sheet.number_strands   4 
_struct_sheet.details          ? 
# 
loop_
_struct_sheet_order.sheet_id 
_struct_sheet_order.range_id_1 
_struct_sheet_order.range_id_2 
_struct_sheet_order.offset 
_struct_sheet_order.sense 
A 1 2 ? anti-parallel 
A 2 3 ? parallel      
A 3 4 ? anti-parallel 
# 
loop_
_struct_sheet_range.sheet_id 
_struct_sheet_range.id 
_struct_sheet_range.beg_label_comp_id 
_struct_sheet_range.beg_label_asym_id 
_struct_sheet_range.beg_label_seq_id 
_struct_sheet_range.pdbx_beg_PDB_ins_code 
_struct_sheet_range.end_label_comp_id 
_struct_sheet_range.end_label_asym_id 
_struct_sheet_range.end_label_seq_id 
_struct_sheet_range.pdbx_end_PDB_ins_code 
_struct_sheet_range.beg_auth_comp_id 
_struct_sheet_range.beg_auth_asym_id 
_struct_sheet_range.beg_auth_seq_id 
_struct_sheet_range.end_auth_comp_id 
_struct_sheet_range.end_auth_asym_id 
_struct_sheet_range.end_auth_seq_id 
A 1 LYS A 13 ? GLU A 19 ? LYS A 13 GLU A 19 
A 2 GLN A 2  ? ASN A 8  ? GLN A 2  ASN A 8  
A 3 THR A 51 ? THR A 55 ? THR A 51 THR A 55 
A 4 GLU A 42 ? ASP A 46 ? GLU A 42 ASP A 46 
# 
loop_
_pdbx_struct_sheet_hbond.sheet_id 
_pdbx_struct_sheet_hbond.range_id_1 
_pdbx_struct_sheet_hbond.range_id_2 
_pdbx_struct_sheet_hbond.range_1_label_atom_id 
_pdbx_struct_sheet_hbond.range_1_label_comp_id 
_pdbx_struct_sheet_hbond.range_1_label_asym_id 
_pdbx_struct_sheet_hbond.range_1_label_seq_id 
_pdbx_struct_sheet_hbond.range_1_PDB_ins_code 
_pdbx_struct_sheet_hbond.range_1_auth_atom_id 
_pdbx_struct_sheet_hbond.range_1_auth_comp_id 
_pdbx_struct_sheet_hbond.range_1_auth_asym_id 
_pdbx_struct_sheet_hbond.range_1_auth_seq_id 
_pdbx_struct_sheet_hbond.range_2_label_atom_id 
_pdbx_struct_sheet_hbond.range_2_label_comp_id 
_pdbx_struct_sheet_hbond.range_2_label_asym_id 
_pdbx_struct_sheet_hbond.range_2_label_seq_id 
_pdbx_struct_sheet_hbond.range_2_PDB_ins_code 
_pdbx_struct_sheet_hbond.range_2_auth_atom_id 
_pdbx_struct_sheet_hbond.range_2_auth_comp_id 
_pdbx_struct_sheet_hbond.range_2_auth_asym_id 
_pdbx_struct_sheet_hbond.range_2_auth_seq_id 
A 1 2 O LEU A 18 ? O LEU A 18 N PHE A 3  ? N PHE A 3  
A 2 3 N LYS A 4  ? N LYS A 4  O PHE A 52 ? O PHE A 52 
A 3 4 O THR A 51 ? O THR A 51 N ASP A 46 ? N ASP A 46 
# 
_atom_sites.entry_id                    2ON8 
_atom_sites.fract_transf_matrix[1][1]   0.01011329 
_atom_sites.fract_transf_matrix[1][2]   0.01547232 
_atom_sites.fract_transf_matrix[1][3]   0.00516347 
_atom_sites.fract_transf_matrix[2][1]   -0.00615186 
_atom_sites.fract_transf_matrix[2][2]   -0.00200862 
_atom_sites.fract_transf_matrix[2][3]   0.01806801 
_atom_sites.fract_transf_matrix[3][1]   0.03457621 
_atom_sites.fract_transf_matrix[3][2]   -0.02558010 
_atom_sites.fract_transf_matrix[3][3]   0.00892890 
_atom_sites.fract_transf_vector[1]      -0.071966 
_atom_sites.fract_transf_vector[2]      0.338167 
_atom_sites.fract_transf_vector[3]      0.999548 
# 
loop_
_atom_type.symbol 
C 
N 
O 
S 
# 
loop_
_atom_site.group_PDB 
_atom_site.id 
_atom_site.type_symbol 
_atom_site.label_atom_id 
_atom_site.label_alt_id 
_atom_site.label_comp_id 
_atom_site.label_asym_id 
_atom_site.label_entity_id 
_atom_site.label_seq_id 
_atom_site.pdbx_PDB_ins_code 
_atom_site.Cartn_x 
_atom_site.Cartn_y 
_atom_site.Cartn_z 
_atom_site.occupancy 
_atom_site.B_iso_or_equiv 
_atom_site.pdbx_formal_charge 
_atom_site.auth_seq_id 
_atom_site.auth_comp_id 
_atom_site.auth_asym_id 
_atom_site.auth_atom_id 
_atom_site.pdbx_PDB_model_num 
ATOM   1   N N   . MET A 1 1  ? 5.395   12.522  -4.976  1.00 25.07 ? 1   MET A N   1 
ATOM   2   C CA  . MET A 1 1  ? 3.939   12.631  -4.994  1.00 25.08 ? 1   MET A CA  1 
ATOM   3   C C   . MET A 1 1  ? 3.515   11.792  -3.769  1.00 22.25 ? 1   MET A C   1 
ATOM   4   O O   . MET A 1 1  ? 4.247   10.883  -3.387  1.00 20.16 ? 1   MET A O   1 
ATOM   5   C CB  . MET A 1 1  ? 3.340   12.034  -6.299  1.00 30.01 ? 1   MET A CB  1 
ATOM   6   C CG  . MET A 1 1  ? 3.881   12.425  -7.751  1.00 35.42 ? 1   MET A CG  1 
ATOM   7   S SD  . MET A 1 1  ? 3.823   10.920  -8.756  1.00 38.78 ? 1   MET A SD  1 
ATOM   8   C CE  . MET A 1 1  ? 2.046   10.714  -8.713  1.00 42.30 ? 1   MET A CE  1 
ATOM   9   N N   . GLN A 1 2  ? 2.350   12.075  -3.251  1.00 21.79 ? 2   GLN A N   1 
ATOM   10  C CA  . GLN A 1 2  ? 1.775   11.287  -2.150  1.00 21.23 ? 2   GLN A CA  1 
ATOM   11  C C   . GLN A 1 2  ? 1.066   10.106  -2.770  1.00 19.90 ? 2   GLN A C   1 
ATOM   12  O O   . GLN A 1 2  ? 0.181   10.234  -3.635  1.00 22.87 ? 2   GLN A O   1 
ATOM   13  C CB  . GLN A 1 2  ? 0.876   12.137  -1.278  1.00 23.95 ? 2   GLN A CB  1 
ATOM   14  C CG  . GLN A 1 2  ? 1.642   13.202  -0.493  1.00 31.54 ? 2   GLN A CG  1 
ATOM   15  C CD  . GLN A 1 2  ? 2.660   12.640  0.494   1.00 42.89 ? 2   GLN A CD  1 
ATOM   16  O OE1 . GLN A 1 2  ? 2.338   11.813  1.363   1.00 51.30 ? 2   GLN A OE1 1 
ATOM   17  N NE2 . GLN A 1 2  ? 3.905   13.071  0.365   1.00 47.90 ? 2   GLN A NE2 1 
ATOM   18  N N   . PHE A 1 3  ? 1.437   8.924   -2.296  1.00 16.68 ? 3   PHE A N   1 
ATOM   19  C CA  . PHE A 1 3  ? 0.763   7.687   -2.598  1.00 15.02 ? 3   PHE A CA  1 
ATOM   20  C C   . PHE A 1 3  ? 0.139   7.155   -1.332  1.00 14.64 ? 3   PHE A C   1 
ATOM   21  O O   . PHE A 1 3  ? 0.678   7.366   -0.265  1.00 15.95 ? 3   PHE A O   1 
ATOM   22  C CB  . PHE A 1 3  ? 1.766   6.681   -3.179  1.00 15.44 ? 3   PHE A CB  1 
ATOM   23  C CG  . PHE A 1 3  ? 2.210   6.974   -4.616  1.00 14.35 ? 3   PHE A CG  1 
ATOM   24  C CD1 . PHE A 1 3  ? 3.246   7.804   -4.817  1.00 16.82 ? 3   PHE A CD1 1 
ATOM   25  C CD2 . PHE A 1 3  ? 1.550   6.441   -5.653  1.00 15.37 ? 3   PHE A CD2 1 
ATOM   26  C CE1 . PHE A 1 3  ? 3.685   8.112   -6.096  1.00 17.95 ? 3   PHE A CE1 1 
ATOM   27  C CE2 . PHE A 1 3  ? 1.948   6.717   -6.969  1.00 16.17 ? 3   PHE A CE2 1 
ATOM   28  C CZ  . PHE A 1 3  ? 3.012   7.567   -7.144  1.00 17.51 ? 3   PHE A CZ  1 
ATOM   29  N N   . LYS A 1 4  ? -0.937  6.438   -1.475  1.00 14.82 ? 4   LYS A N   1 
ATOM   30  C CA  . LYS A 1 4  ? -1.692  5.870   -0.359  1.00 14.00 ? 4   LYS A CA  1 
ATOM   31  C C   . LYS A 1 4  ? -1.805  4.370   -0.479  1.00 13.57 ? 4   LYS A C   1 
ATOM   32  O O   . LYS A 1 4  ? -1.843  3.817   -1.562  1.00 14.88 ? 4   LYS A O   1 
ATOM   33  C CB  . LYS A 1 4  ? -3.069  6.489   -0.357  1.00 15.64 ? 4   LYS A CB  1 
ATOM   34  C CG  . LYS A 1 4  ? -3.931  6.140   0.815   1.00 22.35 ? 4   LYS A CG  1 
ATOM   35  C CD  . LYS A 1 4  ? -5.359  6.789   0.649   1.00 26.04 ? 4   LYS A CD  1 
ATOM   36  C CE  . LYS A 1 4  ? -5.404  8.278   0.460   1.00 29.25 ? 4   LYS A CE  1 
ATOM   37  N NZ  . LYS A 1 4  ? -6.904  8.770   0.266   1.00 25.37 ? 4   LYS A NZ  1 
ATOM   38  N N   . LEU A 1 5  ? -1.827  3.739   0.688   1.00 13.65 ? 5   LEU A N   1 
ATOM   39  C CA  . LEU A 1 5  ? -2.108  2.346   0.839   1.00 13.89 ? 5   LEU A CA  1 
ATOM   40  C C   . LEU A 1 5  ? -3.318  2.147   1.728   1.00 13.41 ? 5   LEU A C   1 
ATOM   41  O O   . LEU A 1 5  ? -3.313  2.548   2.876   1.00 14.16 ? 5   LEU A O   1 
ATOM   42  C CB  . LEU A 1 5  ? -0.926  1.563   1.441   1.00 13.83 ? 5   LEU A CB  1 
ATOM   43  C CG  . LEU A 1 5  ? -1.188  0.069   1.689   1.00 14.35 ? 5   LEU A CG  1 
ATOM   44  C CD1 . LEU A 1 5  ? -1.367  -0.701  0.389   1.00 14.78 ? 5   LEU A CD1 1 
ATOM   45  C CD2 . LEU A 1 5  ? -0.016  -0.509  2.490   1.00 16.33 ? 5   LEU A CD2 1 
ATOM   46  N N   . ILE A 1 6  ? -4.339  1.487   1.217   1.00 14.58 ? 6   ILE A N   1 
ATOM   47  C CA  . ILE A 1 6  ? -5.482  1.028   1.974   1.00 15.51 ? 6   ILE A CA  1 
ATOM   48  C C   . ILE A 1 6  ? -5.213  -0.396  2.434   1.00 15.58 ? 6   ILE A C   1 
ATOM   49  O O   . ILE A 1 6  ? -4.981  -1.268  1.606   1.00 16.79 ? 6   ILE A O   1 
ATOM   50  C CB  . ILE A 1 6  ? -6.809  1.105   1.202   1.00 16.97 ? 6   ILE A CB  1 
ATOM   51  C CG1 . ILE A 1 6  ? -7.064  2.545   0.762   1.00 18.05 ? 6   ILE A CG1 1 
ATOM   52  C CG2 . ILE A 1 6  ? -7.913  0.501   1.989   1.00 19.02 ? 6   ILE A CG2 1 
ATOM   53  C CD1 . ILE A 1 6  ? -8.206  2.668   -0.129  1.00 20.92 ? 6   ILE A CD1 1 
ATOM   54  N N   . ILE A 1 7  ? -5.298  -0.633  3.743   1.00 15.89 ? 7   ILE A N   1 
ATOM   55  C CA  . ILE A 1 7  ? -5.041  -1.949  4.356   1.00 17.58 ? 7   ILE A CA  1 
ATOM   56  C C   . ILE A 1 7  ? -6.361  -2.483  4.771   1.00 18.34 ? 7   ILE A C   1 
ATOM   57  O O   . ILE A 1 7  ? -7.034  -1.928  5.625   1.00 19.80 ? 7   ILE A O   1 
ATOM   58  C CB  . ILE A 1 7  ? -4.097  -1.820  5.536   1.00 19.42 ? 7   ILE A CB  1 
ATOM   59  C CG1 . ILE A 1 7  ? -2.867  -1.020  5.160   1.00 22.33 ? 7   ILE A CG1 1 
ATOM   60  C CG2 . ILE A 1 7  ? -3.849  -3.183  6.154   1.00 23.65 ? 7   ILE A CG2 1 
ATOM   61  C CD1 . ILE A 1 7  ? -2.293  -0.105  6.132   1.00 27.31 ? 7   ILE A CD1 1 
ATOM   62  N N   . ASN A 1 8  ? -6.701  -3.571  4.151   1.00 22.36 ? 8   ASN A N   1 
ATOM   63  C CA  . ASN A 1 8  ? -7.901  -4.297  4.590   1.00 26.90 ? 8   ASN A CA  1 
ATOM   64  C C   . ASN A 1 8  ? -7.383  -5.666  5.097   1.00 28.70 ? 8   ASN A C   1 
ATOM   65  O O   . ASN A 1 8  ? -7.469  -6.655  4.386   1.00 27.58 ? 8   ASN A O   1 
ATOM   66  C CB  . ASN A 1 8  ? -8.871  -4.465  3.446   1.00 27.25 ? 8   ASN A CB  1 
ATOM   67  C CG  . ASN A 1 8  ? -9.455  -3.183  2.814   1.00 37.74 ? 8   ASN A CG  1 
ATOM   68  O OD1 . ASN A 1 8  ? -9.927  -2.211  3.473   1.00 46.95 ? 8   ASN A OD1 1 
ATOM   69  N ND2 . ASN A 1 8  ? -9.465  -3.185  1.460   1.00 43.34 ? 8   ASN A ND2 1 
ATOM   70  N N   . GLY A 1 9  ? -6.824  -5.719  6.317   1.00 29.09 ? 9   GLY A N   1 
ATOM   71  C CA  . GLY A 1 9  ? -6.183  -6.921  6.878   1.00 32.82 ? 9   GLY A CA  1 
ATOM   72  C C   . GLY A 1 9  ? -7.062  -7.612  7.904   1.00 33.92 ? 9   GLY A C   1 
ATOM   73  O O   . GLY A 1 9  ? -8.133  -7.135  8.281   1.00 35.15 ? 9   GLY A O   1 
ATOM   74  N N   . LYS A 1 10 ? -6.568  -8.762  8.352   1.00 37.76 ? 10  LYS A N   1 
ATOM   75  C CA  . LYS A 1 10 ? -7.256  -9.566  9.349   1.00 38.07 ? 10  LYS A CA  1 
ATOM   76  C C   . LYS A 1 10 ? -7.200  -8.926  10.744  1.00 39.12 ? 10  LYS A C   1 
ATOM   77  O O   . LYS A 1 10 ? -8.187  -9.034  11.490  1.00 40.72 ? 10  LYS A O   1 
ATOM   78  C CB  . LYS A 1 10 ? -6.637  -10.976 9.390   1.00 39.26 ? 10  LYS A CB  1 
ATOM   79  C CG  . LYS A 1 10 ? -6.832  -11.757 8.104   1.00 41.44 ? 10  LYS A CG  1 
ATOM   80  C CD  . LYS A 1 10 ? -6.201  -13.139 8.200   0.01 39.46 ? 10  LYS A CD  1 
ATOM   81  C CE  . LYS A 1 10 ? -6.369  -13.931 6.912   0.01 39.17 ? 10  LYS A CE  1 
ATOM   82  N NZ  . LYS A 1 10 ? -7.797  -14.229 6.608   0.01 39.40 ? 10  LYS A NZ  1 
ATOM   83  N N   . THR A 1 11 ? -6.077  -8.289  11.071  1.00 38.79 ? 11  THR A N   1 
ATOM   84  C CA  . THR A 1 11 ? -5.834  -7.619  12.341  1.00 36.99 ? 11  THR A CA  1 
ATOM   85  C C   . THR A 1 11 ? -5.673  -6.095  12.246  1.00 34.75 ? 11  THR A C   1 
ATOM   86  O O   . THR A 1 11 ? -6.119  -5.410  13.167  1.00 33.24 ? 11  THR A O   1 
ATOM   87  C CB  . THR A 1 11 ? -4.527  -8.205  13.005  1.00 39.07 ? 11  THR A CB  1 
ATOM   88  O OG1 . THR A 1 11 ? -4.846  -9.416  13.699  1.00 46.19 ? 11  THR A OG1 1 
ATOM   89  C CG2 . THR A 1 11 ? -3.842  -7.273  14.045  1.00 42.55 ? 11  THR A CG2 1 
ATOM   90  N N   . LEU A 1 12 ? -5.027  -5.574  11.179  1.00 32.35 ? 12  LEU A N   1 
ATOM   91  C CA  . LEU A 1 12 ? -4.832  -4.164  10.969  1.00 28.48 ? 12  LEU A CA  1 
ATOM   92  C C   . LEU A 1 12 ? -5.757  -3.709  9.803   1.00 26.76 ? 12  LEU A C   1 
ATOM   93  O O   . LEU A 1 12 ? -5.928  -4.372  8.773   1.00 30.36 ? 12  LEU A O   1 
ATOM   94  C CB  . LEU A 1 12 ? -3.342  -3.780  10.713  1.00 30.94 ? 12  LEU A CB  1 
ATOM   95  C CG  . LEU A 1 12 ? -2.254  -4.146  11.778  1.00 31.03 ? 12  LEU A CG  1 
ATOM   96  C CD1 . LEU A 1 12 ? -0.793  -4.240  11.236  1.00 35.57 ? 12  LEU A CD1 1 
ATOM   97  C CD2 . LEU A 1 12 ? -2.329  -3.219  13.033  1.00 33.36 ? 12  LEU A CD2 1 
ATOM   98  N N   . LYS A 1 13 ? -6.369  -2.592  9.958   1.00 23.03 ? 13  LYS A N   1 
ATOM   99  C CA  . LYS A 1 13 ? -6.976  -1.919  8.846   1.00 22.61 ? 13  LYS A CA  1 
ATOM   100 C C   . LYS A 1 13 ? -6.596  -0.483  8.929   1.00 18.97 ? 13  LYS A C   1 
ATOM   101 O O   . LYS A 1 13 ? -6.220  -0.001  9.981   1.00 21.64 ? 13  LYS A O   1 
ATOM   102 C CB  . LYS A 1 13 ? -8.514  -1.992  8.879   1.00 26.37 ? 13  LYS A CB  1 
ATOM   103 C CG  . LYS A 1 13 ? -9.053  -3.345  8.835   1.00 32.63 ? 13  LYS A CG  1 
ATOM   104 C CD  . LYS A 1 13 ? -10.564 -3.156  8.871   1.00 34.93 ? 13  LYS A CD  1 
ATOM   105 C CE  . LYS A 1 13 ? -11.277 -4.499  8.828   0.01 34.85 ? 13  LYS A CE  1 
ATOM   106 N NZ  . LYS A 1 13 ? -12.760 -4.351  8.844   0.01 34.35 ? 13  LYS A NZ  1 
ATOM   107 N N   . GLY A 1 14 ? -6.664  0.195   7.777   1.00 18.30 ? 14  GLY A N   1 
ATOM   108 C CA  . GLY A 1 14 ? -6.454  1.617   7.764   1.00 19.21 ? 14  GLY A CA  1 
ATOM   109 C C   . GLY A 1 14 ? -5.867  2.145   6.479   1.00 14.92 ? 14  GLY A C   1 
ATOM   110 O O   . GLY A 1 14 ? -6.108  1.530   5.462   1.00 17.23 ? 14  GLY A O   1 
ATOM   111 N N   . GLU A 1 15 ? -5.184  3.247   6.578   1.00 15.23 ? 15  GLU A N   1 
ATOM   112 C CA  . GLU A 1 15 ? -4.621  3.877   5.373   1.00 16.36 ? 15  GLU A CA  1 
ATOM   113 C C   . GLU A 1 15 ? -3.348  4.552   5.762   1.00 17.36 ? 15  GLU A C   1 
ATOM   114 O O   . GLU A 1 15 ? -3.276  5.218   6.803   1.00 20.07 ? 15  GLU A O   1 
ATOM   115 C CB  . GLU A 1 15 ? -5.598  4.872   4.768   1.00 19.77 ? 15  GLU A CB  1 
ATOM   116 C CG  . GLU A 1 15 ? -5.467  5.500   3.477   0.50 18.96 ? 15  GLU A CG  1 
ATOM   117 C CD  . GLU A 1 15 ? -6.932  6.122   3.290   0.50 24.34 ? 15  GLU A CD  1 
ATOM   118 O OE1 . GLU A 1 15 ? -7.040  7.243   3.795   0.50 25.28 ? 15  GLU A OE1 1 
ATOM   119 O OE2 . GLU A 1 15 ? -7.952  5.575   2.720   0.50 29.38 ? 15  GLU A OE2 1 
ATOM   120 N N   . ILE A 1 16 ? -2.317  4.393   4.933   1.00 15.38 ? 16  ILE A N   1 
ATOM   121 C CA  . ILE A 1 16 ? -1.087  5.089   5.159   1.00 15.01 ? 16  ILE A CA  1 
ATOM   122 C C   . ILE A 1 16 ? -0.675  5.793   3.881   1.00 16.40 ? 16  ILE A C   1 
ATOM   123 O O   . ILE A 1 16 ? -1.002  5.370   2.793   1.00 17.27 ? 16  ILE A O   1 
ATOM   124 C CB  . ILE A 1 16 ? 0.028   4.119   5.550   1.00 19.27 ? 16  ILE A CB  1 
ATOM   125 C CG1 . ILE A 1 16 ? 0.235   3.064   4.607   1.00 23.49 ? 16  ILE A CG1 1 
ATOM   126 C CG2 . ILE A 1 16 ? -0.242  3.399   6.911   1.00 24.58 ? 16  ILE A CG2 1 
ATOM   127 C CD1 . ILE A 1 16 ? 1.652   2.482   4.750   1.00 27.80 ? 16  ILE A CD1 1 
ATOM   128 N N   . THR A 1 17 ? 0.031   6.905   4.065   1.00 15.26 ? 17  THR A N   1 
ATOM   129 C CA  . THR A 1 17 ? 0.573   7.676   2.979   1.00 16.61 ? 17  THR A CA  1 
ATOM   130 C C   . THR A 1 17 ? 2.047   7.838   3.082   1.00 17.25 ? 17  THR A C   1 
ATOM   131 O O   . THR A 1 17 ? 2.613   7.924   4.167   1.00 20.22 ? 17  THR A O   1 
ATOM   132 C CB  . THR A 1 17 ? -0.116  9.028   2.871   1.00 21.21 ? 17  THR A CB  1 
ATOM   133 O OG1 . THR A 1 17 ? 0.083   9.771   4.028   1.00 28.56 ? 17  THR A OG1 1 
ATOM   134 C CG2 . THR A 1 17 ? -1.567  8.900   2.732   1.00 19.94 ? 17  THR A CG2 1 
ATOM   135 N N   . LEU A 1 18 ? 2.717   7.885   1.886   1.00 17.93 ? 18  LEU A N   1 
ATOM   136 C CA  . LEU A 1 18 ? 4.130   8.208   1.837   1.00 19.41 ? 18  LEU A CA  1 
ATOM   137 C C   . LEU A 1 18 ? 4.442   8.904   0.489   1.00 21.40 ? 18  LEU A C   1 
ATOM   138 O O   . LEU A 1 18 ? 3.625   8.928   -0.399  1.00 22.51 ? 18  LEU A O   1 
ATOM   139 C CB  . LEU A 1 18 ? 4.959   6.973   1.976   1.00 21.88 ? 18  LEU A CB  1 
ATOM   140 C CG  . LEU A 1 18 ? 4.682   5.778   1.170   1.00 22.68 ? 18  LEU A CG  1 
ATOM   141 C CD1 . LEU A 1 18 ? 5.159   5.983   -0.248  1.00 23.19 ? 18  LEU A CD1 1 
ATOM   142 C CD2 . LEU A 1 18 ? 5.373   4.474   1.812   1.00 23.48 ? 18  LEU A CD2 1 
ATOM   143 N N   . GLU A 1 19 ? 5.623   9.474   0.418   1.00 20.57 ? 19  GLU A N   1 
ATOM   144 C CA  . GLU A 1 19 ? 6.106   10.189  -0.743  1.00 18.81 ? 19  GLU A CA  1 
ATOM   145 C C   . GLU A 1 19 ? 6.919   9.254   -1.608  1.00 19.71 ? 19  GLU A C   1 
ATOM   146 O O   . GLU A 1 19 ? 7.790   8.530   -1.103  1.00 21.31 ? 19  GLU A O   1 
ATOM   147 C CB  . GLU A 1 19 ? 6.978   11.327  -0.223  1.00 21.14 ? 19  GLU A CB  1 
ATOM   148 C CG  . GLU A 1 19 ? 7.628   12.231  -1.207  1.00 25.67 ? 19  GLU A CG  1 
ATOM   149 C CD  . GLU A 1 19 ? 6.706   13.060  -2.114  1.00 28.34 ? 19  GLU A CD  1 
ATOM   150 O OE1 . GLU A 1 19 ? 5.652   13.542  -1.594  1.00 32.16 ? 19  GLU A OE1 1 
ATOM   151 O OE2 . GLU A 1 19 ? 7.055   13.216  -3.327  1.00 28.59 ? 19  GLU A OE2 1 
ATOM   152 N N   . ALA A 1 20 ? 6.676   9.282   -2.920  1.00 17.84 ? 20  ALA A N   1 
ATOM   153 C CA  . ALA A 1 20 ? 7.518   8.531   -3.846  1.00 18.22 ? 20  ALA A CA  1 
ATOM   154 C C   . ALA A 1 20 ? 7.452   9.253   -5.184  1.00 16.93 ? 20  ALA A C   1 
ATOM   155 O O   . ALA A 1 20 ? 6.555   10.005  -5.502  1.00 19.81 ? 20  ALA A O   1 
ATOM   156 C CB  . ALA A 1 20 ? 6.976   7.132   -4.039  1.00 19.67 ? 20  ALA A CB  1 
ATOM   157 N N   . VAL A 1 21 ? 8.444   8.966   -6.012  1.00 18.39 ? 21  VAL A N   1 
ATOM   158 C CA  . VAL A 1 21 ? 8.535   9.618   -7.328  1.00 17.50 ? 21  VAL A CA  1 
ATOM   159 C C   . VAL A 1 21 ? 7.599   9.094   -8.351  1.00 17.85 ? 21  VAL A C   1 
ATOM   160 O O   . VAL A 1 21 ? 7.218   9.806   -9.257  1.00 20.40 ? 21  VAL A O   1 
ATOM   161 C CB  . VAL A 1 21 ? 10.036  9.522   -7.790  1.00 18.46 ? 21  VAL A CB  1 
ATOM   162 C CG1 . VAL A 1 21 ? 10.487  8.157   -8.277  1.00 20.32 ? 21  VAL A CG1 1 
ATOM   163 C CG2 . VAL A 1 21 ? 10.347  10.549  -8.891  1.00 21.61 ? 21  VAL A CG2 1 
ATOM   164 N N   . ASP A 1 22 ? 7.260   7.793   -8.255  1.00 18.02 ? 22  ASP A N   1 
ATOM   165 C CA  . ASP A 1 22 ? 6.389   7.120   -9.149  1.00 17.09 ? 22  ASP A CA  1 
ATOM   166 C C   . ASP A 1 22 ? 5.776   5.895   -8.520  1.00 15.35 ? 22  ASP A C   1 
ATOM   167 O O   . ASP A 1 22 ? 6.097   5.529   -7.397  1.00 14.83 ? 22  ASP A O   1 
ATOM   168 C CB  . ASP A 1 22 ? 7.165   6.785   -10.451 1.00 18.56 ? 22  ASP A CB  1 
ATOM   169 C CG  . ASP A 1 22 ? 8.303   5.827   -10.298 1.00 18.21 ? 22  ASP A CG  1 
ATOM   170 O OD1 . ASP A 1 22 ? 8.319   4.974   -9.409  1.00 19.88 ? 22  ASP A OD1 1 
ATOM   171 O OD2 . ASP A 1 22 ? 9.267   5.900   -11.162 1.00 21.54 ? 22  ASP A OD2 1 
ATOM   172 N N   . ALA A 1 23 ? 4.854   5.303   -9.235  1.00 16.18 ? 23  ALA A N   1 
ATOM   173 C CA  . ALA A 1 23 ? 4.061   4.183   -8.674  1.00 15.77 ? 23  ALA A CA  1 
ATOM   174 C C   . ALA A 1 23 ? 4.887   2.958   -8.385  1.00 14.64 ? 23  ALA A C   1 
ATOM   175 O O   . ALA A 1 23 ? 4.691   2.270   -7.382  1.00 15.37 ? 23  ALA A O   1 
ATOM   176 C CB  . ALA A 1 23 ? 2.900   3.800   -9.585  1.00 16.98 ? 23  ALA A CB  1 
ATOM   177 N N   . ALA A 1 24 ? 5.852   2.656   -9.226  1.00 15.43 ? 24  ALA A N   1 
ATOM   178 C CA  . ALA A 1 24 ? 6.704   1.523   -8.966  1.00 15.48 ? 24  ALA A CA  1 
ATOM   179 C C   . ALA A 1 24 ? 7.473   1.664   -7.667  1.00 15.91 ? 24  ALA A C   1 
ATOM   180 O O   . ALA A 1 24 ? 7.624   0.709   -6.880  1.00 16.27 ? 24  ALA A O   1 
ATOM   181 C CB  . ALA A 1 24 ? 7.646   1.298   -10.136 1.00 19.00 ? 24  ALA A CB  1 
ATOM   182 N N   . GLU A 1 25 ? 7.999   2.854   -7.405  1.00 15.81 ? 25  GLU A N   1 
ATOM   183 C CA  . GLU A 1 25 ? 8.704   3.096   -6.181  1.00 17.16 ? 25  GLU A CA  1 
ATOM   184 C C   . GLU A 1 25 ? 7.737   3.034   -4.967  1.00 16.63 ? 25  GLU A C   1 
ATOM   185 O O   . GLU A 1 25 ? 8.094   2.505   -3.920  1.00 16.92 ? 25  GLU A O   1 
ATOM   186 C CB  . GLU A 1 25 ? 9.364   4.449   -6.198  1.00 18.75 ? 25  GLU A CB  1 
ATOM   187 C CG  . GLU A 1 25 ? 10.091  4.951   -4.933  1.00 25.47 ? 25  GLU A CG  1 
ATOM   188 C CD  . GLU A 1 25 ? 10.830  6.327   -5.151  1.00 28.99 ? 25  GLU A CD  1 
ATOM   189 O OE1 . GLU A 1 25 ? 11.941  6.294   -5.759  1.00 47.80 ? 25  GLU A OE1 1 
ATOM   190 O OE2 . GLU A 1 25 ? 10.461  7.464   -4.828  1.00 30.27 ? 25  GLU A OE2 1 
ATOM   191 N N   . ALA A 1 26 ? 6.555   3.590   -5.104  1.00 14.45 ? 26  ALA A N   1 
ATOM   192 C CA  . ALA A 1 26 ? 5.582   3.502   -4.018  1.00 14.78 ? 26  ALA A CA  1 
ATOM   193 C C   . ALA A 1 26 ? 5.236   2.033   -3.754  1.00 14.43 ? 26  ALA A C   1 
ATOM   194 O O   . ALA A 1 26 ? 5.091   1.655   -2.562  1.00 15.98 ? 26  ALA A O   1 
ATOM   195 C CB  . ALA A 1 26 ? 4.320   4.271   -4.412  1.00 14.78 ? 26  ALA A CB  1 
ATOM   196 N N   . GLU A 1 27 ? 5.064   1.205   -4.773  1.00 14.83 ? 27  GLU A N   1 
ATOM   197 C CA  . GLU A 1 27 ? 4.744   -0.187  -4.573  1.00 15.50 ? 27  GLU A CA  1 
ATOM   198 C C   . GLU A 1 27 ? 5.807   -0.869  -3.764  1.00 16.67 ? 27  GLU A C   1 
ATOM   199 O O   . GLU A 1 27 ? 5.504   -1.617  -2.824  1.00 15.85 ? 27  GLU A O   1 
ATOM   200 C CB  . GLU A 1 27 ? 4.589   -0.836  -5.905  1.00 15.92 ? 27  GLU A CB  1 
ATOM   201 C CG  . GLU A 1 27 ? 4.163   -2.336  -5.795  1.00 18.63 ? 27  GLU A CG  1 
ATOM   202 C CD  . GLU A 1 27 ? 4.229   -3.092  -7.079  1.00 22.35 ? 27  GLU A CD  1 
ATOM   203 O OE1 . GLU A 1 27 ? 4.850   -2.677  -8.070  1.00 29.89 ? 27  GLU A OE1 1 
ATOM   204 O OE2 . GLU A 1 27 ? 3.664   -4.160  -7.076  1.00 35.14 ? 27  GLU A OE2 1 
ATOM   205 N N   . LYS A 1 28 ? 7.067   -0.597  -4.094  1.00 16.07 ? 28  LYS A N   1 
ATOM   206 C CA  . LYS A 1 28 ? 8.154   -1.202  -3.340  1.00 16.85 ? 28  LYS A CA  1 
ATOM   207 C C   . LYS A 1 28 ? 8.081   -0.844  -1.893  1.00 16.80 ? 28  LYS A C   1 
ATOM   208 O O   . LYS A 1 28 ? 8.208   -1.678  -1.013  1.00 17.68 ? 28  LYS A O   1 
ATOM   209 C CB  . LYS A 1 28 ? 9.506   -0.704  -3.925  1.00 18.86 ? 28  LYS A CB  1 
ATOM   210 C CG  . LYS A 1 28 ? 10.761  -1.049  -3.123  1.00 21.73 ? 28  LYS A CG  1 
ATOM   211 C CD  . LYS A 1 28 ? 12.011  -0.266  -3.586  1.00 24.28 ? 28  LYS A CD  1 
ATOM   212 C CE  . LYS A 1 28 ? 12.165  1.090   -2.906  0.01 25.99 ? 28  LYS A CE  1 
ATOM   213 N NZ  . LYS A 1 28 ? 11.129  2.081   -3.290  0.01 24.98 ? 28  LYS A NZ  1 
ATOM   214 N N   . LYS A 1 29 ? 7.908   0.465   -1.596  1.00 16.57 ? 29  LYS A N   1 
ATOM   215 C CA  . LYS A 1 29 ? 7.836   0.912   -0.222  1.00 16.20 ? 29  LYS A CA  1 
ATOM   216 C C   . LYS A 1 29 ? 6.665   0.308   0.536   1.00 15.82 ? 29  LYS A C   1 
ATOM   217 O O   . LYS A 1 29 ? 6.794   -0.012  1.688   1.00 16.46 ? 29  LYS A O   1 
ATOM   218 C CB  . LYS A 1 29 ? 7.752   2.456   -0.169  1.00 17.10 ? 29  LYS A CB  1 
ATOM   219 C CG  . LYS A 1 29 ? 9.038   3.203   -0.677  1.00 19.91 ? 29  LYS A CG  1 
ATOM   220 C CD  . LYS A 1 29 ? 8.899   4.717   -0.652  1.00 25.00 ? 29  LYS A CD  1 
ATOM   221 C CE  . LYS A 1 29 ? 10.110  5.539   -1.143  1.00 31.71 ? 29  LYS A CE  1 
ATOM   222 N NZ  . LYS A 1 29 ? 9.943   6.935   -0.639  1.00 39.89 ? 29  LYS A NZ  1 
ATOM   223 N N   . PHE A 1 30 ? 5.509   0.217   -0.108  1.00 15.29 ? 30  PHE A N   1 
ATOM   224 C CA  . PHE A 1 30 ? 4.358   -0.367  0.554   1.00 13.75 ? 30  PHE A CA  1 
ATOM   225 C C   . PHE A 1 30 ? 4.478   -1.851  0.742   1.00 15.12 ? 30  PHE A C   1 
ATOM   226 O O   . PHE A 1 30 ? 4.017   -2.364  1.760   1.00 15.29 ? 30  PHE A O   1 
ATOM   227 C CB  . PHE A 1 30 ? 3.101   -0.012  -0.199  1.00 14.04 ? 30  PHE A CB  1 
ATOM   228 C CG  . PHE A 1 30 ? 2.640   1.417   -0.044  1.00 14.29 ? 30  PHE A CG  1 
ATOM   229 C CD1 . PHE A 1 30 ? 2.636   1.993   1.168   1.00 14.49 ? 30  PHE A CD1 1 
ATOM   230 C CD2 . PHE A 1 30 ? 2.146   2.110   -1.123  1.00 13.54 ? 30  PHE A CD2 1 
ATOM   231 C CE1 . PHE A 1 30 ? 2.154   3.292   1.313   1.00 16.29 ? 30  PHE A CE1 1 
ATOM   232 C CE2 . PHE A 1 30 ? 1.674   3.395   -1.023  1.00 15.96 ? 30  PHE A CE2 1 
ATOM   233 C CZ  . PHE A 1 30 ? 1.691   3.986   0.187   1.00 15.83 ? 30  PHE A CZ  1 
ATOM   234 N N   . LYS A 1 31 ? 5.109   -2.540  -0.155  1.00 15.50 ? 31  LYS A N   1 
ATOM   235 C CA  . LYS A 1 31 ? 5.333   -3.952  0.040   1.00 15.68 ? 31  LYS A CA  1 
ATOM   236 C C   . LYS A 1 31 ? 6.355   -4.213  1.162   1.00 15.93 ? 31  LYS A C   1 
ATOM   237 O O   . LYS A 1 31 ? 6.184   -5.178  1.925   1.00 17.68 ? 31  LYS A O   1 
ATOM   238 C CB  . LYS A 1 31 ? 5.753   -4.614  -1.240  1.00 16.84 ? 31  LYS A CB  1 
ATOM   239 C CG  . LYS A 1 31 ? 4.579   -4.751  -2.194  1.00 20.49 ? 31  LYS A CG  1 
ATOM   240 C CD  . LYS A 1 31 ? 4.698   -5.583  -3.372  1.00 24.03 ? 31  LYS A CD  1 
ATOM   241 C CE  . LYS A 1 31 ? 3.366   -5.906  -4.031  1.00 24.39 ? 31  LYS A CE  1 
ATOM   242 N NZ  . LYS A 1 31 ? 3.651   -6.702  -5.234  1.00 30.34 ? 31  LYS A NZ  1 
ATOM   243 N N   . GLN A 1 32 ? 7.338   -3.335  1.276   1.00 16.68 ? 32  GLN A N   1 
ATOM   244 C CA  . GLN A 1 32 ? 8.293   -3.401  2.390   1.00 18.37 ? 32  GLN A CA  1 
ATOM   245 C C   . GLN A 1 32 ? 7.534   -3.124  3.693   1.00 18.04 ? 32  GLN A C   1 
ATOM   246 O O   . GLN A 1 32 ? 7.747   -3.851  4.667   1.00 18.83 ? 32  GLN A O   1 
ATOM   247 C CB  . GLN A 1 32 ? 9.445   -2.452  2.195   1.00 18.27 ? 32  GLN A CB  1 
ATOM   248 C CG  . GLN A 1 32 ? 10.405  -2.903  1.060   1.00 19.16 ? 32  GLN A CG  1 
ATOM   249 C CD  . GLN A 1 32 ? 11.436  -1.861  0.702   1.00 21.16 ? 32  GLN A CD  1 
ATOM   250 O OE1 . GLN A 1 32 ? 11.197  -0.642  0.847   1.00 23.54 ? 32  GLN A OE1 1 
ATOM   251 N NE2 . GLN A 1 32 ? 12.553  -2.336  0.101   1.00 22.02 ? 32  GLN A NE2 1 
ATOM   252 N N   . TYR A 1 33 ? 6.662   -2.125  3.711   1.00 16.33 ? 33  TYR A N   1 
ATOM   253 C CA  . TYR A 1 33 ? 5.824   -1.871  4.881   1.00 16.90 ? 33  TYR A CA  1 
ATOM   254 C C   . TYR A 1 33 ? 5.009   -3.079  5.231   1.00 17.32 ? 33  TYR A C   1 
ATOM   255 O O   . TYR A 1 33 ? 4.910   -3.530  6.418   1.00 19.07 ? 33  TYR A O   1 
ATOM   256 C CB  . TYR A 1 33 ? 4.903   -0.666  4.507   1.00 17.30 ? 33  TYR A CB  1 
ATOM   257 C CG  . TYR A 1 33 ? 3.783   -0.464  5.542   1.00 17.40 ? 33  TYR A CG  1 
ATOM   258 C CD1 . TYR A 1 33 ? 4.010   0.339   6.663   1.00 17.29 ? 33  TYR A CD1 1 
ATOM   259 C CD2 . TYR A 1 33 ? 2.522   -1.084  5.376   1.00 16.96 ? 33  TYR A CD2 1 
ATOM   260 C CE1 . TYR A 1 33 ? 2.969   0.499   7.598   1.00 16.71 ? 33  TYR A CE1 1 
ATOM   261 C CE2 . TYR A 1 33 ? 1.543   -0.899  6.286   1.00 17.42 ? 33  TYR A CE2 1 
ATOM   262 C CZ  . TYR A 1 33 ? 1.796   -0.121  7.411   1.00 16.60 ? 33  TYR A CZ  1 
ATOM   263 O OH  . TYR A 1 33 ? 0.765   0.025   8.305   1.00 17.57 ? 33  TYR A OH  1 
ATOM   264 N N   . ALA A 1 34 ? 4.369   -3.695  4.284   1.00 16.96 ? 34  ALA A N   1 
ATOM   265 C CA  . ALA A 1 34 ? 3.554   -4.848  4.540   1.00 18.14 ? 34  ALA A CA  1 
ATOM   266 C C   . ALA A 1 34 ? 4.360   -5.973  5.172   1.00 18.78 ? 34  ALA A C   1 
ATOM   267 O O   . ALA A 1 34 ? 3.897   -6.609  6.123   1.00 19.42 ? 34  ALA A O   1 
ATOM   268 C CB  . ALA A 1 34 ? 2.852   -5.339  3.316   1.00 20.38 ? 34  ALA A CB  1 
ATOM   269 N N   . ASN A 1 35 ? 5.562   -6.235  4.671   1.00 18.53 ? 35  ASN A N   1 
ATOM   270 C CA  . ASN A 1 35 ? 6.435   -7.209  5.274   1.00 19.54 ? 35  ASN A CA  1 
ATOM   271 C C   . ASN A 1 35 ? 6.734   -6.893  6.708   1.00 21.56 ? 35  ASN A C   1 
ATOM   272 O O   . ASN A 1 35 ? 6.738   -7.802  7.543   1.00 24.94 ? 35  ASN A O   1 
ATOM   273 C CB  . ASN A 1 35 ? 7.742   -7.302  4.493   1.00 20.65 ? 35  ASN A CB  1 
ATOM   274 C CG  . ASN A 1 35 ? 7.637   -8.053  3.200   1.00 23.17 ? 35  ASN A CG  1 
ATOM   275 O OD1 . ASN A 1 35 ? 6.756   -8.923  3.047   1.00 26.28 ? 35  ASN A OD1 1 
ATOM   276 N ND2 . ASN A 1 35 ? 8.526   -7.733  2.259   1.00 20.25 ? 35  ASN A ND2 1 
ATOM   277 N N   . ASP A 1 36 ? 7.035   -5.627  7.048   1.00 18.77 ? 36  ASP A N   1 
ATOM   278 C CA  . ASP A 1 36 ? 7.321   -5.191  8.432   1.00 19.25 ? 36  ASP A CA  1 
ATOM   279 C C   . ASP A 1 36 ? 6.198   -5.460  9.377   1.00 20.23 ? 36  ASP A C   1 
ATOM   280 O O   . ASP A 1 36 ? 6.446   -5.674  10.569  1.00 24.34 ? 36  ASP A O   1 
ATOM   281 C CB  . ASP A 1 36 ? 7.677   -3.705  8.463   1.00 20.32 ? 36  ASP A CB  1 
ATOM   282 C CG  . ASP A 1 36 ? 8.969   -3.349  7.764   1.00 23.78 ? 36  ASP A CG  1 
ATOM   283 O OD1 . ASP A 1 36 ? 9.825   -4.259  7.442   1.00 27.66 ? 36  ASP A OD1 1 
ATOM   284 O OD2 . ASP A 1 36 ? 9.119   -2.151  7.512   1.00 27.27 ? 36  ASP A OD2 1 
ATOM   285 N N   . ASN A 1 37 ? 4.970   -5.500  8.857   1.00 20.02 ? 37  ASN A N   1 
ATOM   286 C CA  . ASN A 1 37 ? 3.755   -5.746  9.641   1.00 21.29 ? 37  ASN A CA  1 
ATOM   287 C C   . ASN A 1 37 ? 3.153   -7.121  9.484   1.00 22.93 ? 37  ASN A C   1 
ATOM   288 O O   . ASN A 1 37 ? 2.069   -7.377  9.993   1.00 25.75 ? 37  ASN A O   1 
ATOM   289 C CB  . ASN A 1 37 ? 2.744   -4.621  9.280   1.00 19.71 ? 37  ASN A CB  1 
ATOM   290 C CG  . ASN A 1 37 ? 3.270   -3.288  9.695   1.00 19.17 ? 37  ASN A CG  1 
ATOM   291 O OD1 . ASN A 1 37 ? 3.209   -2.995  10.870  1.00 22.29 ? 37  ASN A OD1 1 
ATOM   292 N ND2 . ASN A 1 37 ? 3.848   -2.450  8.772   1.00 19.97 ? 37  ASN A ND2 1 
ATOM   293 N N   . GLY A 1 38 ? 3.831   -8.007  8.761   1.00 23.09 ? 38  GLY A N   1 
ATOM   294 C CA  . GLY A 1 38 ? 3.241   -9.325  8.579   1.00 25.00 ? 38  GLY A CA  1 
ATOM   295 C C   . GLY A 1 38 ? 1.929   -9.409  7.803   1.00 27.28 ? 38  GLY A C   1 
ATOM   296 O O   . GLY A 1 38 ? 1.120   -10.355 8.007   1.00 31.45 ? 38  GLY A O   1 
ATOM   297 N N   . ILE A 1 39 ? 1.718   -8.437  6.897   1.00 25.90 ? 39  ILE A N   1 
ATOM   298 C CA  . ILE A 1 39 ? 0.532   -8.355  6.089   1.00 27.94 ? 39  ILE A CA  1 
ATOM   299 C C   . ILE A 1 39 ? 0.841   -9.101  4.809   1.00 29.57 ? 39  ILE A C   1 
ATOM   300 O O   . ILE A 1 39 ? 1.851   -8.789  4.151   1.00 30.23 ? 39  ILE A O   1 
ATOM   301 C CB  . ILE A 1 39 ? 0.180   -6.856  5.769   1.00 27.66 ? 39  ILE A CB  1 
ATOM   302 C CG1 . ILE A 1 39 ? -0.213  -6.114  7.036   1.00 29.68 ? 39  ILE A CG1 1 
ATOM   303 C CG2 . ILE A 1 39 ? -0.950  -6.824  4.768   1.00 30.15 ? 39  ILE A CG2 1 
ATOM   304 C CD1 . ILE A 1 39 ? -0.248  -4.596  6.962   1.00 28.60 ? 39  ILE A CD1 1 
ATOM   305 N N   . ASP A 1 40 ? -0.005  -10.062 4.450   1.00 30.18 ? 40  ASP A N   1 
ATOM   306 C CA  . ASP A 1 40 ? 0.088   -10.827 3.181   1.00 33.29 ? 40  ASP A CA  1 
ATOM   307 C C   . ASP A 1 40 ? -1.296  -10.841 2.522   1.00 35.56 ? 40  ASP A C   1 
ATOM   308 O O   . ASP A 1 40 ? -2.247  -11.353 3.124   1.00 41.33 ? 40  ASP A O   1 
ATOM   309 C CB  . ASP A 1 40 ? 0.438   -12.299 3.385   1.00 37.30 ? 40  ASP A CB  1 
ATOM   310 C CG  . ASP A 1 40 ? 0.203   -13.098 2.119   1.00 38.92 ? 40  ASP A CG  1 
ATOM   311 O OD1 . ASP A 1 40 ? 1.043   -12.986 1.194   1.00 52.19 ? 40  ASP A OD1 1 
ATOM   312 O OD2 . ASP A 1 40 ? -0.827  -13.806 2.020   1.00 54.05 ? 40  ASP A OD2 1 
ATOM   313 N N   . GLY A 1 41 ? -1.433  -10.337 1.316   1.00 29.83 ? 41  GLY A N   1 
ATOM   314 C CA  . GLY A 1 41 ? -2.728  -10.352 0.670   1.00 28.82 ? 41  GLY A CA  1 
ATOM   315 C C   . GLY A 1 41 ? -2.640  -10.041 -0.791  1.00 25.96 ? 41  GLY A C   1 
ATOM   316 O O   . GLY A 1 41 ? -1.538  -10.124 -1.334  1.00 30.58 ? 41  GLY A O   1 
ATOM   317 N N   . GLU A 1 42 ? -3.783  -9.719  -1.377  1.00 24.91 ? 42  GLU A N   1 
ATOM   318 C CA  . GLU A 1 42 ? -3.876  -9.389  -2.797  1.00 26.42 ? 42  GLU A CA  1 
ATOM   319 C C   . GLU A 1 42 ? -3.775  -7.884  -2.980  1.00 24.98 ? 42  GLU A C   1 
ATOM   320 O O   . GLU A 1 42 ? -4.458  -7.122  -2.227  1.00 26.48 ? 42  GLU A O   1 
ATOM   321 C CB  . GLU A 1 42 ? -5.182  -9.887  -3.411  1.00 30.60 ? 42  GLU A CB  1 
ATOM   322 C CG  . GLU A 1 42 ? -5.473  -11.413 -3.228  1.00 39.06 ? 42  GLU A CG  1 
ATOM   323 C CD  . GLU A 1 42 ? -4.443  -12.325 -3.865  1.00 49.50 ? 42  GLU A CD  1 
ATOM   324 O OE1 . GLU A 1 42 ? -4.118  -12.097 -5.077  1.00 53.67 ? 42  GLU A OE1 1 
ATOM   325 O OE2 . GLU A 1 42 ? -3.976  -13.253 -3.138  1.00 54.97 ? 42  GLU A OE2 1 
ATOM   326 N N   . TRP A 1 43 ? -2.954  -7.487  -3.938  1.00 24.07 ? 43  TRP A N   1 
ATOM   327 C CA  . TRP A 1 43 ? -2.646  -6.080  -4.194  1.00 22.42 ? 43  TRP A CA  1 
ATOM   328 C C   . TRP A 1 43 ? -3.320  -5.567  -5.470  1.00 23.69 ? 43  TRP A C   1 
ATOM   329 O O   . TRP A 1 43 ? -3.257  -6.242  -6.513  1.00 26.60 ? 43  TRP A O   1 
ATOM   330 C CB  . TRP A 1 43 ? -1.131  -5.936  -4.374  1.00 21.05 ? 43  TRP A CB  1 
ATOM   331 C CG  . TRP A 1 43 ? -0.417  -6.134  -3.119  1.00 21.20 ? 43  TRP A CG  1 
ATOM   332 C CD1 . TRP A 1 43 ? -0.135  -7.283  -2.545  1.00 22.53 ? 43  TRP A CD1 1 
ATOM   333 C CD2 . TRP A 1 43 ? 0.141   -5.122  -2.274  1.00 19.80 ? 43  TRP A CD2 1 
ATOM   334 N NE1 . TRP A 1 43 ? 0.523   -7.086  -1.381  1.00 23.61 ? 43  TRP A NE1 1 
ATOM   335 C CE2 . TRP A 1 43 ? 0.695   -5.760  -1.174  1.00 21.69 ? 43  TRP A CE2 1 
ATOM   336 C CE3 . TRP A 1 43 ? 0.182   -3.737  -2.324  1.00 21.39 ? 43  TRP A CE3 1 
ATOM   337 C CZ2 . TRP A 1 43 ? 1.319   -5.091  -0.162  1.00 20.66 ? 43  TRP A CZ2 1 
ATOM   338 C CZ3 . TRP A 1 43 ? 0.807   -3.047  -1.277  1.00 19.63 ? 43  TRP A CZ3 1 
ATOM   339 C CH2 . TRP A 1 43 ? 1.343   -3.735  -0.216  1.00 18.93 ? 43  TRP A CH2 1 
ATOM   340 N N   . THR A 1 44 ? -3.928  -4.374  -5.383  1.00 21.41 ? 44  THR A N   1 
ATOM   341 C CA  . THR A 1 44 ? -4.392  -3.603  -6.505  1.00 21.59 ? 44  THR A CA  1 
ATOM   342 C C   . THR A 1 44 ? -3.896  -2.203  -6.414  1.00 18.87 ? 44  THR A C   1 
ATOM   343 O O   . THR A 1 44 ? -3.506  -1.736  -5.368  1.00 19.84 ? 44  THR A O   1 
ATOM   344 C CB  . THR A 1 44 ? -5.899  -3.669  -6.655  1.00 25.44 ? 44  THR A CB  1 
ATOM   345 O OG1 . THR A 1 44 ? -6.496  -3.097  -5.515  1.00 31.18 ? 44  THR A OG1 1 
ATOM   346 C CG2 . THR A 1 44 ? -6.372  -5.150  -6.798  1.00 29.59 ? 44  THR A CG2 1 
ATOM   347 N N   . TYR A 1 45 ? -3.852  -1.512  -7.538  1.00 19.66 ? 45  TYR A N   1 
ATOM   348 C CA  . TYR A 1 45 ? -3.368  -0.141  -7.649  1.00 18.43 ? 45  TYR A CA  1 
ATOM   349 C C   . TYR A 1 45 ? -4.248  0.661   -8.607  1.00 19.90 ? 45  TYR A C   1 
ATOM   350 O O   . TYR A 1 45 ? -4.461  0.307   -9.761  1.00 23.25 ? 45  TYR A O   1 
ATOM   351 C CB  . TYR A 1 45 ? -1.931  -0.114  -8.182  1.00 17.96 ? 45  TYR A CB  1 
ATOM   352 C CG  . TYR A 1 45 ? -1.506  1.298   -8.403  1.00 17.36 ? 45  TYR A CG  1 
ATOM   353 C CD1 . TYR A 1 45 ? -1.430  2.267   -7.386  1.00 17.81 ? 45  TYR A CD1 1 
ATOM   354 C CD2 . TYR A 1 45 ? -1.133  1.715   -9.702  1.00 18.83 ? 45  TYR A CD2 1 
ATOM   355 C CE1 . TYR A 1 45 ? -1.035  3.532   -7.618  1.00 17.31 ? 45  TYR A CE1 1 
ATOM   356 C CE2 . TYR A 1 45 ? -0.768  3.034   -9.900  1.00 19.91 ? 45  TYR A CE2 1 
ATOM   357 C CZ  . TYR A 1 45 ? -0.715  3.933   -8.848  1.00 17.04 ? 45  TYR A CZ  1 
ATOM   358 O OH  . TYR A 1 45 ? -0.371  5.247   -9.023  1.00 20.20 ? 45  TYR A OH  1 
ATOM   359 N N   . ASP A 1 46 ? -4.733  1.787   -8.109  1.00 21.04 ? 46  ASP A N   1 
ATOM   360 C CA  . ASP A 1 46 ? -5.593  2.733   -8.861  1.00 20.74 ? 46  ASP A CA  1 
ATOM   361 C C   . ASP A 1 46 ? -4.763  3.926   -9.204  1.00 20.47 ? 46  ASP A C   1 
ATOM   362 O O   . ASP A 1 46 ? -4.374  4.741   -8.372  1.00 20.81 ? 46  ASP A O   1 
ATOM   363 C CB  . ASP A 1 46 ? -6.788  3.086   -8.023  1.00 22.97 ? 46  ASP A CB  1 
ATOM   364 C CG  . ASP A 1 46 ? -7.829  3.899   -8.720  1.00 28.24 ? 46  ASP A CG  1 
ATOM   365 O OD1 . ASP A 1 46 ? -7.533  4.567   -9.652  1.00 33.23 ? 46  ASP A OD1 1 
ATOM   366 O OD2 . ASP A 1 46 ? -8.986  3.855   -8.240  1.00 34.02 ? 46  ASP A OD2 1 
ATOM   367 N N   . ASP A 1 47 ? -4.405  4.033   -10.503 1.00 23.42 ? 47  ASP A N   1 
ATOM   368 C CA  . ASP A 1 47 ? -3.493  5.100   -10.909 1.00 25.47 ? 47  ASP A CA  1 
ATOM   369 C C   . ASP A 1 47 ? -4.154  6.483   -10.775 1.00 23.73 ? 47  ASP A C   1 
ATOM   370 O O   . ASP A 1 47 ? -3.500  7.484   -10.460 1.00 26.21 ? 47  ASP A O   1 
ATOM   371 C CB  . ASP A 1 47 ? -2.830  4.919   -12.288 1.00 30.10 ? 47  ASP A CB  1 
ATOM   372 C CG  . ASP A 1 47 ? -1.552  5.780   -12.368 1.00 34.62 ? 47  ASP A CG  1 
ATOM   373 O OD1 . ASP A 1 47 ? -0.481  5.676   -11.596 1.00 42.37 ? 47  ASP A OD1 1 
ATOM   374 O OD2 . ASP A 1 47 ? -1.693  6.617   -13.253 1.00 44.98 ? 47  ASP A OD2 1 
ATOM   375 N N   . ALA A 1 48 ? -5.429  6.546   -10.988 1.00 26.58 ? 48  ALA A N   1 
ATOM   376 C CA  . ALA A 1 48 ? -6.038  7.881   -10.905 1.00 28.15 ? 48  ALA A CA  1 
ATOM   377 C C   . ALA A 1 48 ? -5.892  8.518   -9.490  1.00 28.03 ? 48  ALA A C   1 
ATOM   378 O O   . ALA A 1 48 ? -5.537  9.730   -9.359  1.00 29.61 ? 48  ALA A O   1 
ATOM   379 C CB  . ALA A 1 48 ? -7.534  7.844   -11.344 1.00 33.85 ? 48  ALA A CB  1 
ATOM   380 N N   . THR A 1 49 ? -6.108  7.714   -8.454  1.00 24.41 ? 49  THR A N   1 
ATOM   381 C CA  . THR A 1 49 ? -6.079  8.194   -7.090  1.00 23.14 ? 49  THR A CA  1 
ATOM   382 C C   . THR A 1 49 ? -4.750  7.909   -6.405  1.00 22.50 ? 49  THR A C   1 
ATOM   383 O O   . THR A 1 49 ? -4.582  8.210   -5.216  1.00 20.83 ? 49  THR A O   1 
ATOM   384 C CB  . THR A 1 49 ? -7.197  7.495   -6.326  1.00 24.09 ? 49  THR A CB  1 
ATOM   385 O OG1 . THR A 1 49 ? -6.982  6.070   -6.337  1.00 23.15 ? 49  THR A OG1 1 
ATOM   386 C CG2 . THR A 1 49 ? -8.669  7.889   -6.828  1.00 26.44 ? 49  THR A CG2 1 
ATOM   387 N N   . LYS A 1 50 ? -3.778  7.335   -7.118  1.00 20.06 ? 50  LYS A N   1 
ATOM   388 C CA  . LYS A 1 50 ? -2.436  7.088   -6.593  1.00 17.21 ? 50  LYS A CA  1 
ATOM   389 C C   . LYS A 1 50 ? -2.566  6.207   -5.308  1.00 16.15 ? 50  LYS A C   1 
ATOM   390 O O   . LYS A 1 50 ? -1.860  6.442   -4.340  1.00 17.00 ? 50  LYS A O   1 
ATOM   391 C CB  . LYS A 1 50 ? -1.616  8.340   -6.360  1.00 19.72 ? 50  LYS A CB  1 
ATOM   392 C CG  . LYS A 1 50 ? -1.490  9.237   -7.619  1.00 28.06 ? 50  LYS A CG  1 
ATOM   393 C CD  . LYS A 1 50 ? -1.145  8.537   -8.857  1.00 32.90 ? 50  LYS A CD  1 
ATOM   394 C CE  . LYS A 1 50 ? -1.152  9.555   -10.103 1.00 35.54 ? 50  LYS A CE  1 
ATOM   395 N NZ  . LYS A 1 50 ? -0.910  8.796   -11.307 1.00 35.46 ? 50  LYS A NZ  1 
ATOM   396 N N   . THR A 1 51 ? -3.476  5.219   -5.367  1.00 15.14 ? 51  THR A N   1 
ATOM   397 C CA  . THR A 1 51 ? -3.859  4.411   -4.191  1.00 15.14 ? 51  THR A CA  1 
ATOM   398 C C   . THR A 1 51 ? -3.734  2.933   -4.435  1.00 15.29 ? 51  THR A C   1 
ATOM   399 O O   . THR A 1 51 ? -4.381  2.396   -5.348  1.00 16.78 ? 51  THR A O   1 
ATOM   400 C CB  . THR A 1 51 ? -5.297  4.798   -3.722  1.00 16.96 ? 51  THR A CB  1 
ATOM   401 O OG1 . THR A 1 51 ? -5.279  6.182   -3.364  1.00 17.10 ? 51  THR A OG1 1 
ATOM   402 C CG2 . THR A 1 51 ? -5.680  3.992   -2.507  1.00 17.86 ? 51  THR A CG2 1 
ATOM   403 N N   . PHE A 1 52 ? -2.947  2.264   -3.591  1.00 14.71 ? 52  PHE A N   1 
ATOM   404 C CA  . PHE A 1 52 ? -2.863  0.821   -3.526  1.00 14.21 ? 52  PHE A CA  1 
ATOM   405 C C   . PHE A 1 52 ? -3.830  0.306   -2.511  1.00 14.70 ? 52  PHE A C   1 
ATOM   406 O O   . PHE A 1 52 ? -4.123  0.995   -1.534  1.00 14.97 ? 52  PHE A O   1 
ATOM   407 C CB  . PHE A 1 52 ? -1.432  0.391   -3.100  1.00 13.88 ? 52  PHE A CB  1 
ATOM   408 C CG  . PHE A 1 52 ? -0.388  0.726   -4.092  1.00 13.76 ? 52  PHE A CG  1 
ATOM   409 C CD1 . PHE A 1 52 ? 0.168   1.993   -4.109  1.00 14.27 ? 52  PHE A CD1 1 
ATOM   410 C CD2 . PHE A 1 52 ? 0.113   -0.217  -4.972  1.00 15.36 ? 52  PHE A CD2 1 
ATOM   411 C CE1 . PHE A 1 52 ? 1.161   2.310   -5.038  1.00 14.97 ? 52  PHE A CE1 1 
ATOM   412 C CE2 . PHE A 1 52 ? 1.081   0.112   -5.906  1.00 14.52 ? 52  PHE A CE2 1 
ATOM   413 C CZ  . PHE A 1 52 ? 1.607   1.353   -5.906  1.00 14.85 ? 52  PHE A CZ  1 
ATOM   414 N N   . THR A 1 53 ? -4.278  -0.943  -2.693  1.00 16.15 ? 53  THR A N   1 
ATOM   415 C CA  . THR A 1 53 ? -5.047  -1.672  -1.677  1.00 17.67 ? 53  THR A CA  1 
ATOM   416 C C   . THR A 1 53 ? -4.408  -3.049  -1.487  1.00 18.24 ? 53  THR A C   1 
ATOM   417 O O   . THR A 1 53 ? -4.057  -3.708  -2.467  1.00 20.08 ? 53  THR A O   1 
ATOM   418 C CB  . THR A 1 53 ? -6.484  -1.826  -2.090  1.00 19.64 ? 53  THR A CB  1 
ATOM   419 O OG1 . THR A 1 53 ? -7.091  -0.531  -2.294  1.00 20.96 ? 53  THR A OG1 1 
ATOM   420 C CG2 . THR A 1 53 ? -7.196  -2.533  -1.080  1.00 22.10 ? 53  THR A CG2 1 
ATOM   421 N N   . VAL A 1 54 ? -4.211  -3.452  -0.250  1.00 17.52 ? 54  VAL A N   1 
ATOM   422 C CA  . VAL A 1 54 ? -3.829  -4.790  0.092   1.00 18.73 ? 54  VAL A CA  1 
ATOM   423 C C   . VAL A 1 54 ? -4.968  -5.383  0.912   1.00 21.72 ? 54  VAL A C   1 
ATOM   424 O O   . VAL A 1 54 ? -5.412  -4.796  1.893   1.00 21.54 ? 54  VAL A O   1 
ATOM   425 C CB  . VAL A 1 54 ? -2.479  -4.899  0.731   1.00 19.13 ? 54  VAL A CB  1 
ATOM   426 C CG1 . VAL A 1 54 ? -2.394  -4.173  2.038   1.00 20.47 ? 54  VAL A CG1 1 
ATOM   427 C CG2 . VAL A 1 54 ? -2.100  -6.358  0.951   1.00 21.23 ? 54  VAL A CG2 1 
ATOM   428 N N   . THR A 1 55 ? -5.448  -6.552  0.476   1.00 23.56 ? 55  THR A N   1 
ATOM   429 C CA  . THR A 1 55 ? -6.650  -7.176  1.063   1.00 26.51 ? 55  THR A CA  1 
ATOM   430 C C   . THR A 1 55 ? -6.239  -8.578  1.475   1.00 27.57 ? 55  THR A C   1 
ATOM   431 O O   . THR A 1 55 ? -5.825  -9.405  0.631   1.00 27.67 ? 55  THR A O   1 
ATOM   432 C CB  . THR A 1 55 ? -7.761  -7.206  0.078   1.00 29.90 ? 55  THR A CB  1 
ATOM   433 O OG1 . THR A 1 55 ? -8.063  -5.869  -0.334  1.00 31.54 ? 55  THR A OG1 1 
ATOM   434 C CG2 . THR A 1 55 ? -9.050  -7.875  0.684   1.00 31.16 ? 55  THR A CG2 1 
ATOM   435 N N   . GLU A 1 56 ? -6.327  -8.832  2.776   1.00 28.44 ? 56  GLU A N   1 
ATOM   436 C CA  . GLU A 1 56 ? -5.883  -10.095 3.358   1.00 32.34 ? 56  GLU A CA  1 
ATOM   437 C C   . GLU A 1 56 ? -7.021  -11.063 3.235   1.00 34.23 ? 56  GLU A C   1 
ATOM   438 O O   . GLU A 1 56 ? -8.192  -10.713 3.098   1.00 34.16 ? 56  GLU A O   1 
ATOM   439 C CB  . GLU A 1 56 ? -5.480  -10.024 4.835   1.00 33.28 ? 56  GLU A CB  1 
ATOM   440 C CG  . GLU A 1 56 ? -4.127  -9.419  5.028   1.00 35.67 ? 56  GLU A CG  1 
ATOM   441 C CD  . GLU A 1 56 ? -3.491  -9.713  6.369   1.00 36.34 ? 56  GLU A CD  1 
ATOM   442 O OE1 . GLU A 1 56 ? -4.090  -9.382  7.407   1.00 42.69 ? 56  GLU A OE1 1 
ATOM   443 O OE2 . GLU A 1 56 ? -2.379  -10.276 6.388   1.00 36.64 ? 56  GLU A OE2 1 
ATOM   444 O OXT . GLU A 1 56 ? -6.731  -12.248 3.273   1.00 39.41 ? 56  GLU A OXT 1 
HETATM 445 O O   . HOH B 2 .  ? -6.575  0.706   -4.679  1.00 23.76 ? 57  HOH A O   1 
HETATM 446 O O   . HOH B 2 .  ? 8.488   1.284   3.630   1.00 27.66 ? 58  HOH A O   1 
HETATM 447 O O   . HOH B 2 .  ? 3.574   7.023   -11.463 1.00 31.16 ? 59  HOH A O   1 
HETATM 448 O O   . HOH B 2 .  ? -9.030  4.660   -5.013  1.00 25.10 ? 60  HOH A O   1 
HETATM 449 O O   . HOH B 2 .  ? -2.621  9.452   -2.964  1.00 27.92 ? 61  HOH A O   1 
HETATM 450 O O   . HOH B 2 .  ? 7.526   -0.035  7.886   1.00 26.20 ? 62  HOH A O   1 
HETATM 451 O O   . HOH B 2 .  ? -6.699  -5.611  -2.772  1.00 31.85 ? 63  HOH A O   1 
HETATM 452 O O   . HOH B 2 .  ? 7.048   -11.417 1.437   1.00 34.84 ? 64  HOH A O   1 
HETATM 453 O O   . HOH B 2 .  ? 6.151   3.606   -12.049 1.00 26.35 ? 65  HOH A O   1 
HETATM 454 O O   . HOH B 2 .  ? 8.239   -1.879  -7.509  1.00 28.36 ? 66  HOH A O   1 
HETATM 455 O O   . HOH B 2 .  ? 6.369   -10.864 6.409   1.00 45.19 ? 67  HOH A O   1 
HETATM 456 O O   . HOH B 2 .  ? -1.436  -9.573  -5.363  1.00 34.53 ? 68  HOH A O   1 
HETATM 457 O O   . HOH B 2 .  ? 6.041   10.175  -11.701 1.00 28.99 ? 69  HOH A O   1 
HETATM 458 O O   . HOH B 2 .  ? 4.691   -7.346  0.729   1.00 29.10 ? 70  HOH A O   1 
HETATM 459 O O   . HOH B 2 .  ? 8.820   7.992   1.533   1.00 34.80 ? 71  HOH A O   1 
HETATM 460 O O   . HOH B 2 .  ? 6.212   -8.428  -1.266  1.00 33.22 ? 72  HOH A O   1 
HETATM 461 O O   . HOH B 2 .  ? 14.439  -2.291  3.389   1.00 46.59 ? 73  HOH A O   1 
HETATM 462 O O   . HOH B 2 .  ? 3.968   4.580   -13.245 1.00 33.03 ? 74  HOH A O   1 
HETATM 463 O O   . HOH B 2 .  ? 3.782   10.387  4.674   1.00 40.72 ? 75  HOH A O   1 
HETATM 464 O O   . HOH B 2 .  ? -8.867  1.979   -4.938  1.00 31.66 ? 76  HOH A O   1 
HETATM 465 O O   . HOH B 2 .  ? -10.291 9.382   -10.164 1.00 30.83 ? 77  HOH A O   1 
HETATM 466 O O   . HOH B 2 .  ? -7.477  -6.196  15.415  1.00 27.88 ? 78  HOH A O   1 
HETATM 467 O O   . HOH B 2 .  ? -6.830  10.926  -11.658 1.00 40.63 ? 79  HOH A O   1 
HETATM 468 O O   . HOH B 2 .  ? 6.450   -6.081  -6.184  1.00 35.08 ? 80  HOH A O   1 
HETATM 469 O O   . HOH B 2 .  ? -10.803 5.129   -9.347  1.00 43.97 ? 81  HOH A O   1 
HETATM 470 O O   . HOH B 2 .  ? 10.454  -6.046  2.574   1.00 22.97 ? 82  HOH A O   1 
HETATM 471 O O   . HOH B 2 .  ? -9.792  -0.283  -1.989  1.00 33.79 ? 83  HOH A O   1 
HETATM 472 O O   . HOH B 2 .  ? 1.246   14.603  -4.023  1.00 43.99 ? 84  HOH A O   1 
HETATM 473 O O   . HOH B 2 .  ? -3.435  -7.640  9.624   1.00 34.82 ? 85  HOH A O   1 
HETATM 474 O O   . HOH B 2 .  ? -10.489 -2.152  -3.625  1.00 44.00 ? 86  HOH A O   1 
HETATM 475 O O   . HOH B 2 .  ? 10.796  0.649   3.567   1.00 42.04 ? 87  HOH A O   1 
HETATM 476 O O   . HOH B 2 .  ? -3.296  9.122   -13.849 1.00 53.59 ? 88  HOH A O   1 
HETATM 477 O O   . HOH B 2 .  ? 8.619   3.181   -13.277 1.00 27.73 ? 89  HOH A O   1 
HETATM 478 O O   . HOH B 2 .  ? -2.409  -8.558  -7.705  1.00 44.88 ? 90  HOH A O   1 
HETATM 479 O O   . HOH B 2 .  ? 10.251  1.106   -12.472 1.00 37.91 ? 91  HOH A O   1 
HETATM 480 O O   . HOH B 2 .  ? 2.239   15.044  -7.059  1.00 34.43 ? 92  HOH A O   1 
HETATM 481 O O   . HOH B 2 .  ? -0.875  -3.298  -9.200  1.00 35.51 ? 93  HOH A O   1 
HETATM 482 O O   . HOH B 2 .  ? 0.414   -4.491  14.468  1.00 39.64 ? 94  HOH A O   1 
HETATM 483 O O   . HOH B 2 .  ? 11.285  4.126   -10.536 1.00 41.52 ? 95  HOH A O   1 
HETATM 484 O O   . HOH B 2 .  ? 1.190   -9.352  0.286   1.00 40.85 ? 96  HOH A O   1 
HETATM 485 O O   . HOH B 2 .  ? 4.242   15.409  -2.615  1.00 43.13 ? 97  HOH A O   1 
HETATM 486 O O   . HOH B 2 .  ? -1.127  -7.600  10.541  1.00 43.02 ? 98  HOH A O   1 
HETATM 487 O O   . HOH B 2 .  ? 14.804  -0.830  -1.310  1.00 36.23 ? 99  HOH A O   1 
HETATM 488 O O   . HOH B 2 .  ? 11.196  1.876   -8.153  1.00 46.22 ? 100 HOH A O   1 
HETATM 489 O O   . HOH B 2 .  ? 2.969   -8.971  1.703   1.00 44.01 ? 101 HOH A O   1 
HETATM 490 O O   . HOH B 2 .  ? 10.416  -1.038  5.433   1.00 44.25 ? 102 HOH A O   1 
HETATM 491 O O   . HOH B 2 .  ? -9.579  -0.769  5.342   1.00 37.10 ? 103 HOH A O   1 
HETATM 492 O O   . HOH B 2 .  ? -10.422 -4.679  -0.467  1.00 41.63 ? 104 HOH A O   1 
HETATM 493 O O   . HOH B 2 .  ? -1.320  -1.711  8.350   1.00 36.49 ? 105 HOH A O   1 
HETATM 494 O O   . HOH B 2 .  ? 12.241  -2.544  8.074   1.00 44.18 ? 106 HOH A O   1 
HETATM 495 O O   . HOH B 2 .  ? 4.163   -9.570  -4.141  1.00 49.39 ? 107 HOH A O   1 
HETATM 496 O O   . HOH B 2 .  ? -10.323 1.383   -7.282  1.00 50.77 ? 108 HOH A O   1 
HETATM 497 O O   . HOH B 2 .  ? -9.423  4.414   5.040   1.00 42.54 ? 109 HOH A O   1 
HETATM 498 O O   . HOH B 2 .  ? 2.352   -7.229  -9.364  1.00 55.89 ? 110 HOH A O   1 
# 
loop_
_atom_site_anisotrop.id 
_atom_site_anisotrop.type_symbol 
_atom_site_anisotrop.pdbx_label_atom_id 
_atom_site_anisotrop.pdbx_label_alt_id 
_atom_site_anisotrop.pdbx_label_comp_id 
_atom_site_anisotrop.pdbx_label_asym_id 
_atom_site_anisotrop.pdbx_label_seq_id 
_atom_site_anisotrop.pdbx_PDB_ins_code 
_atom_site_anisotrop.U[1][1] 
_atom_site_anisotrop.U[2][2] 
_atom_site_anisotrop.U[3][3] 
_atom_site_anisotrop.U[1][2] 
_atom_site_anisotrop.U[1][3] 
_atom_site_anisotrop.U[2][3] 
_atom_site_anisotrop.pdbx_auth_seq_id 
_atom_site_anisotrop.pdbx_auth_comp_id 
_atom_site_anisotrop.pdbx_auth_asym_id 
_atom_site_anisotrop.pdbx_auth_atom_id 
1   N N   . MET A 1  ? 0.3654 0.2754 0.3119 -0.0412 0.0730  0.0652  1   MET A N   
2   C CA  . MET A 1  ? 0.3704 0.2867 0.2956 -0.0551 0.0277  0.0578  1   MET A CA  
3   C C   . MET A 1  ? 0.3203 0.2571 0.2678 -0.0398 0.0390  0.0397  1   MET A C   
4   O O   . MET A 1  ? 0.2921 0.2527 0.2209 -0.0472 0.0417  0.0116  1   MET A O   
5   C CB  . MET A 1  ? 0.4330 0.4132 0.2938 -0.0552 -0.0007 0.0899  1   MET A CB  
6   C CG  . MET A 1  ? 0.4750 0.4578 0.4131 -0.0631 -0.0199 0.0182  1   MET A CG  
7   S SD  . MET A 1  ? 0.5767 0.4143 0.4824 -0.0156 0.0023  0.0566  1   MET A SD  
8   C CE  . MET A 1  ? 0.5339 0.5399 0.5334 0.0206  0.0082  0.0147  1   MET A CE  
9   N N   . GLN A 2  ? 0.3219 0.2182 0.2876 -0.0100 0.0348  0.0173  2   GLN A N   
10  C CA  . GLN A 2  ? 0.3069 0.2385 0.2610 -0.0204 0.0484  0.0136  2   GLN A CA  
11  C C   . GLN A 2  ? 0.2968 0.2232 0.2360 -0.0096 0.0371  0.0168  2   GLN A C   
12  O O   . GLN A 2  ? 0.3140 0.2341 0.3208 0.0130  -0.0021 0.0581  2   GLN A O   
13  C CB  . GLN A 2  ? 0.3489 0.2268 0.3342 -0.0259 0.0662  0.0232  2   GLN A CB  
14  C CG  . GLN A 2  ? 0.4025 0.3645 0.4310 -0.0613 0.0637  -0.0274 2   GLN A CG  
15  C CD  . GLN A 2  ? 0.5618 0.5350 0.5327 -0.0256 0.0018  0.0035  2   GLN A CD  
16  O OE1 . GLN A 2  ? 0.6996 0.6851 0.5643 -0.0309 0.0748  0.0111  2   GLN A OE1 
17  N NE2 . GLN A 2  ? 0.5982 0.6322 0.5895 -0.0370 0.0284  -0.0085 2   GLN A NE2 
18  N N   . PHE A 3  ? 0.2561 0.1836 0.1938 -0.0111 0.0398  0.0323  3   PHE A N   
19  C CA  . PHE A 3  ? 0.2186 0.1995 0.1523 -0.0269 0.0507  -0.0086 3   PHE A CA  
20  C C   . PHE A 3  ? 0.2162 0.1681 0.1718 0.0070  0.0233  -0.0001 3   PHE A C   
21  O O   . PHE A 3  ? 0.2200 0.2192 0.1666 -0.0136 0.0266  -0.0074 3   PHE A O   
22  C CB  . PHE A 3  ? 0.2377 0.2085 0.1403 0.0125  0.0366  0.0207  3   PHE A CB  
23  C CG  . PHE A 3  ? 0.1961 0.1855 0.1636 0.0070  0.0205  -0.0142 3   PHE A CG  
24  C CD1 . PHE A 3  ? 0.2522 0.2161 0.1705 0.0116  0.0058  0.0227  3   PHE A CD1 
25  C CD2 . PHE A 3  ? 0.2374 0.1931 0.1534 0.0194  0.0231  0.0098  3   PHE A CD2 
26  C CE1 . PHE A 3  ? 0.2548 0.2346 0.1925 -0.0129 0.0224  0.0164  3   PHE A CE1 
27  C CE2 . PHE A 3  ? 0.2410 0.2055 0.1678 0.0084  0.0450  0.0032  3   PHE A CE2 
28  C CZ  . PHE A 3  ? 0.2777 0.2552 0.1323 0.0275  0.0706  0.0181  3   PHE A CZ  
29  N N   . LYS A 4  ? 0.2168 0.2032 0.1428 0.0252  0.0181  0.0168  4   LYS A N   
30  C CA  . LYS A 4  ? 0.2126 0.1846 0.1346 0.0065  0.0235  0.0134  4   LYS A CA  
31  C C   . LYS A 4  ? 0.1915 0.1894 0.1345 -0.0024 0.0228  0.0068  4   LYS A C   
32  O O   . LYS A 4  ? 0.2193 0.2044 0.1416 0.0156  0.0118  -0.0010 4   LYS A O   
33  C CB  . LYS A 4  ? 0.2295 0.2024 0.1621 0.0180  0.0180  0.0047  4   LYS A CB  
34  C CG  . LYS A 4  ? 0.2736 0.2998 0.2755 0.0182  -0.0030 0.0401  4   LYS A CG  
35  C CD  . LYS A 4  ? 0.3106 0.3683 0.3103 0.0582  0.0455  0.0188  4   LYS A CD  
36  C CE  . LYS A 4  ? 0.3739 0.3688 0.3685 0.0921  -0.0251 -0.0227 4   LYS A CE  
37  N NZ  . LYS A 4  ? 0.2936 0.4118 0.2585 0.1354  0.0012  -0.0191 4   LYS A NZ  
38  N N   . LEU A 5  ? 0.2089 0.1537 0.1558 0.0138  0.0163  0.0080  5   LEU A N   
39  C CA  . LEU A 5  ? 0.1899 0.1879 0.1500 0.0030  0.0219  0.0089  5   LEU A CA  
40  C C   . LEU A 5  ? 0.1755 0.1889 0.1450 0.0064  0.0073  0.0050  5   LEU A C   
41  O O   . LEU A 5  ? 0.1987 0.1877 0.1515 0.0020  0.0111  -0.0094 5   LEU A O   
42  C CB  . LEU A 5  ? 0.1849 0.1808 0.1597 -0.0018 0.0169  -0.0046 5   LEU A CB  
43  C CG  . LEU A 5  ? 0.1847 0.1919 0.1685 0.0060  0.0219  0.0178  5   LEU A CG  
44  C CD1 . LEU A 5  ? 0.2234 0.1915 0.1465 0.0029  0.0247  -0.0001 5   LEU A CD1 
45  C CD2 . LEU A 5  ? 0.2162 0.2150 0.1892 0.0017  0.0277  0.0320  5   LEU A CD2 
46  N N   . ILE A 6  ? 0.1609 0.2094 0.1836 -0.0017 0.0389  -0.0023 6   ILE A N   
47  C CA  . ILE A 6  ? 0.1896 0.2122 0.1873 -0.0014 0.0235  -0.0159 6   ILE A CA  
48  C C   . ILE A 6  ? 0.2009 0.2136 0.1773 -0.0176 0.0417  0.0078  6   ILE A C   
49  O O   . ILE A 6  ? 0.2408 0.2176 0.1794 -0.0019 0.0352  -0.0066 6   ILE A O   
50  C CB  . ILE A 6  ? 0.1862 0.2491 0.2092 -0.0163 0.0424  -0.0001 6   ILE A CB  
51  C CG1 . ILE A 6  ? 0.2028 0.2444 0.2384 0.0178  0.0416  -0.0263 6   ILE A CG1 
52  C CG2 . ILE A 6  ? 0.2040 0.2722 0.2465 -0.0197 0.0358  0.0150  6   ILE A CG2 
53  C CD1 . ILE A 6  ? 0.2200 0.3031 0.2717 0.0325  0.0463  0.0094  6   ILE A CD1 
54  N N   . ILE A 7  ? 0.2149 0.2039 0.1847 -0.0053 0.0225  0.0319  7   ILE A N   
55  C CA  . ILE A 7  ? 0.2287 0.2306 0.2085 -0.0148 0.0553  -0.0022 7   ILE A CA  
56  C C   . ILE A 7  ? 0.2443 0.2227 0.2298 -0.0223 0.0419  -0.0049 7   ILE A C   
57  O O   . ILE A 7  ? 0.2567 0.2530 0.2425 -0.0168 0.0730  0.0078  7   ILE A O   
58  C CB  . ILE A 7  ? 0.2277 0.2651 0.2449 0.0217  0.0390  0.0293  7   ILE A CB  
59  C CG1 . ILE A 7  ? 0.2025 0.4313 0.2143 0.0023  0.0223  0.0290  7   ILE A CG1 
60  C CG2 . ILE A 7  ? 0.3364 0.3193 0.2427 0.0238  0.0595  0.0607  7   ILE A CG2 
61  C CD1 . ILE A 7  ? 0.2601 0.3291 0.4483 -0.0295 0.0748  -0.0102 7   ILE A CD1 
62  N N   . ASN A 8  ? 0.2983 0.2799 0.2713 -0.0234 0.0788  -0.0169 8   ASN A N   
63  C CA  . ASN A 8  ? 0.3359 0.3418 0.3441 -0.0461 0.0642  -0.0080 8   ASN A CA  
64  C C   . ASN A 8  ? 0.4042 0.3572 0.3290 -0.0471 0.0519  -0.0105 8   ASN A C   
65  O O   . ASN A 8  ? 0.4019 0.3100 0.3359 -0.0979 0.0876  -0.0224 8   ASN A O   
66  C CB  . ASN A 8  ? 0.2802 0.3850 0.3700 -0.0592 0.0515  -0.0447 8   ASN A CB  
67  C CG  . ASN A 8  ? 0.4566 0.5116 0.4655 -0.0506 0.0489  -0.0195 8   ASN A CG  
68  O OD1 . ASN A 8  ? 0.6178 0.5958 0.5702 -0.1008 0.0713  -0.0735 8   ASN A OD1 
69  N ND2 . ASN A 8  ? 0.6000 0.6110 0.4357 -0.0575 0.0336  -0.0199 8   ASN A ND2 
70  N N   . GLY A 9  ? 0.3918 0.3494 0.3638 -0.0466 0.0042  -0.0197 9   GLY A N   
71  C CA  . GLY A 9  ? 0.4365 0.4198 0.3908 -0.0343 0.0157  -0.0026 9   GLY A CA  
72  C C   . GLY A 9  ? 0.4472 0.4317 0.4099 -0.0344 0.0059  0.0040  9   GLY A C   
73  O O   . GLY A 9  ? 0.4823 0.4854 0.3676 -0.0376 0.0605  0.0096  9   GLY A O   
74  N N   . LYS A 10 ? 0.5055 0.4627 0.4664 -0.0189 0.0338  0.0005  10  LYS A N   
75  C CA  . LYS A 10 ? 0.5095 0.4716 0.4651 -0.0202 0.0261  0.0032  10  LYS A CA  
76  C C   . LYS A 10 ? 0.5265 0.4834 0.4765 -0.0199 0.0370  -0.0013 10  LYS A C   
77  O O   . LYS A 10 ? 0.5174 0.4817 0.5479 -0.0237 0.0779  -0.0174 10  LYS A O   
78  C CB  . LYS A 10 ? 0.5222 0.4634 0.5061 -0.0204 0.0214  -0.0090 10  LYS A CB  
79  C CG  . LYS A 10 ? 0.5450 0.5286 0.5008 -0.0129 0.0135  -0.0187 10  LYS A CG  
80  C CD  . LYS A 10 ? 0.5100 0.4986 0.4905 -0.0112 0.0094  -0.0048 10  LYS A CD  
81  C CE  . LYS A 10 ? 0.5024 0.4916 0.4939 -0.0042 0.0036  -0.0058 10  LYS A CE  
82  N NZ  . LYS A 10 ? 0.5008 0.4983 0.4978 -0.0021 0.0021  -0.0016 10  LYS A NZ  
83  N N   . THR A 11 ? 0.5288 0.4798 0.4651 -0.0188 0.0128  0.0069  11  THR A N   
84  C CA  . THR A 11 ? 0.5167 0.4372 0.4516 -0.0128 0.0258  0.0116  11  THR A CA  
85  C C   . THR A 11 ? 0.5040 0.4094 0.4068 0.0006  0.0445  0.0117  11  THR A C   
86  O O   . THR A 11 ? 0.5089 0.3557 0.3984 -0.0234 0.0927  0.0009  11  THR A O   
87  C CB  . THR A 11 ? 0.5310 0.4640 0.4894 0.0066  0.0000  0.0084  11  THR A CB  
88  O OG1 . THR A 11 ? 0.6427 0.5337 0.5785 -0.0115 0.0429  0.0484  11  THR A OG1 
89  C CG2 . THR A 11 ? 0.5795 0.5354 0.5016 -0.0062 0.0078  -0.0015 11  THR A CG2 
90  N N   . LEU A 12 ? 0.4580 0.4036 0.3673 0.0171  0.0229  0.0079  12  LEU A N   
91  C CA  . LEU A 12 ? 0.4216 0.3674 0.2929 0.0059  -0.0045 0.0148  12  LEU A CA  
92  C C   . LEU A 12 ? 0.4079 0.3487 0.2601 -0.0038 0.0092  0.0007  12  LEU A C   
93  O O   . LEU A 12 ? 0.5046 0.3529 0.2958 -0.0420 -0.0012 -0.0071 12  LEU A O   
94  C CB  . LEU A 12 ? 0.4657 0.3578 0.3519 0.0072  -0.0187 -0.0113 12  LEU A CB  
95  C CG  . LEU A 12 ? 0.4172 0.3748 0.3869 0.0204  0.0194  -0.0443 12  LEU A CG  
96  C CD1 . LEU A 12 ? 0.4609 0.4069 0.4834 0.0114  0.0232  -0.0257 12  LEU A CD1 
97  C CD2 . LEU A 12 ? 0.4859 0.4034 0.3781 0.0017  0.0492  -0.0377 12  LEU A CD2 
98  N N   . LYS A 13 ? 0.3784 0.2918 0.2047 -0.0391 -0.0310 0.0189  13  LYS A N   
99  C CA  . LYS A 13 ? 0.3371 0.3037 0.2183 -0.0554 -0.0034 0.0178  13  LYS A CA  
100 C C   . LYS A 13 ? 0.3010 0.2606 0.1592 -0.0294 0.0062  0.0071  13  LYS A C   
101 O O   . LYS A 13 ? 0.3649 0.2968 0.1601 -0.0642 0.0347  0.0014  13  LYS A O   
102 C CB  . LYS A 13 ? 0.3589 0.3619 0.2809 -0.0459 0.0165  0.0053  13  LYS A CB  
103 C CG  . LYS A 13 ? 0.4283 0.4016 0.4099 -0.0145 0.0151  0.0158  13  LYS A CG  
104 C CD  . LYS A 13 ? 0.3867 0.4927 0.4475 -0.0497 -0.0035 0.0083  13  LYS A CD  
105 C CE  . LYS A 13 ? 0.4352 0.4442 0.4443 -0.0090 0.0005  0.0014  13  LYS A CE  
106 N NZ  . LYS A 13 ? 0.4312 0.4382 0.4356 -0.0082 0.0020  0.0023  13  LYS A NZ  
107 N N   . GLY A 14 ? 0.3023 0.2253 0.1675 -0.0502 0.0112  0.0011  14  GLY A N   
108 C CA  . GLY A 14 ? 0.2985 0.2409 0.1904 -0.0191 0.0607  0.0076  14  GLY A CA  
109 C C   . GLY A 14 ? 0.2031 0.2039 0.1598 0.0000  0.0674  -0.0064 14  GLY A C   
110 O O   . GLY A 14 ? 0.2388 0.2420 0.1738 -0.0014 0.0284  -0.0179 14  GLY A O   
111 N N   . GLU A 15 ? 0.2114 0.2129 0.1542 0.0075  0.0180  -0.0019 15  GLU A N   
112 C CA  . GLU A 15 ? 0.2125 0.2621 0.1469 0.0106  0.0283  0.0076  15  GLU A CA  
113 C C   . GLU A 15 ? 0.2352 0.2541 0.1704 -0.0242 0.0158  0.0035  15  GLU A C   
114 O O   . GLU A 15 ? 0.2381 0.3317 0.1925 -0.0449 0.0486  -0.0432 15  GLU A O   
115 C CB  . GLU A 15 ? 0.2876 0.2900 0.1734 -0.0070 0.0312  0.0437  15  GLU A CB  
116 C CG  . GLU A 15 ? 0.2397 0.2880 0.1927 0.0171  0.0519  0.0026  15  GLU A CG  
117 C CD  . GLU A 15 ? 0.2987 0.3370 0.2891 0.0517  -0.0381 -0.0497 15  GLU A CD  
118 O OE1 . GLU A 15 ? 0.3532 0.2833 0.3238 0.0612  -0.0855 -0.0121 15  GLU A OE1 
119 O OE2 . GLU A 15 ? 0.3681 0.4030 0.3450 0.0733  -0.0500 -0.0334 15  GLU A OE2 
120 N N   . ILE A 16 ? 0.2051 0.2317 0.1473 -0.0058 0.0186  -0.0038 16  ILE A N   
121 C CA  . ILE A 16 ? 0.2088 0.2229 0.1384 -0.0015 0.0063  0.0104  16  ILE A CA  
122 C C   . ILE A 16 ? 0.2348 0.2332 0.1550 -0.0006 0.0247  -0.0091 16  ILE A C   
123 O O   . ILE A 16 ? 0.2836 0.2258 0.1466 -0.0279 0.0216  -0.0010 16  ILE A O   
124 C CB  . ILE A 16 ? 0.2345 0.3029 0.1948 -0.0165 -0.0041 0.0705  16  ILE A CB  
125 C CG1 . ILE A 16 ? 0.3068 0.2900 0.2959 0.0091  -0.0190 0.0239  16  ILE A CG1 
126 C CG2 . ILE A 16 ? 0.2703 0.3673 0.2961 0.0239  0.0327  0.1193  16  ILE A CG2 
127 C CD1 . ILE A 16 ? 0.3563 0.3433 0.3565 0.0604  -0.0209 0.0400  16  ILE A CD1 
128 N N   . THR A 17 ? 0.2301 0.2319 0.1180 -0.0122 0.0419  0.0042  17  THR A N   
129 C CA  . THR A 17 ? 0.2441 0.2310 0.1560 -0.0263 0.0285  -0.0020 17  THR A CA  
130 C C   . THR A 17 ? 0.2481 0.2716 0.1355 -0.0386 0.0483  0.0025  17  THR A C   
131 O O   . THR A 17 ? 0.2726 0.3406 0.1549 -0.0673 0.0394  -0.0108 17  THR A O   
132 C CB  . THR A 17 ? 0.3506 0.2464 0.2088 -0.0133 0.0404  0.0473  17  THR A CB  
133 O OG1 . THR A 17 ? 0.4335 0.3352 0.3163 0.0069  0.0496  0.0123  17  THR A OG1 
134 C CG2 . THR A 17 ? 0.3036 0.1873 0.2664 0.0201  -0.0002 0.0260  17  THR A CG2 
135 N N   . LEU A 18 ? 0.2441 0.2675 0.1695 -0.0525 0.0430  -0.0022 18  LEU A N   
136 C CA  . LEU A 18 ? 0.2493 0.2835 0.2047 -0.0387 0.0304  0.0141  18  LEU A CA  
137 C C   . LEU A 18 ? 0.2746 0.3158 0.2226 -0.0559 0.0274  0.0068  18  LEU A C   
138 O O   . LEU A 18 ? 0.3116 0.3496 0.1939 -0.0511 0.0343  0.0238  18  LEU A O   
139 C CB  . LEU A 18 ? 0.2800 0.3331 0.2179 -0.0453 0.0282  0.0385  18  LEU A CB  
140 C CG  . LEU A 18 ? 0.2983 0.2887 0.2746 -0.0225 0.0120  0.0088  18  LEU A CG  
141 C CD1 . LEU A 18 ? 0.2981 0.3293 0.2535 -0.0203 -0.0179 -0.0245 18  LEU A CD1 
142 C CD2 . LEU A 18 ? 0.2620 0.3089 0.3211 -0.0322 0.0377  0.0327  18  LEU A CD2 
143 N N   . GLU A 19 ? 0.2789 0.3019 0.2007 -0.0606 0.0018  -0.0034 19  GLU A N   
144 C CA  . GLU A 19 ? 0.2676 0.2469 0.2001 -0.0524 0.0218  0.0152  19  GLU A CA  
145 C C   . GLU A 19 ? 0.2329 0.3072 0.2087 -0.0625 0.0405  0.0215  19  GLU A C   
146 O O   . GLU A 19 ? 0.2763 0.3365 0.1969 -0.0403 0.0349  0.0164  19  GLU A O   
147 C CB  . GLU A 19 ? 0.2868 0.3021 0.2142 -0.0630 0.0426  0.0219  19  GLU A CB  
148 C CG  . GLU A 19 ? 0.3353 0.3456 0.2941 -0.0559 0.0396  0.0126  19  GLU A CG  
149 C CD  . GLU A 19 ? 0.3285 0.4077 0.3402 -0.0719 -0.0069 -0.0011 19  GLU A CD  
150 O OE1 . GLU A 19 ? 0.4314 0.2907 0.4996 -0.0239 0.0026  0.0256  19  GLU A OE1 
151 O OE2 . GLU A 19 ? 0.4129 0.3419 0.3314 -0.1599 0.0416  0.0520  19  GLU A OE2 
152 N N   . ALA A 20 ? 0.2349 0.2409 0.2018 -0.0574 0.0157  0.0173  20  ALA A N   
153 C CA  . ALA A 20 ? 0.2344 0.2340 0.2238 -0.0493 0.0242  0.0080  20  ALA A CA  
154 C C   . ALA A 20 ? 0.2262 0.1942 0.2228 -0.0317 0.0332  0.0018  20  ALA A C   
155 O O   . ALA A 20 ? 0.2788 0.2443 0.2295 -0.0288 0.0423  0.0489  20  ALA A O   
156 C CB  . ALA A 20 ? 0.2764 0.2622 0.2087 -0.0233 0.0434  0.0331  20  ALA A CB  
157 N N   . VAL A 21 ? 0.2687 0.2374 0.1923 -0.0518 0.0401  -0.0185 21  VAL A N   
158 C CA  . VAL A 21 ? 0.2466 0.2190 0.1993 -0.0311 0.0197  0.0230  21  VAL A CA  
159 C C   . VAL A 21 ? 0.2554 0.1972 0.2254 -0.0305 0.0171  0.0365  21  VAL A C   
160 O O   . VAL A 21 ? 0.3218 0.1943 0.2589 -0.0575 -0.0011 0.0513  21  VAL A O   
161 C CB  . VAL A 21 ? 0.2510 0.2505 0.1997 -0.0589 -0.0025 -0.0086 21  VAL A CB  
162 C CG1 . VAL A 21 ? 0.2854 0.2542 0.2324 -0.0647 0.0445  -0.0062 21  VAL A CG1 
163 C CG2 . VAL A 21 ? 0.3169 0.2512 0.2529 -0.0614 0.0210  0.0078  21  VAL A CG2 
164 N N   . ASP A 22 ? 0.2724 0.2249 0.1872 -0.0411 0.0479  0.0382  22  ASP A N   
165 C CA  . ASP A 22 ? 0.2439 0.2075 0.1977 -0.0209 0.0218  0.0333  22  ASP A CA  
166 C C   . ASP A 22 ? 0.2260 0.1888 0.1683 0.0019  0.0229  0.0071  22  ASP A C   
167 O O   . ASP A 22 ? 0.2141 0.1984 0.1510 -0.0157 0.0210  0.0185  22  ASP A O   
168 C CB  . ASP A 22 ? 0.2646 0.2514 0.1892 -0.0527 0.0038  0.0030  22  ASP A CB  
169 C CG  . ASP A 22 ? 0.2689 0.1979 0.2250 -0.0456 0.0532  -0.0320 22  ASP A CG  
170 O OD1 . ASP A 22 ? 0.2720 0.2619 0.2213 -0.0444 0.0659  0.0081  22  ASP A OD1 
171 O OD2 . ASP A 22 ? 0.3276 0.2599 0.2307 -0.0415 0.1215  -0.0316 22  ASP A OD2 
172 N N   . ALA A 23 ? 0.2367 0.2131 0.1649 -0.0215 0.0076  0.0344  23  ALA A N   
173 C CA  . ALA A 23 ? 0.2192 0.2061 0.1738 0.0080  0.0272  0.0037  23  ALA A CA  
174 C C   . ALA A 23 ? 0.2154 0.1891 0.1515 -0.0018 -0.0003 -0.0082 23  ALA A C   
175 O O   . ALA A 23 ? 0.2397 0.1805 0.1636 -0.0067 0.0050  -0.0016 23  ALA A O   
176 C CB  . ALA A 23 ? 0.2061 0.2314 0.2074 0.0041  0.0068  0.0246  23  ALA A CB  
177 N N   . ALA A 24 ? 0.2339 0.1750 0.1770 -0.0159 0.0239  -0.0210 24  ALA A N   
178 C CA  . ALA A 24 ? 0.2137 0.1902 0.1840 -0.0121 0.0542  -0.0140 24  ALA A CA  
179 C C   . ALA A 24 ? 0.2188 0.1950 0.1906 -0.0040 0.0609  0.0221  24  ALA A C   
180 O O   . ALA A 24 ? 0.1954 0.2193 0.2032 0.0016  0.0441  0.0130  24  ALA A O   
181 C CB  . ALA A 24 ? 0.2903 0.2176 0.2138 -0.0089 0.0466  -0.0419 24  ALA A CB  
182 N N   . GLU A 25 ? 0.2069 0.2051 0.1886 -0.0052 0.0316  -0.0147 25  GLU A N   
183 C CA  . GLU A 25 ? 0.1932 0.2419 0.2169 0.0051  0.0529  -0.0267 25  GLU A CA  
184 C C   . GLU A 25 ? 0.2318 0.2134 0.1864 -0.0095 0.0181  -0.0019 25  GLU A C   
185 O O   . GLU A 25 ? 0.2057 0.2258 0.2112 0.0012  0.0169  0.0185  25  GLU A O   
186 C CB  . GLU A 25 ? 0.2247 0.2634 0.2243 -0.0205 0.0816  -0.0144 25  GLU A CB  
187 C CG  . GLU A 25 ? 0.3325 0.3565 0.2785 -0.0154 0.0254  -0.0039 25  GLU A CG  
188 C CD  . GLU A 25 ? 0.2879 0.4017 0.4116 -0.0571 0.0336  -0.0255 25  GLU A CD  
189 O OE1 . GLU A 25 ? 0.4809 0.7315 0.6038 0.0505  0.0887  -0.0144 25  GLU A OE1 
190 O OE2 . GLU A 25 ? 0.4223 0.4450 0.2828 0.0088  0.0867  0.0117  25  GLU A OE2 
191 N N   . ALA A 26 ? 0.1900 0.2025 0.1565 0.0064  0.0401  0.0065  26  ALA A N   
192 C CA  . ALA A 26 ? 0.2064 0.1802 0.1749 -0.0170 0.0272  0.0001  26  ALA A CA  
193 C C   . ALA A 26 ? 0.1940 0.1793 0.1750 0.0123  0.0089  0.0080  26  ALA A C   
194 O O   . ALA A 26 ? 0.2069 0.2383 0.1617 0.0313  0.0385  0.0262  26  ALA A O   
195 C CB  . ALA A 26 ? 0.1945 0.1798 0.1871 -0.0131 0.0378  0.0092  26  ALA A CB  
196 N N   . GLU A 27 ? 0.1948 0.1949 0.1736 0.0031  0.0134  0.0021  27  GLU A N   
197 C CA  . GLU A 27 ? 0.1959 0.1908 0.2023 0.0290  0.0245  0.0072  27  GLU A CA  
198 C C   . GLU A 27 ? 0.2043 0.2528 0.1759 0.0260  0.0043  0.0001  27  GLU A C   
199 O O   . GLU A 27 ? 0.2031 0.1935 0.2054 0.0310  0.0406  0.0188  27  GLU A O   
200 C CB  . GLU A 27 ? 0.2253 0.1763 0.2032 -0.0035 0.0184  0.0201  27  GLU A CB  
201 C CG  . GLU A 27 ? 0.2323 0.2205 0.2549 -0.0067 -0.0383 -0.0103 27  GLU A CG  
202 C CD  . GLU A 27 ? 0.3253 0.2404 0.2832 -0.0371 -0.0456 -0.0420 27  GLU A CD  
203 O OE1 . GLU A 27 ? 0.4300 0.3522 0.3533 0.0248  0.0355  -0.0736 27  GLU A OE1 
204 O OE2 . GLU A 27 ? 0.5303 0.3460 0.4588 -0.1229 -0.0562 -0.0581 27  GLU A OE2 
205 N N   . LYS A 28 ? 0.2021 0.2272 0.1811 0.0196  0.0339  0.0266  28  LYS A N   
206 C CA  . LYS A 28 ? 0.2002 0.2449 0.1948 0.0332  0.0399  0.0108  28  LYS A CA  
207 C C   . LYS A 28 ? 0.1942 0.2310 0.2131 0.0328  0.0209  0.0153  28  LYS A C   
208 O O   . LYS A 28 ? 0.2126 0.2350 0.2239 0.0468  0.0005  0.0182  28  LYS A O   
209 C CB  . LYS A 28 ? 0.2295 0.2682 0.2188 0.0327  0.0147  0.0233  28  LYS A CB  
210 C CG  . LYS A 28 ? 0.2137 0.3296 0.2821 0.0319  0.0585  0.0109  28  LYS A CG  
211 C CD  . LYS A 28 ? 0.2062 0.4501 0.2660 -0.0215 0.0320  0.0220  28  LYS A CD  
212 C CE  . LYS A 28 ? 0.3058 0.3650 0.3163 0.0068  0.0096  0.0181  28  LYS A CE  
213 N NZ  . LYS A 28 ? 0.3059 0.3340 0.3090 -0.0033 0.0062  0.0044  28  LYS A NZ  
214 N N   . LYS A 29 ? 0.2175 0.2209 0.1911 0.0242  0.0328  0.0211  29  LYS A N   
215 C CA  . LYS A 29 ? 0.1946 0.2312 0.1895 0.0158  0.0088  -0.0065 29  LYS A CA  
216 C C   . LYS A 29 ? 0.1862 0.2483 0.1662 0.0330  0.0060  -0.0066 29  LYS A C   
217 O O   . LYS A 29 ? 0.2024 0.2629 0.1597 0.0446  -0.0052 0.0089  29  LYS A O   
218 C CB  . LYS A 29 ? 0.2145 0.2615 0.1734 -0.0044 0.0363  -0.0055 29  LYS A CB  
219 C CG  . LYS A 29 ? 0.2633 0.3084 0.1844 -0.0152 0.0342  -0.0297 29  LYS A CG  
220 C CD  . LYS A 29 ? 0.3181 0.2871 0.3444 -0.0337 0.0192  0.0056  29  LYS A CD  
221 C CE  . LYS A 29 ? 0.4297 0.3789 0.3958 -0.0379 0.0815  -0.0097 29  LYS A CE  
222 N NZ  . LYS A 29 ? 0.5711 0.4279 0.5166 -0.0731 0.0145  0.0009  29  LYS A NZ  
223 N N   . PHE A 30 ? 0.1920 0.2019 0.1872 0.0331  0.0175  0.0278  30  PHE A N   
224 C CA  . PHE A 30 ? 0.1765 0.1870 0.1589 0.0311  0.0316  0.0373  30  PHE A CA  
225 C C   . PHE A 30 ? 0.1890 0.2139 0.1711 0.0473  0.0244  0.0260  30  PHE A C   
226 O O   . PHE A 30 ? 0.2018 0.1952 0.1839 0.0339  0.0179  0.0353  30  PHE A O   
227 C CB  . PHE A 30 ? 0.1711 0.2003 0.1617 0.0031  0.0365  0.0286  30  PHE A CB  
228 C CG  . PHE A 30 ? 0.1730 0.1976 0.1722 0.0270  0.0225  0.0219  30  PHE A CG  
229 C CD1 . PHE A 30 ? 0.1788 0.1872 0.1846 0.0332  0.0096  0.0089  30  PHE A CD1 
230 C CD2 . PHE A 30 ? 0.1655 0.1692 0.1794 0.0168  0.0452  0.0189  30  PHE A CD2 
231 C CE1 . PHE A 30 ? 0.1872 0.2276 0.2043 0.0212  0.0061  -0.0213 30  PHE A CE1 
232 C CE2 . PHE A 30 ? 0.2126 0.1882 0.2054 0.0180  0.0343  0.0299  30  PHE A CE2 
233 C CZ  . PHE A 30 ? 0.1837 0.1515 0.2659 0.0182  0.0096  0.0097  30  PHE A CZ  
234 N N   . LYS A 31 ? 0.2201 0.1768 0.1918 0.0400  0.0293  0.0206  31  LYS A N   
235 C CA  . LYS A 31 ? 0.2257 0.1807 0.1893 0.0177  0.0119  0.0161  31  LYS A CA  
236 C C   . LYS A 31 ? 0.2182 0.2002 0.1866 0.0460  0.0339  -0.0014 31  LYS A C   
237 O O   . LYS A 31 ? 0.2393 0.2258 0.2063 0.0657  0.0188  0.0356  31  LYS A O   
238 C CB  . LYS A 31 ? 0.2538 0.1648 0.2210 0.0270  0.0125  0.0114  31  LYS A CB  
239 C CG  . LYS A 31 ? 0.3252 0.2344 0.2188 0.0090  -0.0372 -0.0099 31  LYS A CG  
240 C CD  . LYS A 31 ? 0.3375 0.2861 0.2890 0.0553  -0.0016 -0.0231 31  LYS A CD  
241 C CE  . LYS A 31 ? 0.3233 0.3135 0.2899 0.0016  -0.0142 -0.0466 31  LYS A CE  
242 N NZ  . LYS A 31 ? 0.4197 0.3880 0.3448 0.0357  0.0227  -0.0873 31  LYS A NZ  
243 N N   . GLN A 32 ? 0.2257 0.2266 0.1812 0.0429  0.0136  0.0052  32  GLN A N   
244 C CA  . GLN A 32 ? 0.2441 0.2417 0.2119 0.0493  0.0091  -0.0053 32  GLN A CA  
245 C C   . GLN A 32 ? 0.2378 0.2609 0.1867 0.0799  -0.0187 0.0139  32  GLN A C   
246 O O   . GLN A 32 ? 0.2591 0.2687 0.1876 0.0922  0.0209  0.0338  32  GLN A O   
247 C CB  . GLN A 32 ? 0.2372 0.2472 0.2095 0.0612  -0.0152 -0.0138 32  GLN A CB  
248 C CG  . GLN A 32 ? 0.2520 0.2741 0.2018 0.0663  0.0193  -0.0233 32  GLN A CG  
249 C CD  . GLN A 32 ? 0.2617 0.2354 0.3069 0.0507  0.0131  -0.0022 32  GLN A CD  
250 O OE1 . GLN A 32 ? 0.2464 0.2906 0.3574 0.0249  0.0317  -0.0548 32  GLN A OE1 
251 N NE2 . GLN A 32 ? 0.2210 0.3488 0.2666 0.0635  0.0457  -0.0501 32  GLN A NE2 
252 N N   . TYR A 33 ? 0.2065 0.2451 0.1687 0.0631  0.0198  0.0270  33  TYR A N   
253 C CA  . TYR A 33 ? 0.2291 0.2579 0.1552 0.0534  0.0179  0.0069  33  TYR A CA  
254 C C   . TYR A 33 ? 0.2137 0.2321 0.2123 0.0786  0.0056  -0.0029 33  TYR A C   
255 O O   . TYR A 33 ? 0.2689 0.2544 0.2011 0.0849  0.0425  0.0404  33  TYR A O   
256 C CB  . TYR A 33 ? 0.2261 0.2297 0.2013 0.0472  0.0239  0.0505  33  TYR A CB  
257 C CG  . TYR A 33 ? 0.2334 0.2427 0.1846 0.0449  0.0178  0.0247  33  TYR A CG  
258 C CD1 . TYR A 33 ? 0.2174 0.2217 0.2178 0.0305  -0.0071 0.0285  33  TYR A CD1 
259 C CD2 . TYR A 33 ? 0.1981 0.2759 0.1703 0.0407  -0.0017 0.0383  33  TYR A CD2 
260 C CE1 . TYR A 33 ? 0.2165 0.2583 0.1601 0.0316  0.0457  0.0190  33  TYR A CE1 
261 C CE2 . TYR A 33 ? 0.2183 0.2463 0.1973 0.0398  0.0281  0.0525  33  TYR A CE2 
262 C CZ  . TYR A 33 ? 0.2031 0.2548 0.1727 0.0489  0.0245  0.0412  33  TYR A CZ  
263 O OH  . TYR A 33 ? 0.1979 0.2736 0.1961 0.0496  0.0183  0.0011  33  TYR A OH  
264 N N   . ALA A 34 ? 0.2041 0.2424 0.1978 0.0659  0.0225  0.0309  34  ALA A N   
265 C CA  . ALA A 34 ? 0.2216 0.2262 0.2414 0.0601  0.0347  0.0201  34  ALA A CA  
266 C C   . ALA A 34 ? 0.2529 0.2428 0.2178 0.0673  0.0342  0.0568  34  ALA A C   
267 O O   . ALA A 34 ? 0.2986 0.2430 0.1963 0.0565  0.0368  0.0549  34  ALA A O   
268 C CB  . ALA A 34 ? 0.2570 0.2345 0.2828 0.0339  0.0259  0.0339  34  ALA A CB  
269 N N   . ASN A 35 ? 0.2613 0.2375 0.2050 0.0634  0.0209  0.0507  35  ASN A N   
270 C CA  . ASN A 35 ? 0.2409 0.2480 0.2536 0.0747  -0.0031 0.0294  35  ASN A CA  
271 C C   . ASN A 35 ? 0.3028 0.2634 0.2527 0.0634  0.0040  0.0275  35  ASN A C   
272 O O   . ASN A 35 ? 0.3963 0.2568 0.2943 0.0951  0.0005  0.0555  35  ASN A O   
273 C CB  . ASN A 35 ? 0.2633 0.2511 0.2700 0.0712  -0.0135 0.0011  35  ASN A CB  
274 C CG  . ASN A 35 ? 0.3087 0.2707 0.3009 0.0416  -0.0286 0.0264  35  ASN A CG  
275 O OD1 . ASN A 35 ? 0.3251 0.3294 0.3439 0.0267  -0.0086 -0.0127 35  ASN A OD1 
276 N ND2 . ASN A 35 ? 0.2798 0.2721 0.2173 0.0887  -0.0077 0.0032  35  ASN A ND2 
277 N N   . ASP A 36 ? 0.2642 0.2451 0.2037 0.0847  -0.0004 0.0309  36  ASP A N   
278 C CA  . ASP A 36 ? 0.2345 0.3026 0.1944 0.0886  0.0098  0.0258  36  ASP A CA  
279 C C   . ASP A 36 ? 0.2488 0.2848 0.2352 0.0860  0.0083  0.0002  36  ASP A C   
280 O O   . ASP A 36 ? 0.3324 0.3709 0.2213 0.1009  0.0058  0.0227  36  ASP A O   
281 C CB  . ASP A 36 ? 0.2400 0.3310 0.2012 0.0584  0.0126  0.0123  36  ASP A CB  
282 C CG  . ASP A 36 ? 0.2898 0.3332 0.2802 0.0593  0.0349  -0.0091 36  ASP A CG  
283 O OD1 . ASP A 36 ? 0.2415 0.5258 0.2833 0.1017  0.0427  0.0078  36  ASP A OD1 
284 O OD2 . ASP A 36 ? 0.3060 0.4213 0.3085 0.0383  0.0521  -0.0303 36  ASP A OD2 
285 N N   . ASN A 37 ? 0.2616 0.2949 0.2038 0.0730  0.0139  0.0455  37  ASN A N   
286 C CA  . ASN A 37 ? 0.2898 0.3017 0.2174 0.0453  0.0195  0.0391  37  ASN A CA  
287 C C   . ASN A 37 ? 0.3035 0.2973 0.2702 0.0483  0.0397  0.0297  37  ASN A C   
288 O O   . ASN A 37 ? 0.3533 0.3209 0.3041 0.0236  0.0565  0.0695  37  ASN A O   
289 C CB  . ASN A 37 ? 0.2484 0.2826 0.2177 0.0275  0.0300  0.0452  37  ASN A CB  
290 C CG  . ASN A 37 ? 0.2606 0.2476 0.2201 0.0523  0.0103  -0.0042 37  ASN A CG  
291 O OD1 . ASN A 37 ? 0.3071 0.3272 0.2125 0.0732  0.0378  0.0000  37  ASN A OD1 
292 N ND2 . ASN A 37 ? 0.2817 0.2603 0.2166 0.0891  0.0198  0.0681  37  ASN A ND2 
293 N N   . GLY A 38 ? 0.3366 0.2717 0.2690 0.0358  0.0253  0.0403  38  GLY A N   
294 C CA  . GLY A 38 ? 0.3649 0.2824 0.3023 0.0204  0.0117  0.0525  38  GLY A CA  
295 C C   . GLY A 38 ? 0.3870 0.3270 0.3223 -0.0153 0.0032  0.0475  38  GLY A C   
296 O O   . GLY A 38 ? 0.4422 0.3650 0.3877 -0.0370 -0.0027 0.0735  38  GLY A O   
297 N N   . ILE A 39 ? 0.3686 0.2918 0.3237 0.0083  0.0045  0.0614  39  ILE A N   
298 C CA  . ILE A 39 ? 0.3821 0.3373 0.3422 -0.0091 0.0152  0.0345  39  ILE A CA  
299 C C   . ILE A 39 ? 0.4252 0.3618 0.3365 -0.0195 0.0386  0.0128  39  ILE A C   
300 O O   . ILE A 39 ? 0.4428 0.3334 0.3721 -0.0152 0.0755  0.0015  39  ILE A O   
301 C CB  . ILE A 39 ? 0.3758 0.3583 0.3167 0.0344  0.0079  0.0433  39  ILE A CB  
302 C CG1 . ILE A 39 ? 0.3988 0.3654 0.3635 -0.0252 0.0089  0.0267  39  ILE A CG1 
303 C CG2 . ILE A 39 ? 0.3818 0.3680 0.3954 0.0192  -0.0181 0.0387  39  ILE A CG2 
304 C CD1 . ILE A 39 ? 0.3346 0.3592 0.3929 0.0618  -0.0093 0.0141  39  ILE A CD1 
305 N N   . ASP A 40 ? 0.4507 0.3743 0.3215 -0.0457 0.0268  0.0272  40  ASP A N   
306 C CA  . ASP A 40 ? 0.4444 0.4167 0.4037 -0.0165 0.0138  0.0010  40  ASP A CA  
307 C C   . ASP A 40 ? 0.4686 0.4541 0.4282 -0.0259 0.0118  0.0062  40  ASP A C   
308 O O   . ASP A 40 ? 0.5176 0.5783 0.4742 -0.0498 0.0347  0.0021  40  ASP A O   
309 C CB  . ASP A 40 ? 0.4820 0.4782 0.4568 -0.0198 -0.0019 -0.0042 40  ASP A CB  
310 C CG  . ASP A 40 ? 0.5548 0.4517 0.4723 -0.0197 0.0307  -0.0164 40  ASP A CG  
311 O OD1 . ASP A 40 ? 0.6353 0.6958 0.6519 -0.0041 0.0738  -0.0035 40  ASP A OD1 
312 O OD2 . ASP A 40 ? 0.6546 0.6704 0.7286 -0.0445 0.0116  0.0251  40  ASP A OD2 
313 N N   . GLY A 41 ? 0.4193 0.3172 0.3968 -0.0096 0.0116  0.0048  41  GLY A N   
314 C CA  . GLY A 41 ? 0.4216 0.3055 0.3678 -0.0127 0.0198  -0.0105 41  GLY A CA  
315 C C   . GLY A 41 ? 0.3933 0.2534 0.3394 -0.0231 0.0257  -0.0215 41  GLY A C   
316 O O   . GLY A 41 ? 0.4510 0.3198 0.3910 -0.0182 0.0823  0.0287  41  GLY A O   
317 N N   . GLU A 42 ? 0.3944 0.2447 0.3073 -0.0159 0.0352  -0.0160 42  GLU A N   
318 C CA  . GLU A 42 ? 0.4002 0.2730 0.3303 -0.0137 0.0171  -0.0289 42  GLU A CA  
319 C C   . GLU A 42 ? 0.3659 0.2696 0.3134 -0.0378 -0.0022 -0.0236 42  GLU A C   
320 O O   . GLU A 42 ? 0.4004 0.2843 0.3214 -0.0530 0.0360  -0.0595 42  GLU A O   
321 C CB  . GLU A 42 ? 0.4400 0.3211 0.4015 -0.0251 0.0079  -0.0156 42  GLU A CB  
322 C CG  . GLU A 42 ? 0.5372 0.4339 0.5130 -0.0435 0.0226  -0.0023 42  GLU A CG  
323 C CD  . GLU A 42 ? 0.6332 0.6081 0.6393 0.0170  0.0223  -0.0148 42  GLU A CD  
324 O OE1 . GLU A 42 ? 0.7255 0.6966 0.6171 -0.0007 0.0199  -0.0210 42  GLU A OE1 
325 O OE2 . GLU A 42 ? 0.7381 0.6504 0.7000 0.0160  0.0100  0.0270  42  GLU A OE2 
326 N N   . TRP A 43 ? 0.4027 0.2743 0.2375 -0.0064 0.0097  -0.0454 43  TRP A N   
327 C CA  . TRP A 43 ? 0.3601 0.2357 0.2561 -0.0114 -0.0008 -0.0491 43  TRP A CA  
328 C C   . TRP A 43 ? 0.3732 0.2719 0.2550 -0.0179 0.0271  -0.0252 43  TRP A C   
329 O O   . TRP A 43 ? 0.4580 0.3325 0.2200 -0.0077 0.0063  -0.0695 43  TRP A O   
330 C CB  . TRP A 43 ? 0.3493 0.2241 0.2263 -0.0188 0.0373  -0.0123 43  TRP A CB  
331 C CG  . TRP A 43 ? 0.3209 0.2490 0.2357 -0.0150 -0.0005 -0.0022 43  TRP A CG  
332 C CD1 . TRP A 43 ? 0.3625 0.2426 0.2508 -0.0208 -0.0012 -0.0461 43  TRP A CD1 
333 C CD2 . TRP A 43 ? 0.2663 0.2634 0.2222 0.0082  0.0324  0.0111  43  TRP A CD2 
334 N NE1 . TRP A 43 ? 0.3764 0.2450 0.2756 0.0274  0.0054  0.0025  43  TRP A NE1 
335 C CE2 . TRP A 43 ? 0.2944 0.2317 0.2978 0.0450  0.0136  -0.0148 43  TRP A CE2 
336 C CE3 . TRP A 43 ? 0.3151 0.2285 0.2688 0.0348  0.0124  -0.0127 43  TRP A CE3 
337 C CZ2 . TRP A 43 ? 0.2779 0.3004 0.2064 0.0313  0.0053  0.0348  43  TRP A CZ2 
338 C CZ3 . TRP A 43 ? 0.2491 0.2266 0.2700 0.0331  0.0120  -0.0218 43  TRP A CZ3 
339 C CH2 . TRP A 43 ? 0.2197 0.2761 0.2234 -0.0180 0.0134  -0.0163 43  TRP A CH2 
340 N N   . THR A 44 ? 0.3324 0.2692 0.2116 -0.0185 0.0125  -0.0519 44  THR A N   
341 C CA  . THR A 44 ? 0.3100 0.2864 0.2238 0.0000  0.0097  -0.0391 44  THR A CA  
342 C C   . THR A 44 ? 0.2744 0.2374 0.2050 0.0180  -0.0006 -0.0395 44  THR A C   
343 O O   . THR A 44 ? 0.2927 0.2662 0.1948 -0.0120 0.0240  -0.0689 44  THR A O   
344 C CB  . THR A 44 ? 0.3344 0.3341 0.2981 -0.0196 0.0253  -0.0390 44  THR A CB  
345 O OG1 . THR A 44 ? 0.2990 0.5528 0.3326 -0.0540 0.0404  -0.0628 44  THR A OG1 
346 C CG2 . THR A 44 ? 0.3725 0.3908 0.3610 -0.0137 -0.0090 -0.0219 44  THR A CG2 
347 N N   . TYR A 45 ? 0.2808 0.2450 0.2208 0.0126  -0.0440 -0.0352 45  TYR A N   
348 C CA  . TYR A 45 ? 0.2648 0.2641 0.1710 0.0228  -0.0079 -0.0373 45  TYR A CA  
349 C C   . TYR A 45 ? 0.2784 0.2583 0.2194 0.0431  -0.0374 -0.0360 45  TYR A C   
350 O O   . TYR A 45 ? 0.3525 0.3231 0.2075 0.0664  -0.0659 -0.0600 45  TYR A O   
351 C CB  . TYR A 45 ? 0.2659 0.2501 0.1662 0.0311  0.0108  -0.0607 45  TYR A CB  
352 C CG  . TYR A 45 ? 0.2284 0.2408 0.1903 0.0512  -0.0206 -0.0403 45  TYR A CG  
353 C CD1 . TYR A 45 ? 0.2401 0.2233 0.2131 0.0598  -0.0210 -0.0431 45  TYR A CD1 
354 C CD2 . TYR A 45 ? 0.2499 0.2898 0.1757 0.0207  -0.0011 -0.0310 45  TYR A CD2 
355 C CE1 . TYR A 45 ? 0.2146 0.2419 0.2012 0.0285  0.0171  -0.0119 45  TYR A CE1 
356 C CE2 . TYR A 45 ? 0.2541 0.2995 0.2029 0.0242  -0.0223 -0.0044 45  TYR A CE2 
357 C CZ  . TYR A 45 ? 0.2448 0.2173 0.1853 0.0095  0.0162  -0.0093 45  TYR A CZ  
358 O OH  . TYR A 45 ? 0.2661 0.2685 0.2328 0.0440  0.0215  0.0045  45  TYR A OH  
359 N N   . ASP A 46 ? 0.2745 0.3060 0.2187 0.0731  -0.0092 -0.0517 46  ASP A N   
360 C CA  . ASP A 46 ? 0.2466 0.3136 0.2278 0.0723  -0.0383 -0.0375 46  ASP A CA  
361 C C   . ASP A 46 ? 0.2675 0.2889 0.2212 0.0802  -0.0158 -0.0493 46  ASP A C   
362 O O   . ASP A 46 ? 0.3071 0.2865 0.1970 0.1073  -0.0418 -0.0403 46  ASP A O   
363 C CB  . ASP A 46 ? 0.2666 0.3483 0.2578 0.0468  -0.0397 -0.0426 46  ASP A CB  
364 C CG  . ASP A 46 ? 0.3404 0.3972 0.3354 0.0855  -0.0207 0.0005  46  ASP A CG  
365 O OD1 . ASP A 46 ? 0.3511 0.4811 0.4302 0.1735  -0.0212 0.1222  46  ASP A OD1 
366 O OD2 . ASP A 46 ? 0.3371 0.5438 0.4115 0.0855  0.0066  -0.0214 46  ASP A OD2 
367 N N   . ASP A 47 ? 0.3080 0.3709 0.2107 0.0888  0.0045  -0.0255 47  ASP A N   
368 C CA  . ASP A 47 ? 0.3495 0.3556 0.2624 0.0788  0.0181  -0.0214 47  ASP A CA  
369 C C   . ASP A 47 ? 0.3401 0.3223 0.2389 0.0467  0.0045  0.0005  47  ASP A C   
370 O O   . ASP A 47 ? 0.4059 0.3077 0.2822 0.0998  0.0460  0.0251  47  ASP A O   
371 C CB  . ASP A 47 ? 0.4089 0.4199 0.3147 0.0614  0.0526  -0.0376 47  ASP A CB  
372 C CG  . ASP A 47 ? 0.4491 0.4785 0.3877 0.0307  0.0595  -0.0085 47  ASP A CG  
373 O OD1 . ASP A 47 ? 0.7072 0.5837 0.3188 0.0059  0.0417  0.0195  47  ASP A OD1 
374 O OD2 . ASP A 47 ? 0.6310 0.5836 0.4942 0.0601  -0.0039 0.0516  47  ASP A OD2 
375 N N   . ALA A 48 ? 0.3868 0.4281 0.1947 0.0853  -0.0079 0.0183  48  ALA A N   
376 C CA  . ALA A 48 ? 0.3899 0.4030 0.2765 0.0903  0.0046  0.0097  48  ALA A CA  
377 C C   . ALA A 48 ? 0.4241 0.3561 0.2847 0.1155  0.0174  0.0013  48  ALA A C   
378 O O   . ALA A 48 ? 0.4915 0.3711 0.2622 0.1213  0.0259  0.0505  48  ALA A O   
379 C CB  . ALA A 48 ? 0.4185 0.4923 0.3752 0.0674  -0.0414 0.0127  48  ALA A CB  
380 N N   . THR A 49 ? 0.3355 0.3418 0.2499 0.1403  -0.0405 0.0238  49  THR A N   
381 C CA  . THR A 49 ? 0.3142 0.3107 0.2543 0.1108  -0.0029 0.0119  49  THR A CA  
382 C C   . THR A 49 ? 0.3056 0.3220 0.2274 0.0977  0.0103  0.0237  49  THR A C   
383 O O   . THR A 49 ? 0.3223 0.2668 0.2024 0.1012  0.0208  0.0225  49  THR A O   
384 C CB  . THR A 49 ? 0.2930 0.3579 0.2640 0.0936  -0.0141 0.0229  49  THR A CB  
385 O OG1 . THR A 49 ? 0.3092 0.3431 0.2273 0.1171  0.0165  -0.0117 49  THR A OG1 
386 C CG2 . THR A 49 ? 0.2641 0.4163 0.3240 0.0938  -0.0026 -0.0124 49  THR A CG2 
387 N N   . LYS A 50 ? 0.3058 0.2883 0.1682 0.0894  0.0424  0.0249  50  LYS A N   
388 C CA  . LYS A 50 ? 0.2687 0.2387 0.1464 0.0308  0.0273  0.0190  50  LYS A CA  
389 C C   . LYS A 50 ? 0.2319 0.2113 0.1703 0.0263  0.0259  0.0135  50  LYS A C   
390 O O   . LYS A 50 ? 0.2593 0.2211 0.1655 0.0298  0.0209  0.0048  50  LYS A O   
391 C CB  . LYS A 50 ? 0.3104 0.2453 0.1935 0.0263  0.0269  0.0423  50  LYS A CB  
392 C CG  . LYS A 50 ? 0.4470 0.3276 0.2915 -0.0102 0.0305  0.0709  50  LYS A CG  
393 C CD  . LYS A 50 ? 0.4821 0.3788 0.3891 -0.0167 0.0520  0.0535  50  LYS A CD  
394 C CE  . LYS A 50 ? 0.5512 0.4642 0.3347 0.0169  0.0668  0.0635  50  LYS A CE  
395 N NZ  . LYS A 50 ? 0.5873 0.4618 0.2982 0.0190  0.0023  0.0337  50  LYS A NZ  
396 N N   . THR A 51 ? 0.2033 0.2092 0.1628 0.0476  0.0248  0.0131  51  THR A N   
397 C CA  . THR A 51 ? 0.2075 0.2162 0.1512 0.0315  0.0189  0.0032  51  THR A CA  
398 C C   . THR A 51 ? 0.2091 0.2155 0.1561 0.0251  0.0003  -0.0020 51  THR A C   
399 O O   . THR A 51 ? 0.2027 0.2566 0.1781 0.0432  0.0074  -0.0236 51  THR A O   
400 C CB  . THR A 51 ? 0.2411 0.2355 0.1676 0.0105  -0.0068 0.0033  51  THR A CB  
401 O OG1 . THR A 51 ? 0.2509 0.2189 0.1797 0.0687  0.0149  -0.0164 51  THR A OG1 
402 C CG2 . THR A 51 ? 0.2072 0.2558 0.2154 0.0437  0.0529  -0.0016 51  THR A CG2 
403 N N   . PHE A 52 ? 0.2162 0.2024 0.1401 0.0326  0.0081  -0.0048 52  PHE A N   
404 C CA  . PHE A 52 ? 0.2010 0.1974 0.1414 0.0127  0.0220  -0.0136 52  PHE A CA  
405 C C   . PHE A 52 ? 0.1850 0.2017 0.1716 -0.0013 -0.0031 0.0013  52  PHE A C   
406 O O   . PHE A 52 ? 0.2078 0.2010 0.1599 0.0047  0.0062  -0.0248 52  PHE A O   
407 C CB  . PHE A 52 ? 0.1980 0.1764 0.1528 0.0223  0.0234  -0.0198 52  PHE A CB  
408 C CG  . PHE A 52 ? 0.1672 0.1906 0.1648 0.0182  0.0212  -0.0190 52  PHE A CG  
409 C CD1 . PHE A 52 ? 0.1846 0.1932 0.1643 0.0393  0.0183  -0.0100 52  PHE A CD1 
410 C CD2 . PHE A 52 ? 0.2009 0.2008 0.1818 0.0193  0.0358  -0.0067 52  PHE A CD2 
411 C CE1 . PHE A 52 ? 0.2019 0.1666 0.1999 0.0103  0.0110  0.0073  52  PHE A CE1 
412 C CE2 . PHE A 52 ? 0.1827 0.2069 0.1620 0.0268  0.0517  -0.0106 52  PHE A CE2 
413 C CZ  . PHE A 52 ? 0.1701 0.2091 0.1849 0.0037  0.0316  -0.0094 52  PHE A CZ  
414 N N   . THR A 53 ? 0.2471 0.2162 0.1501 0.0079  0.0147  -0.0120 53  THR A N   
415 C CA  . THR A 53 ? 0.2426 0.2453 0.1834 0.0077  0.0003  0.0056  53  THR A CA  
416 C C   . THR A 53 ? 0.2763 0.2043 0.2123 -0.0118 0.0046  -0.0194 53  THR A C   
417 O O   . THR A 53 ? 0.3197 0.2334 0.2096 0.0088  0.0326  -0.0286 53  THR A O   
418 C CB  . THR A 53 ? 0.2291 0.3006 0.2162 -0.0136 0.0407  -0.0157 53  THR A CB  
419 O OG1 . THR A 53 ? 0.2478 0.2877 0.2607 0.0072  -0.0159 -0.0498 53  THR A OG1 
420 C CG2 . THR A 53 ? 0.3145 0.2946 0.2304 -0.0134 0.0441  -0.0340 53  THR A CG2 
421 N N   . VAL A 54 ? 0.2417 0.2161 0.2079 -0.0149 0.0396  -0.0116 54  VAL A N   
422 C CA  . VAL A 54 ? 0.3023 0.1855 0.2236 -0.0181 0.0379  -0.0222 54  VAL A CA  
423 C C   . VAL A 54 ? 0.3496 0.2150 0.2606 -0.0160 0.0414  -0.0136 54  VAL A C   
424 O O   . VAL A 54 ? 0.3074 0.2584 0.2525 -0.0532 0.0710  -0.0169 54  VAL A O   
425 C CB  . VAL A 54 ? 0.3144 0.2023 0.2100 0.0248  0.0479  0.0082  54  VAL A CB  
426 C CG1 . VAL A 54 ? 0.3065 0.2554 0.2158 0.0212  0.0461  -0.0002 54  VAL A CG1 
427 C CG2 . VAL A 54 ? 0.2995 0.2643 0.2429 -0.0152 0.0728  0.0269  54  VAL A CG2 
428 N N   . THR A 55 ? 0.3427 0.2433 0.3089 -0.0397 0.0495  -0.0434 55  THR A N   
429 C CA  . THR A 55 ? 0.3636 0.2989 0.3447 -0.0336 0.0408  -0.0159 55  THR A CA  
430 C C   . THR A 55 ? 0.4069 0.2799 0.3604 -0.0583 0.0294  -0.0257 55  THR A C   
431 O O   . THR A 55 ? 0.4181 0.2533 0.3798 -0.0573 0.0287  -0.0616 55  THR A O   
432 C CB  . THR A 55 ? 0.3674 0.3553 0.4134 -0.0373 0.0300  -0.0055 55  THR A CB  
433 O OG1 . THR A 55 ? 0.3859 0.3379 0.4744 -0.0409 -0.0001 -0.0058 55  THR A OG1 
434 C CG2 . THR A 55 ? 0.4054 0.3628 0.4155 -0.0490 0.0291  -0.0266 55  THR A CG2 
435 N N   . GLU A 56 ? 0.4257 0.3017 0.3532 -0.0453 0.0128  -0.0474 56  GLU A N   
436 C CA  . GLU A 56 ? 0.4663 0.3663 0.3959 -0.0187 -0.0028 -0.0138 56  GLU A CA  
437 C C   . GLU A 56 ? 0.4716 0.3610 0.4680 -0.0279 0.0016  -0.0082 56  GLU A C   
438 O O   . GLU A 56 ? 0.4691 0.3372 0.4916 -0.0633 -0.0255 -0.0093 56  GLU A O   
439 C CB  . GLU A 56 ? 0.4825 0.3876 0.3944 -0.0339 0.0063  -0.0083 56  GLU A CB  
440 C CG  . GLU A 56 ? 0.4446 0.5000 0.4107 -0.0185 -0.0079 -0.0071 56  GLU A CG  
441 C CD  . GLU A 56 ? 0.4889 0.4473 0.4445 -0.0030 -0.0065 0.0236  56  GLU A CD  
442 O OE1 . GLU A 56 ? 0.5719 0.5530 0.4970 0.0176  0.0296  -0.0315 56  GLU A OE1 
443 O OE2 . GLU A 56 ? 0.4464 0.4770 0.4686 -0.0129 0.0720  -0.0075 56  GLU A OE2 
444 O OXT . GLU A 56 ? 0.5712 0.3952 0.5307 -0.0244 0.0023  0.0084  56  GLU A OXT 
445 O O   . HOH B .  ? 0.2436 0.3527 0.3062 -0.0121 -0.0172 0.0297  57  HOH A O   
446 O O   . HOH B .  ? 0.3274 0.4185 0.3051 -0.0340 -0.0116 0.0196  58  HOH A O   
447 O O   . HOH B .  ? 0.4451 0.4476 0.2910 -0.1224 -0.0168 0.0092  59  HOH A O   
448 O O   . HOH B .  ? 0.3030 0.3683 0.2822 0.0427  0.0110  -0.0430 60  HOH A O   
449 O O   . HOH B .  ? 0.3455 0.3954 0.3198 0.0427  -0.0181 -0.0086 61  HOH A O   
450 O O   . HOH B .  ? 0.3169 0.4346 0.2439 0.0300  0.0384  0.0375  62  HOH A O   
451 O O   . HOH B .  ? 0.4125 0.3403 0.4574 -0.0352 -0.0469 -0.0776 63  HOH A O   
452 O O   . HOH B .  ? 0.3306 0.5036 0.4896 -0.0334 0.0417  0.0256  64  HOH A O   
453 O O   . HOH B .  ? 0.4060 0.3908 0.2042 0.0139  0.0979  0.0188  65  HOH A O   
454 O O   . HOH B .  ? 0.4148 0.3217 0.3410 0.1271  0.0273  -0.0276 66  HOH A O   
455 O O   . HOH B .  ? 0.5848 0.4765 0.6557 0.1023  0.0267  0.0572  67  HOH A O   
456 O O   . HOH B .  ? 0.5773 0.3969 0.3377 -0.0027 0.0796  -0.0016 68  HOH A O   
457 O O   . HOH B .  ? 0.3933 0.3678 0.3400 -0.0894 -0.0336 -0.0022 69  HOH A O   
458 O O   . HOH B .  ? 0.4351 0.3168 0.3537 0.0191  -0.0190 0.0560  70  HOH A O   
459 O O   . HOH B .  ? 0.4547 0.5059 0.3616 -0.0515 0.0106  -0.0482 71  HOH A O   
460 O O   . HOH B .  ? 0.4400 0.4003 0.4216 0.0912  -0.0932 -0.0490 72  HOH A O   
461 O O   . HOH B .  ? 0.5659 0.6091 0.5950 0.0876  0.0261  -0.0753 73  HOH A O   
462 O O   . HOH B .  ? 0.4978 0.3963 0.3607 0.0618  0.0161  0.0306  74  HOH A O   
463 O O   . HOH B .  ? 0.4663 0.4978 0.5829 -0.0571 0.1409  -0.0970 75  HOH A O   
464 O O   . HOH B .  ? 0.3041 0.4330 0.4657 0.0551  -0.0401 0.0136  76  HOH A O   
465 O O   . HOH B .  ? 0.4248 0.4286 0.3178 0.0929  0.0022  -0.0448 77  HOH A O   
466 O O   . HOH B .  ? 0.4389 0.3044 0.3158 -0.0279 0.1076  -0.0386 78  HOH A O   
467 O O   . HOH B .  ? 0.5318 0.6058 0.4062 0.0399  0.0644  0.0551  79  HOH A O   
468 O O   . HOH B .  ? 0.4020 0.4962 0.4346 0.0882  -0.0370 -0.0137 80  HOH A O   
469 O O   . HOH B .  ? 0.4953 0.5466 0.6284 0.1516  -0.0698 0.0294  81  HOH A O   
470 O O   . HOH B .  ? 0.3403 0.3108 0.2217 0.1506  0.0163  -0.0035 82  HOH A O   
471 O O   . HOH B .  ? 0.3490 0.4298 0.5049 -0.0399 0.0137  -0.0161 83  HOH A O   
472 O O   . HOH B .  ? 0.5799 0.4670 0.6244 0.0257  0.0160  0.0854  84  HOH A O   
473 O O   . HOH B .  ? 0.5189 0.4457 0.3584 0.0983  0.0548  -0.0244 85  HOH A O   
474 O O   . HOH B .  ? 0.4911 0.6091 0.5715 0.0207  -0.0336 -0.0379 86  HOH A O   
475 O O   . HOH B .  ? 0.4909 0.5821 0.5242 0.0255  0.0027  -0.0838 87  HOH A O   
476 O O   . HOH B .  ? 0.7460 0.6943 0.5956 0.0040  0.0482  0.0705  88  HOH A O   
477 O O   . HOH B .  ? 0.3778 0.3986 0.2771 -0.0355 0.0283  -0.0158 89  HOH A O   
478 O O   . HOH B .  ? 0.6449 0.5458 0.5146 -0.0098 0.0352  -0.0481 90  HOH A O   
479 O O   . HOH B .  ? 0.4359 0.5800 0.4244 0.0139  0.1226  -0.0371 91  HOH A O   
480 O O   . HOH B .  ? 0.3444 0.4669 0.4966 -0.0961 0.0186  0.0902  92  HOH A O   
481 O O   . HOH B .  ? 0.3760 0.3858 0.5873 -0.0282 0.0881  -0.0995 93  HOH A O   
482 O O   . HOH B .  ? 0.5220 0.5295 0.4544 -0.0287 0.0058  0.0123  94  HOH A O   
483 O O   . HOH B .  ? 0.5477 0.4380 0.5917 0.0592  -0.0355 0.0283  95  HOH A O   
484 O O   . HOH B .  ? 0.5166 0.5026 0.5329 0.0827  -0.0055 0.1938  96  HOH A O   
485 O O   . HOH B .  ? 0.5555 0.5114 0.5718 -0.0062 0.0064  0.0030  97  HOH A O   
486 O O   . HOH B .  ? 0.6330 0.5660 0.4353 -0.0340 0.0221  0.0357  98  HOH A O   
487 O O   . HOH B .  ? 0.4048 0.4745 0.4971 -0.0113 -0.0510 0.0721  99  HOH A O   
488 O O   . HOH B .  ? 0.5833 0.5922 0.5804 0.1120  0.0300  0.0522  100 HOH A O   
489 O O   . HOH B .  ? 0.5805 0.5491 0.5423 -0.1319 0.0514  -0.0074 101 HOH A O   
490 O O   . HOH B .  ? 0.5636 0.6785 0.4389 -0.0616 0.0471  -0.0441 102 HOH A O   
491 O O   . HOH B .  ? 0.3759 0.6569 0.3768 0.0834  0.0270  -0.0047 103 HOH A O   
492 O O   . HOH B .  ? 0.4346 0.4709 0.6761 0.0350  0.0251  -0.0141 104 HOH A O   
493 O O   . HOH B .  ? 0.4560 0.5361 0.3941 -0.0426 0.1121  -0.0451 105 HOH A O   
494 O O   . HOH B .  ? 0.5196 0.5770 0.5822 0.0096  0.0250  -0.0440 106 HOH A O   
495 O O   . HOH B .  ? 0.6445 0.5545 0.6774 -0.0032 -0.0936 -0.0379 107 HOH A O   
496 O O   . HOH B .  ? 0.6015 0.7026 0.6248 0.0470  -0.0193 -0.0506 108 HOH A O   
497 O O   . HOH B .  ? 0.5212 0.5372 0.5578 0.0423  -0.0628 0.0224  109 HOH A O   
498 O O   . HOH B .  ? 0.7088 0.7475 0.6673 -0.0312 0.0140  0.0157  110 HOH A O   
# 
loop_
_pdbx_poly_seq_scheme.asym_id 
_pdbx_poly_seq_scheme.entity_id 
_pdbx_poly_seq_scheme.seq_id 
_pdbx_poly_seq_scheme.mon_id 
_pdbx_poly_seq_scheme.ndb_seq_num 
_pdbx_poly_seq_scheme.pdb_seq_num 
_pdbx_poly_seq_scheme.auth_seq_num 
_pdbx_poly_seq_scheme.pdb_mon_id 
_pdbx_poly_seq_scheme.auth_mon_id 
_pdbx_poly_seq_scheme.pdb_strand_id 
_pdbx_poly_seq_scheme.pdb_ins_code 
_pdbx_poly_seq_scheme.hetero 
A 1 1  MET 1  1  1  MET MET A . n 
A 1 2  GLN 2  2  2  GLN GLN A . n 
A 1 3  PHE 3  3  3  PHE PHE A . n 
A 1 4  LYS 4  4  4  LYS LYS A . n 
A 1 5  LEU 5  5  5  LEU LEU A . n 
A 1 6  ILE 6  6  6  ILE ILE A . n 
A 1 7  ILE 7  7  7  ILE ILE A . n 
A 1 8  ASN 8  8  8  ASN ASN A . n 
A 1 9  GLY 9  9  9  GLY GLY A . n 
A 1 10 LYS 10 10 10 LYS LYS A . n 
A 1 11 THR 11 11 11 THR THR A . n 
A 1 12 LEU 12 12 12 LEU LEU A . n 
A 1 13 LYS 13 13 13 LYS LYS A . n 
A 1 14 GLY 14 14 14 GLY GLY A . n 
A 1 15 GLU 15 15 15 GLU GLU A . n 
A 1 16 ILE 16 16 16 ILE ILE A . n 
A 1 17 THR 17 17 17 THR THR A . n 
A 1 18 LEU 18 18 18 LEU LEU A . n 
A 1 19 GLU 19 19 19 GLU GLU A . n 
A 1 20 ALA 20 20 20 ALA ALA A . n 
A 1 21 VAL 21 21 21 VAL VAL A . n 
A 1 22 ASP 22 22 22 ASP ASP A . n 
A 1 23 ALA 23 23 23 ALA ALA A . n 
A 1 24 ALA 24 24 24 ALA ALA A . n 
A 1 25 GLU 25 25 25 GLU GLU A . n 
A 1 26 ALA 26 26 26 ALA ALA A . n 
A 1 27 GLU 27 27 27 GLU GLU A . n 
A 1 28 LYS 28 28 28 LYS LYS A . n 
A 1 29 LYS 29 29 29 LYS LYS A . n 
A 1 30 PHE 30 30 30 PHE PHE A . n 
A 1 31 LYS 31 31 31 LYS LYS A . n 
A 1 32 GLN 32 32 32 GLN GLN A . n 
A 1 33 TYR 33 33 33 TYR TYR A . n 
A 1 34 ALA 34 34 34 ALA ALA A . n 
A 1 35 ASN 35 35 35 ASN ASN A . n 
A 1 36 ASP 36 36 36 ASP ASP A . n 
A 1 37 ASN 37 37 37 ASN ASN A . n 
A 1 38 GLY 38 38 38 GLY GLY A . n 
A 1 39 ILE 39 39 39 ILE ILE A . n 
A 1 40 ASP 40 40 40 ASP ASP A . n 
A 1 41 GLY 41 41 41 GLY GLY A . n 
A 1 42 GLU 42 42 42 GLU GLU A . n 
A 1 43 TRP 43 43 43 TRP TRP A . n 
A 1 44 THR 44 44 44 THR THR A . n 
A 1 45 TYR 45 45 45 TYR TYR A . n 
A 1 46 ASP 46 46 46 ASP ASP A . n 
A 1 47 ASP 47 47 47 ASP ASP A . n 
A 1 48 ALA 48 48 48 ALA ALA A . n 
A 1 49 THR 49 49 49 THR THR A . n 
A 1 50 LYS 50 50 50 LYS LYS A . n 
A 1 51 THR 51 51 51 THR THR A . n 
A 1 52 PHE 52 52 52 PHE PHE A . n 
A 1 53 THR 53 53 53 THR THR A . n 
A 1 54 VAL 54 54 54 VAL VAL A . n 
A 1 55 THR 55 55 55 THR THR A . n 
A 1 56 GLU 56 56 56 GLU GLU A . n 
# 
loop_
_pdbx_nonpoly_scheme.asym_id 
_pdbx_nonpoly_scheme.entity_id 
_pdbx_nonpoly_scheme.mon_id 
_pdbx_nonpoly_scheme.ndb_seq_num 
_pdbx_nonpoly_scheme.pdb_seq_num 
_pdbx_nonpoly_scheme.auth_seq_num 
_pdbx_nonpoly_scheme.pdb_mon_id 
_pdbx_nonpoly_scheme.auth_mon_id 
_pdbx_nonpoly_scheme.pdb_strand_id 
_pdbx_nonpoly_scheme.pdb_ins_code 
B 2 HOH 1  57  1  HOH HOH A . 
B 2 HOH 2  58  2  HOH HOH A . 
B 2 HOH 3  59  3  HOH HOH A . 
B 2 HOH 4  60  4  HOH HOH A . 
B 2 HOH 5  61  5  HOH HOH A . 
B 2 HOH 6  62  6  HOH HOH A . 
B 2 HOH 7  63  7  HOH HOH A . 
B 2 HOH 8  64  8  HOH HOH A . 
B 2 HOH 9  65  9  HOH HOH A . 
B 2 HOH 10 66  10 HOH HOH A . 
B 2 HOH 11 67  11 HOH HOH A . 
B 2 HOH 12 68  12 HOH HOH A . 
B 2 HOH 13 69  13 HOH HOH A . 
B 2 HOH 14 70  14 HOH HOH A . 
B 2 HOH 15 71  15 HOH HOH A . 
B 2 HOH 16 72  16 HOH HOH A . 
B 2 HOH 17 73  17 HOH HOH A . 
B 2 HOH 18 74  18 HOH HOH A . 
B 2 HOH 19 75  19 HOH HOH A . 
B 2 HOH 20 76  20 HOH HOH A . 
B 2 HOH 21 77  21 HOH HOH A . 
B 2 HOH 22 78  22 HOH HOH A . 
B 2 HOH 23 79  24 HOH HOH A . 
B 2 HOH 24 80  25 HOH HOH A . 
B 2 HOH 25 81  26 HOH HOH A . 
B 2 HOH 26 82  27 HOH HOH A . 
B 2 HOH 27 83  28 HOH HOH A . 
B 2 HOH 28 84  29 HOH HOH A . 
B 2 HOH 29 85  30 HOH HOH A . 
B 2 HOH 30 86  31 HOH HOH A . 
B 2 HOH 31 87  32 HOH HOH A . 
B 2 HOH 32 88  33 HOH HOH A . 
B 2 HOH 33 89  34 HOH HOH A . 
B 2 HOH 34 90  35 HOH HOH A . 
B 2 HOH 35 91  36 HOH HOH A . 
B 2 HOH 36 92  37 HOH HOH A . 
B 2 HOH 37 93  38 HOH HOH A . 
B 2 HOH 38 94  39 HOH HOH A . 
B 2 HOH 39 95  40 HOH HOH A . 
B 2 HOH 40 96  41 HOH HOH A . 
B 2 HOH 41 97  42 HOH HOH A . 
B 2 HOH 42 98  43 HOH HOH A . 
B 2 HOH 43 99  44 HOH HOH A . 
B 2 HOH 44 100 45 HOH HOH A . 
B 2 HOH 45 101 46 HOH HOH A . 
B 2 HOH 46 102 47 HOH HOH A . 
B 2 HOH 47 103 48 HOH HOH A . 
B 2 HOH 48 104 49 HOH HOH A . 
B 2 HOH 49 105 50 HOH HOH A . 
B 2 HOH 50 106 51 HOH HOH A . 
B 2 HOH 51 107 52 HOH HOH A . 
B 2 HOH 52 108 53 HOH HOH A . 
B 2 HOH 53 109 54 HOH HOH A . 
B 2 HOH 54 110 56 HOH HOH A . 
# 
_pdbx_struct_assembly.id                   1 
_pdbx_struct_assembly.details              author_defined_assembly 
_pdbx_struct_assembly.method_details       ? 
_pdbx_struct_assembly.oligomeric_details   monomeric 
_pdbx_struct_assembly.oligomeric_count     1 
# 
_pdbx_struct_assembly_gen.assembly_id       1 
_pdbx_struct_assembly_gen.oper_expression   1 
_pdbx_struct_assembly_gen.asym_id_list      A,B 
# 
_pdbx_struct_oper_list.id                   1 
_pdbx_struct_oper_list.type                 'identity operation' 
_pdbx_struct_oper_list.name                 1_555 
_pdbx_struct_oper_list.symmetry_operation   x,y,z 
_pdbx_struct_oper_list.matrix[1][1]         1.0000000000 
_pdbx_struct_oper_list.matrix[1][2]         0.0000000000 
_pdbx_struct_oper_list.matrix[1][3]         0.0000000000 
_pdbx_struct_oper_list.vector[1]            0.0000000000 
_pdbx_struct_oper_list.matrix[2][1]         0.0000000000 
_pdbx_struct_oper_list.matrix[2][2]         1.0000000000 
_pdbx_struct_oper_list.matrix[2][3]         0.0000000000 
_pdbx_struct_oper_list.vector[2]            0.0000000000 
_pdbx_struct_oper_list.matrix[3][1]         0.0000000000 
_pdbx_struct_oper_list.matrix[3][2]         0.0000000000 
_pdbx_struct_oper_list.matrix[3][3]         1.0000000000 
_pdbx_struct_oper_list.vector[3]            0.0000000000 
# 
loop_
_pdbx_audit_revision_history.ordinal 
_pdbx_audit_revision_history.data_content_type 
_pdbx_audit_revision_history.major_revision 
_pdbx_audit_revision_history.minor_revision 
_pdbx_audit_revision_history.revision_date 
1 'Structure model' 1 0 2007-12-04 
2 'Structure model' 1 1 2011-07-13 
3 'Structure model' 1 2 2017-10-18 
4 'Structure model' 1 3 2021-10-20 
5 'Structure model' 1 4 2023-08-30 
# 
_pdbx_audit_revision_details.ordinal             1 
_pdbx_audit_revision_details.revision_ordinal    1 
_pdbx_audit_revision_details.data_content_type   'Structure model' 
_pdbx_audit_revision_details.provider            repository 
_pdbx_audit_revision_details.type                'Initial release' 
_pdbx_audit_revision_details.description         ? 
_pdbx_audit_revision_details.details             ? 
# 
loop_
_pdbx_audit_revision_group.ordinal 
_pdbx_audit_revision_group.revision_ordinal 
_pdbx_audit_revision_group.data_content_type 
_pdbx_audit_revision_group.group 
1 2 'Structure model' 'Source and taxonomy'       
2 2 'Structure model' 'Version format compliance' 
3 3 'Structure model' 'Refinement description'    
4 4 'Structure model' 'Database references'       
5 5 'Structure model' 'Data collection'           
6 5 'Structure model' 'Refinement description'    
# 
loop_
_pdbx_audit_revision_category.ordinal 
_pdbx_audit_revision_category.revision_ordinal 
_pdbx_audit_revision_category.data_content_type 
_pdbx_audit_revision_category.category 
1 3 'Structure model' software                      
2 4 'Structure model' database_2                    
3 4 'Structure model' struct_ref_seq_dif            
4 5 'Structure model' chem_comp_atom                
5 5 'Structure model' chem_comp_bond                
6 5 'Structure model' pdbx_initial_refinement_model 
# 
loop_
_pdbx_audit_revision_item.ordinal 
_pdbx_audit_revision_item.revision_ordinal 
_pdbx_audit_revision_item.data_content_type 
_pdbx_audit_revision_item.item 
1 4 'Structure model' '_database_2.pdbx_DOI'                
2 4 'Structure model' '_database_2.pdbx_database_accession' 
3 4 'Structure model' '_struct_ref_seq_dif.details'         
# 
_pdbx_phasing_MR.entry_id                     2ON8 
_pdbx_phasing_MR.method_rotation              ? 
_pdbx_phasing_MR.method_translation           ? 
_pdbx_phasing_MR.model_details                ? 
_pdbx_phasing_MR.R_factor                     0.377 
_pdbx_phasing_MR.R_rigid_body                 ? 
_pdbx_phasing_MR.correlation_coeff_Fo_to_Fc   0.514 
_pdbx_phasing_MR.correlation_coeff_Io_to_Ic   0.161 
_pdbx_phasing_MR.d_res_high_rotation          3.000 
_pdbx_phasing_MR.d_res_low_rotation           52.129 
_pdbx_phasing_MR.d_res_high_translation       3.000 
_pdbx_phasing_MR.d_res_low_translation        52.129 
_pdbx_phasing_MR.packing                      ? 
_pdbx_phasing_MR.reflns_percent_rotation      ? 
_pdbx_phasing_MR.reflns_percent_translation   ? 
_pdbx_phasing_MR.sigma_F_rotation             ? 
_pdbx_phasing_MR.sigma_F_translation          ? 
_pdbx_phasing_MR.sigma_I_rotation             ? 
_pdbx_phasing_MR.sigma_I_translation          ? 
# 
loop_
_software.name 
_software.version 
_software.date 
_software.type 
_software.contact_author 
_software.contact_author_email 
_software.classification 
_software.location 
_software.language 
_software.citation_id 
_software.pdbx_ordinal 
DENZO       .        ?                package 'Zbyszek Otwinowski' zbyszek@mix.swmed.edu    'data reduction'  
http://www.lnls.br/infra/linhasluz/denzo-hkl.htm ?          ? 1 
SCALEPACK   .        ?                package 'Zbyszek Otwinowski' zbyszek@mix.swmed.edu    'data scaling'    
http://www.lnls.br/infra/linhasluz/denzo-hkl.htm ?          ? 2 
AMoRE       .        ?                program 'Jorge Navaza'       ccp4@dl.ac.uk            phasing           
http://www.ccp4.ac.uk/main.html                  Fortran_77 ? 3 
REFMAC      5.2.0005 ?                program 'Murshudov, G.N.'    ccp4@dl.ac.uk            refinement        
http://www.ccp4.ac.uk/main.html                  Fortran_77 ? 4 
PDB_EXTRACT 2.000    'April. 3, 2006' package PDB                  sw-help@rcsb.rutgers.edu 'data extraction' 
http://pdb.rutgers.edu/software/                 C++        ? 5 
MAR345dtb   .        ?                ?       ?                    ?                        'data collection' ? ?          ? 6 
# 
_pdbx_database_remark.id     300 
_pdbx_database_remark.text   
;BIOMOLECULE: 1
THIS ENTRY CONTAINS THE CRYSTALLOGRAPHIC ASYMMETRIC UNIT
WHICH CONSISTS OF 1 CHAIN(S). AUTHORS STATE THAT
the biological unit information is unknown for this
isolated domain.
;
# 
loop_
_pdbx_validate_rmsd_angle.id 
_pdbx_validate_rmsd_angle.PDB_model_num 
_pdbx_validate_rmsd_angle.auth_atom_id_1 
_pdbx_validate_rmsd_angle.auth_asym_id_1 
_pdbx_validate_rmsd_angle.auth_comp_id_1 
_pdbx_validate_rmsd_angle.auth_seq_id_1 
_pdbx_validate_rmsd_angle.PDB_ins_code_1 
_pdbx_validate_rmsd_angle.label_alt_id_1 
_pdbx_validate_rmsd_angle.auth_atom_id_2 
_pdbx_validate_rmsd_angle.auth_asym_id_2 
_pdbx_validate_rmsd_angle.auth_comp_id_2 
_pdbx_validate_rmsd_angle.auth_seq_id_2 
_pdbx_validate_rmsd_angle.PDB_ins_code_2 
_pdbx_validate_rmsd_angle.label_alt_id_2 
_pdbx_validate_rmsd_angle.auth_atom_id_3 
_pdbx_validate_rmsd_angle.auth_asym_id_3 
_pdbx_validate_rmsd_angle.auth_comp_id_3 
_pdbx_validate_rmsd_angle.auth_seq_id_3 
_pdbx_validate_rmsd_angle.PDB_ins_code_3 
_pdbx_validate_rmsd_angle.label_alt_id_3 
_pdbx_validate_rmsd_angle.angle_value 
_pdbx_validate_rmsd_angle.angle_target_value 
_pdbx_validate_rmsd_angle.angle_deviation 
_pdbx_validate_rmsd_angle.angle_standard_deviation 
_pdbx_validate_rmsd_angle.linker_flag 
1 1 OE1 A GLU 25 ? ? CD A GLU 25 ? ? OE2 A GLU 25 ? ? 114.26 123.30 -9.04 1.20 N 
2 1 CB  A ASP 47 ? ? CG A ASP 47 ? ? OD1 A ASP 47 ? ? 126.59 118.30 8.29  0.90 N 
3 1 CB  A ASP 47 ? ? CG A ASP 47 ? ? OD2 A ASP 47 ? ? 108.88 118.30 -9.42 0.90 N 
# 
_pdbx_validate_torsion.id              1 
_pdbx_validate_torsion.PDB_model_num   1 
_pdbx_validate_torsion.auth_comp_id    ASN 
_pdbx_validate_torsion.auth_asym_id    A 
_pdbx_validate_torsion.auth_seq_id     8 
_pdbx_validate_torsion.PDB_ins_code    ? 
_pdbx_validate_torsion.label_alt_id    ? 
_pdbx_validate_torsion.phi             -115.97 
_pdbx_validate_torsion.psi             78.34 
# 
loop_
_chem_comp_atom.comp_id 
_chem_comp_atom.atom_id 
_chem_comp_atom.type_symbol 
_chem_comp_atom.pdbx_aromatic_flag 
_chem_comp_atom.pdbx_stereo_config 
_chem_comp_atom.pdbx_ordinal 
ALA N    N N N 1   
ALA CA   C N S 2   
ALA C    C N N 3   
ALA O    O N N 4   
ALA CB   C N N 5   
ALA OXT  O N N 6   
ALA H    H N N 7   
ALA H2   H N N 8   
ALA HA   H N N 9   
ALA HB1  H N N 10  
ALA HB2  H N N 11  
ALA HB3  H N N 12  
ALA HXT  H N N 13  
ASN N    N N N 14  
ASN CA   C N S 15  
ASN C    C N N 16  
ASN O    O N N 17  
ASN CB   C N N 18  
ASN CG   C N N 19  
ASN OD1  O N N 20  
ASN ND2  N N N 21  
ASN OXT  O N N 22  
ASN H    H N N 23  
ASN H2   H N N 24  
ASN HA   H N N 25  
ASN HB2  H N N 26  
ASN HB3  H N N 27  
ASN HD21 H N N 28  
ASN HD22 H N N 29  
ASN HXT  H N N 30  
ASP N    N N N 31  
ASP CA   C N S 32  
ASP C    C N N 33  
ASP O    O N N 34  
ASP CB   C N N 35  
ASP CG   C N N 36  
ASP OD1  O N N 37  
ASP OD2  O N N 38  
ASP OXT  O N N 39  
ASP H    H N N 40  
ASP H2   H N N 41  
ASP HA   H N N 42  
ASP HB2  H N N 43  
ASP HB3  H N N 44  
ASP HD2  H N N 45  
ASP HXT  H N N 46  
GLN N    N N N 47  
GLN CA   C N S 48  
GLN C    C N N 49  
GLN O    O N N 50  
GLN CB   C N N 51  
GLN CG   C N N 52  
GLN CD   C N N 53  
GLN OE1  O N N 54  
GLN NE2  N N N 55  
GLN OXT  O N N 56  
GLN H    H N N 57  
GLN H2   H N N 58  
GLN HA   H N N 59  
GLN HB2  H N N 60  
GLN HB3  H N N 61  
GLN HG2  H N N 62  
GLN HG3  H N N 63  
GLN HE21 H N N 64  
GLN HE22 H N N 65  
GLN HXT  H N N 66  
GLU N    N N N 67  
GLU CA   C N S 68  
GLU C    C N N 69  
GLU O    O N N 70  
GLU CB   C N N 71  
GLU CG   C N N 72  
GLU CD   C N N 73  
GLU OE1  O N N 74  
GLU OE2  O N N 75  
GLU OXT  O N N 76  
GLU H    H N N 77  
GLU H2   H N N 78  
GLU HA   H N N 79  
GLU HB2  H N N 80  
GLU HB3  H N N 81  
GLU HG2  H N N 82  
GLU HG3  H N N 83  
GLU HE2  H N N 84  
GLU HXT  H N N 85  
GLY N    N N N 86  
GLY CA   C N N 87  
GLY C    C N N 88  
GLY O    O N N 89  
GLY OXT  O N N 90  
GLY H    H N N 91  
GLY H2   H N N 92  
GLY HA2  H N N 93  
GLY HA3  H N N 94  
GLY HXT  H N N 95  
HOH O    O N N 96  
HOH H1   H N N 97  
HOH H2   H N N 98  
ILE N    N N N 99  
ILE CA   C N S 100 
ILE C    C N N 101 
ILE O    O N N 102 
ILE CB   C N S 103 
ILE CG1  C N N 104 
ILE CG2  C N N 105 
ILE CD1  C N N 106 
ILE OXT  O N N 107 
ILE H    H N N 108 
ILE H2   H N N 109 
ILE HA   H N N 110 
ILE HB   H N N 111 
ILE HG12 H N N 112 
ILE HG13 H N N 113 
ILE HG21 H N N 114 
ILE HG22 H N N 115 
ILE HG23 H N N 116 
ILE HD11 H N N 117 
ILE HD12 H N N 118 
ILE HD13 H N N 119 
ILE HXT  H N N 120 
LEU N    N N N 121 
LEU CA   C N S 122 
LEU C    C N N 123 
LEU O    O N N 124 
LEU CB   C N N 125 
LEU CG   C N N 126 
LEU CD1  C N N 127 
LEU CD2  C N N 128 
LEU OXT  O N N 129 
LEU H    H N N 130 
LEU H2   H N N 131 
LEU HA   H N N 132 
LEU HB2  H N N 133 
LEU HB3  H N N 134 
LEU HG   H N N 135 
LEU HD11 H N N 136 
LEU HD12 H N N 137 
LEU HD13 H N N 138 
LEU HD21 H N N 139 
LEU HD22 H N N 140 
LEU HD23 H N N 141 
LEU HXT  H N N 142 
LYS N    N N N 143 
LYS CA   C N S 144 
LYS C    C N N 145 
LYS O    O N N 146 
LYS CB   C N N 147 
LYS CG   C N N 148 
LYS CD   C N N 149 
LYS CE   C N N 150 
LYS NZ   N N N 151 
LYS OXT  O N N 152 
LYS H    H N N 153 
LYS H2   H N N 154 
LYS HA   H N N 155 
LYS HB2  H N N 156 
LYS HB3  H N N 157 
LYS HG2  H N N 158 
LYS HG3  H N N 159 
LYS HD2  H N N 160 
LYS HD3  H N N 161 
LYS HE2  H N N 162 
LYS HE3  H N N 163 
LYS HZ1  H N N 164 
LYS HZ2  H N N 165 
LYS HZ3  H N N 166 
LYS HXT  H N N 167 
MET N    N N N 168 
MET CA   C N S 169 
MET C    C N N 170 
MET O    O N N 171 
MET CB   C N N 172 
MET CG   C N N 173 
MET SD   S N N 174 
MET CE   C N N 175 
MET OXT  O N N 176 
MET H    H N N 177 
MET H2   H N N 178 
MET HA   H N N 179 
MET HB2  H N N 180 
MET HB3  H N N 181 
MET HG2  H N N 182 
MET HG3  H N N 183 
MET HE1  H N N 184 
MET HE2  H N N 185 
MET HE3  H N N 186 
MET HXT  H N N 187 
PHE N    N N N 188 
PHE CA   C N S 189 
PHE C    C N N 190 
PHE O    O N N 191 
PHE CB   C N N 192 
PHE CG   C Y N 193 
PHE CD1  C Y N 194 
PHE CD2  C Y N 195 
PHE CE1  C Y N 196 
PHE CE2  C Y N 197 
PHE CZ   C Y N 198 
PHE OXT  O N N 199 
PHE H    H N N 200 
PHE H2   H N N 201 
PHE HA   H N N 202 
PHE HB2  H N N 203 
PHE HB3  H N N 204 
PHE HD1  H N N 205 
PHE HD2  H N N 206 
PHE HE1  H N N 207 
PHE HE2  H N N 208 
PHE HZ   H N N 209 
PHE HXT  H N N 210 
THR N    N N N 211 
THR CA   C N S 212 
THR C    C N N 213 
THR O    O N N 214 
THR CB   C N R 215 
THR OG1  O N N 216 
THR CG2  C N N 217 
THR OXT  O N N 218 
THR H    H N N 219 
THR H2   H N N 220 
THR HA   H N N 221 
THR HB   H N N 222 
THR HG1  H N N 223 
THR HG21 H N N 224 
THR HG22 H N N 225 
THR HG23 H N N 226 
THR HXT  H N N 227 
TRP N    N N N 228 
TRP CA   C N S 229 
TRP C    C N N 230 
TRP O    O N N 231 
TRP CB   C N N 232 
TRP CG   C Y N 233 
TRP CD1  C Y N 234 
TRP CD2  C Y N 235 
TRP NE1  N Y N 236 
TRP CE2  C Y N 237 
TRP CE3  C Y N 238 
TRP CZ2  C Y N 239 
TRP CZ3  C Y N 240 
TRP CH2  C Y N 241 
TRP OXT  O N N 242 
TRP H    H N N 243 
TRP H2   H N N 244 
TRP HA   H N N 245 
TRP HB2  H N N 246 
TRP HB3  H N N 247 
TRP HD1  H N N 248 
TRP HE1  H N N 249 
TRP HE3  H N N 250 
TRP HZ2  H N N 251 
TRP HZ3  H N N 252 
TRP HH2  H N N 253 
TRP HXT  H N N 254 
TYR N    N N N 255 
TYR CA   C N S 256 
TYR C    C N N 257 
TYR O    O N N 258 
TYR CB   C N N 259 
TYR CG   C Y N 260 
TYR CD1  C Y N 261 
TYR CD2  C Y N 262 
TYR CE1  C Y N 263 
TYR CE2  C Y N 264 
TYR CZ   C Y N 265 
TYR OH   O N N 266 
TYR OXT  O N N 267 
TYR H    H N N 268 
TYR H2   H N N 269 
TYR HA   H N N 270 
TYR HB2  H N N 271 
TYR HB3  H N N 272 
TYR HD1  H N N 273 
TYR HD2  H N N 274 
TYR HE1  H N N 275 
TYR HE2  H N N 276 
TYR HH   H N N 277 
TYR HXT  H N N 278 
VAL N    N N N 279 
VAL CA   C N S 280 
VAL C    C N N 281 
VAL O    O N N 282 
VAL CB   C N N 283 
VAL CG1  C N N 284 
VAL CG2  C N N 285 
VAL OXT  O N N 286 
VAL H    H N N 287 
VAL H2   H N N 288 
VAL HA   H N N 289 
VAL HB   H N N 290 
VAL HG11 H N N 291 
VAL HG12 H N N 292 
VAL HG13 H N N 293 
VAL HG21 H N N 294 
VAL HG22 H N N 295 
VAL HG23 H N N 296 
VAL HXT  H N N 297 
# 
loop_
_chem_comp_bond.comp_id 
_chem_comp_bond.atom_id_1 
_chem_comp_bond.atom_id_2 
_chem_comp_bond.value_order 
_chem_comp_bond.pdbx_aromatic_flag 
_chem_comp_bond.pdbx_stereo_config 
_chem_comp_bond.pdbx_ordinal 
ALA N   CA   sing N N 1   
ALA N   H    sing N N 2   
ALA N   H2   sing N N 3   
ALA CA  C    sing N N 4   
ALA CA  CB   sing N N 5   
ALA CA  HA   sing N N 6   
ALA C   O    doub N N 7   
ALA C   OXT  sing N N 8   
ALA CB  HB1  sing N N 9   
ALA CB  HB2  sing N N 10  
ALA CB  HB3  sing N N 11  
ALA OXT HXT  sing N N 12  
ASN N   CA   sing N N 13  
ASN N   H    sing N N 14  
ASN N   H2   sing N N 15  
ASN CA  C    sing N N 16  
ASN CA  CB   sing N N 17  
ASN CA  HA   sing N N 18  
ASN C   O    doub N N 19  
ASN C   OXT  sing N N 20  
ASN CB  CG   sing N N 21  
ASN CB  HB2  sing N N 22  
ASN CB  HB3  sing N N 23  
ASN CG  OD1  doub N N 24  
ASN CG  ND2  sing N N 25  
ASN ND2 HD21 sing N N 26  
ASN ND2 HD22 sing N N 27  
ASN OXT HXT  sing N N 28  
ASP N   CA   sing N N 29  
ASP N   H    sing N N 30  
ASP N   H2   sing N N 31  
ASP CA  C    sing N N 32  
ASP CA  CB   sing N N 33  
ASP CA  HA   sing N N 34  
ASP C   O    doub N N 35  
ASP C   OXT  sing N N 36  
ASP CB  CG   sing N N 37  
ASP CB  HB2  sing N N 38  
ASP CB  HB3  sing N N 39  
ASP CG  OD1  doub N N 40  
ASP CG  OD2  sing N N 41  
ASP OD2 HD2  sing N N 42  
ASP OXT HXT  sing N N 43  
GLN N   CA   sing N N 44  
GLN N   H    sing N N 45  
GLN N   H2   sing N N 46  
GLN CA  C    sing N N 47  
GLN CA  CB   sing N N 48  
GLN CA  HA   sing N N 49  
GLN C   O    doub N N 50  
GLN C   OXT  sing N N 51  
GLN CB  CG   sing N N 52  
GLN CB  HB2  sing N N 53  
GLN CB  HB3  sing N N 54  
GLN CG  CD   sing N N 55  
GLN CG  HG2  sing N N 56  
GLN CG  HG3  sing N N 57  
GLN CD  OE1  doub N N 58  
GLN CD  NE2  sing N N 59  
GLN NE2 HE21 sing N N 60  
GLN NE2 HE22 sing N N 61  
GLN OXT HXT  sing N N 62  
GLU N   CA   sing N N 63  
GLU N   H    sing N N 64  
GLU N   H2   sing N N 65  
GLU CA  C    sing N N 66  
GLU CA  CB   sing N N 67  
GLU CA  HA   sing N N 68  
GLU C   O    doub N N 69  
GLU C   OXT  sing N N 70  
GLU CB  CG   sing N N 71  
GLU CB  HB2  sing N N 72  
GLU CB  HB3  sing N N 73  
GLU CG  CD   sing N N 74  
GLU CG  HG2  sing N N 75  
GLU CG  HG3  sing N N 76  
GLU CD  OE1  doub N N 77  
GLU CD  OE2  sing N N 78  
GLU OE2 HE2  sing N N 79  
GLU OXT HXT  sing N N 80  
GLY N   CA   sing N N 81  
GLY N   H    sing N N 82  
GLY N   H2   sing N N 83  
GLY CA  C    sing N N 84  
GLY CA  HA2  sing N N 85  
GLY CA  HA3  sing N N 86  
GLY C   O    doub N N 87  
GLY C   OXT  sing N N 88  
GLY OXT HXT  sing N N 89  
HOH O   H1   sing N N 90  
HOH O   H2   sing N N 91  
ILE N   CA   sing N N 92  
ILE N   H    sing N N 93  
ILE N   H2   sing N N 94  
ILE CA  C    sing N N 95  
ILE CA  CB   sing N N 96  
ILE CA  HA   sing N N 97  
ILE C   O    doub N N 98  
ILE C   OXT  sing N N 99  
ILE CB  CG1  sing N N 100 
ILE CB  CG2  sing N N 101 
ILE CB  HB   sing N N 102 
ILE CG1 CD1  sing N N 103 
ILE CG1 HG12 sing N N 104 
ILE CG1 HG13 sing N N 105 
ILE CG2 HG21 sing N N 106 
ILE CG2 HG22 sing N N 107 
ILE CG2 HG23 sing N N 108 
ILE CD1 HD11 sing N N 109 
ILE CD1 HD12 sing N N 110 
ILE CD1 HD13 sing N N 111 
ILE OXT HXT  sing N N 112 
LEU N   CA   sing N N 113 
LEU N   H    sing N N 114 
LEU N   H2   sing N N 115 
LEU CA  C    sing N N 116 
LEU CA  CB   sing N N 117 
LEU CA  HA   sing N N 118 
LEU C   O    doub N N 119 
LEU C   OXT  sing N N 120 
LEU CB  CG   sing N N 121 
LEU CB  HB2  sing N N 122 
LEU CB  HB3  sing N N 123 
LEU CG  CD1  sing N N 124 
LEU CG  CD2  sing N N 125 
LEU CG  HG   sing N N 126 
LEU CD1 HD11 sing N N 127 
LEU CD1 HD12 sing N N 128 
LEU CD1 HD13 sing N N 129 
LEU CD2 HD21 sing N N 130 
LEU CD2 HD22 sing N N 131 
LEU CD2 HD23 sing N N 132 
LEU OXT HXT  sing N N 133 
LYS N   CA   sing N N 134 
LYS N   H    sing N N 135 
LYS N   H2   sing N N 136 
LYS CA  C    sing N N 137 
LYS CA  CB   sing N N 138 
LYS CA  HA   sing N N 139 
LYS C   O    doub N N 140 
LYS C   OXT  sing N N 141 
LYS CB  CG   sing N N 142 
LYS CB  HB2  sing N N 143 
LYS CB  HB3  sing N N 144 
LYS CG  CD   sing N N 145 
LYS CG  HG2  sing N N 146 
LYS CG  HG3  sing N N 147 
LYS CD  CE   sing N N 148 
LYS CD  HD2  sing N N 149 
LYS CD  HD3  sing N N 150 
LYS CE  NZ   sing N N 151 
LYS CE  HE2  sing N N 152 
LYS CE  HE3  sing N N 153 
LYS NZ  HZ1  sing N N 154 
LYS NZ  HZ2  sing N N 155 
LYS NZ  HZ3  sing N N 156 
LYS OXT HXT  sing N N 157 
MET N   CA   sing N N 158 
MET N   H    sing N N 159 
MET N   H2   sing N N 160 
MET CA  C    sing N N 161 
MET CA  CB   sing N N 162 
MET CA  HA   sing N N 163 
MET C   O    doub N N 164 
MET C   OXT  sing N N 165 
MET CB  CG   sing N N 166 
MET CB  HB2  sing N N 167 
MET CB  HB3  sing N N 168 
MET CG  SD   sing N N 169 
MET CG  HG2  sing N N 170 
MET CG  HG3  sing N N 171 
MET SD  CE   sing N N 172 
MET CE  HE1  sing N N 173 
MET CE  HE2  sing N N 174 
MET CE  HE3  sing N N 175 
MET OXT HXT  sing N N 176 
PHE N   CA   sing N N 177 
PHE N   H    sing N N 178 
PHE N   H2   sing N N 179 
PHE CA  C    sing N N 180 
PHE CA  CB   sing N N 181 
PHE CA  HA   sing N N 182 
PHE C   O    doub N N 183 
PHE C   OXT  sing N N 184 
PHE CB  CG   sing N N 185 
PHE CB  HB2  sing N N 186 
PHE CB  HB3  sing N N 187 
PHE CG  CD1  doub Y N 188 
PHE CG  CD2  sing Y N 189 
PHE CD1 CE1  sing Y N 190 
PHE CD1 HD1  sing N N 191 
PHE CD2 CE2  doub Y N 192 
PHE CD2 HD2  sing N N 193 
PHE CE1 CZ   doub Y N 194 
PHE CE1 HE1  sing N N 195 
PHE CE2 CZ   sing Y N 196 
PHE CE2 HE2  sing N N 197 
PHE CZ  HZ   sing N N 198 
PHE OXT HXT  sing N N 199 
THR N   CA   sing N N 200 
THR N   H    sing N N 201 
THR N   H2   sing N N 202 
THR CA  C    sing N N 203 
THR CA  CB   sing N N 204 
THR CA  HA   sing N N 205 
THR C   O    doub N N 206 
THR C   OXT  sing N N 207 
THR CB  OG1  sing N N 208 
THR CB  CG2  sing N N 209 
THR CB  HB   sing N N 210 
THR OG1 HG1  sing N N 211 
THR CG2 HG21 sing N N 212 
THR CG2 HG22 sing N N 213 
THR CG2 HG23 sing N N 214 
THR OXT HXT  sing N N 215 
TRP N   CA   sing N N 216 
TRP N   H    sing N N 217 
TRP N   H2   sing N N 218 
TRP CA  C    sing N N 219 
TRP CA  CB   sing N N 220 
TRP CA  HA   sing N N 221 
TRP C   O    doub N N 222 
TRP C   OXT  sing N N 223 
TRP CB  CG   sing N N 224 
TRP CB  HB2  sing N N 225 
TRP CB  HB3  sing N N 226 
TRP CG  CD1  doub Y N 227 
TRP CG  CD2  sing Y N 228 
TRP CD1 NE1  sing Y N 229 
TRP CD1 HD1  sing N N 230 
TRP CD2 CE2  doub Y N 231 
TRP CD2 CE3  sing Y N 232 
TRP NE1 CE2  sing Y N 233 
TRP NE1 HE1  sing N N 234 
TRP CE2 CZ2  sing Y N 235 
TRP CE3 CZ3  doub Y N 236 
TRP CE3 HE3  sing N N 237 
TRP CZ2 CH2  doub Y N 238 
TRP CZ2 HZ2  sing N N 239 
TRP CZ3 CH2  sing Y N 240 
TRP CZ3 HZ3  sing N N 241 
TRP CH2 HH2  sing N N 242 
TRP OXT HXT  sing N N 243 
TYR N   CA   sing N N 244 
TYR N   H    sing N N 245 
TYR N   H2   sing N N 246 
TYR CA  C    sing N N 247 
TYR CA  CB   sing N N 248 
TYR CA  HA   sing N N 249 
TYR C   O    doub N N 250 
TYR C   OXT  sing N N 251 
TYR CB  CG   sing N N 252 
TYR CB  HB2  sing N N 253 
TYR CB  HB3  sing N N 254 
TYR CG  CD1  doub Y N 255 
TYR CG  CD2  sing Y N 256 
TYR CD1 CE1  sing Y N 257 
TYR CD1 HD1  sing N N 258 
TYR CD2 CE2  doub Y N 259 
TYR CD2 HD2  sing N N 260 
TYR CE1 CZ   doub Y N 261 
TYR CE1 HE1  sing N N 262 
TYR CE2 CZ   sing Y N 263 
TYR CE2 HE2  sing N N 264 
TYR CZ  OH   sing N N 265 
TYR OH  HH   sing N N 266 
TYR OXT HXT  sing N N 267 
VAL N   CA   sing N N 268 
VAL N   H    sing N N 269 
VAL N   H2   sing N N 270 
VAL CA  C    sing N N 271 
VAL CA  CB   sing N N 272 
VAL CA  HA   sing N N 273 
VAL C   O    doub N N 274 
VAL C   OXT  sing N N 275 
VAL CB  CG1  sing N N 276 
VAL CB  CG2  sing N N 277 
VAL CB  HB   sing N N 278 
VAL CG1 HG11 sing N N 279 
VAL CG1 HG12 sing N N 280 
VAL CG1 HG13 sing N N 281 
VAL CG2 HG21 sing N N 282 
VAL CG2 HG22 sing N N 283 
VAL CG2 HG23 sing N N 284 
VAL OXT HXT  sing N N 285 
# 
_pdbx_entity_nonpoly.entity_id   2 
_pdbx_entity_nonpoly.name        water 
_pdbx_entity_nonpoly.comp_id     HOH 
# 
_pdbx_initial_refinement_model.id               1 
_pdbx_initial_refinement_model.entity_id_list   ? 
_pdbx_initial_refinement_model.type             'experimental model' 
_pdbx_initial_refinement_model.source_name      PDB 
_pdbx_initial_refinement_model.accession_code   1PGA 
_pdbx_initial_refinement_model.details          'PDB ENTRY 1PGA' 
# 
